data_2FRX
#
_entry.id   2FRX
#
_cell.length_a   67.706
_cell.length_b   87.126
_cell.length_c   95.048
_cell.angle_alpha   88.33
_cell.angle_beta   76.79
_cell.angle_gamma   90.19
#
_symmetry.space_group_name_H-M   'P 1'
#
_entity_poly.entity_id   1
_entity_poly.type   'polypeptide(L)'
_entity_poly.pdbx_seq_one_letter_code
;(MSE)AQHTVYFPDAFLTQ(MSE)REA(MSE)PSTLSFDDFLAACQRPLRRSIRVNTLKISVADFLQLTAPYGWTLTPIP
WCEEGFWIERDNEDALPLGSTAEHLSGLFYIQEASS(MSE)LPVAALFADGNAPQRV(MSE)DVAAAPGSKTTQISAR
(MSE)NNEGAILANEFSASRVKVLHANISRCGISNVALTHFDGRVFGAAVPE(MSE)FDAILLDAPCSGEGVVRKDPDAL
KNWSPESNQEIAATQRELIDSAFHALRPGGTLVYSTCTLNQEENEAVCLWLKETYPDAVEFLPLGDLFPGANKALTEEGF
LHVFPQIYDCEGFFVARLRKTQAIPALPAPKYKVGNFPFSPVKDREAGQIRQAATGVGLNWDENLRLWQRDKELWLFPVG
IEALIGKVRFSRLGIKLAETHNKGYRWQHEAVIALASPDN(MSE)NAFELTPQEAEEWYRGRDVYPQAAPVADDVLVTFQ
HQPIGLAKRIGSRLKNSYPRELVRDGKLFTGNA
;
_entity_poly.pdbx_strand_id   A,B,C,D
#
# COMPACT_ATOMS: atom_id res chain seq x y z
N TYR A 7 -5.68 9.92 2.13
CA TYR A 7 -6.15 8.98 1.05
C TYR A 7 -6.28 9.55 -0.40
N PHE A 8 -5.72 8.77 -1.33
CA PHE A 8 -5.33 9.15 -2.70
C PHE A 8 -5.71 8.04 -3.67
N PRO A 9 -6.48 8.35 -4.71
CA PRO A 9 -6.87 7.33 -5.70
C PRO A 9 -5.75 7.01 -6.69
N ASP A 10 -5.65 5.75 -7.13
CA ASP A 10 -4.50 5.35 -7.96
C ASP A 10 -4.33 6.28 -9.15
N ALA A 11 -5.40 6.44 -9.94
CA ALA A 11 -5.38 7.28 -11.13
C ALA A 11 -4.71 8.64 -10.87
N PHE A 12 -5.01 9.20 -9.71
CA PHE A 12 -4.54 10.53 -9.32
C PHE A 12 -3.07 10.59 -8.95
N LEU A 13 -2.58 9.61 -8.20
CA LEU A 13 -1.16 9.60 -7.84
C LEU A 13 -0.34 9.31 -9.08
N THR A 14 -0.70 8.24 -9.80
CA THR A 14 0.10 7.82 -10.94
C THR A 14 -0.15 8.74 -12.15
N GLN A 15 -0.55 9.98 -11.87
CA GLN A 15 -0.58 11.05 -12.88
C GLN A 15 -0.12 12.42 -12.29
N MSE A 16 -0.04 12.46 -10.96
CA MSE A 16 0.77 13.46 -10.24
C MSE A 16 2.25 13.10 -10.39
O MSE A 16 3.11 14.00 -10.42
CB MSE A 16 0.41 13.50 -8.74
CG MSE A 16 -0.86 14.28 -8.40
SE MSE A 16 -0.72 16.26 -8.54
CE MSE A 16 -1.41 16.52 -10.40
N ARG A 17 2.54 11.80 -10.48
CA ARG A 17 3.90 11.33 -10.76
C ARG A 17 4.40 11.85 -12.13
N GLU A 18 3.52 11.86 -13.13
CA GLU A 18 3.85 12.33 -14.49
C GLU A 18 3.69 13.84 -14.72
N ALA A 19 3.43 14.58 -13.66
CA ALA A 19 3.40 16.03 -13.77
C ALA A 19 4.32 16.76 -12.77
N MSE A 20 5.15 16.02 -12.05
CA MSE A 20 6.15 16.62 -11.15
C MSE A 20 7.43 17.12 -11.89
O MSE A 20 8.11 16.37 -12.64
CB MSE A 20 6.53 15.66 -10.03
CG MSE A 20 7.32 16.31 -8.90
SE MSE A 20 6.11 17.41 -7.86
CE MSE A 20 7.34 18.89 -7.32
N PRO A 21 7.73 18.41 -11.66
CA PRO A 21 8.99 19.02 -12.10
C PRO A 21 10.08 18.91 -11.04
N PHE A 26 9.34 14.61 -6.16
CA PHE A 26 8.02 14.01 -6.02
C PHE A 26 7.78 13.43 -4.65
N ASP A 27 8.72 12.63 -4.16
CA ASP A 27 8.48 11.93 -2.91
C ASP A 27 8.12 12.91 -1.82
N ASP A 28 8.93 13.96 -1.69
CA ASP A 28 8.72 15.01 -0.69
C ASP A 28 7.28 15.39 -0.68
N PHE A 29 6.67 15.37 -1.86
CA PHE A 29 5.29 15.81 -2.04
C PHE A 29 4.31 14.83 -1.37
N LEU A 30 4.46 13.54 -1.64
CA LEU A 30 3.70 12.49 -0.96
C LEU A 30 3.81 12.67 0.57
N ALA A 31 5.01 13.04 1.01
CA ALA A 31 5.33 13.27 2.42
C ALA A 31 4.59 14.48 2.99
N ALA A 32 4.79 15.62 2.34
CA ALA A 32 4.13 16.87 2.72
C ALA A 32 2.60 16.79 2.57
N CYS A 33 2.14 16.03 1.60
CA CYS A 33 0.74 15.71 1.38
C CYS A 33 0.12 15.11 2.64
N GLN A 34 0.89 14.24 3.29
CA GLN A 34 0.37 13.40 4.35
C GLN A 34 0.58 13.99 5.77
N ARG A 35 1.17 15.17 5.84
CA ARG A 35 1.37 15.81 7.15
C ARG A 35 0.50 17.07 7.27
N PRO A 36 -0.06 17.33 8.47
CA PRO A 36 -1.09 18.37 8.61
C PRO A 36 -0.53 19.78 8.41
N LEU A 37 -1.39 20.71 8.04
CA LEU A 37 -0.97 22.06 7.74
C LEU A 37 -0.50 22.83 8.98
N ARG A 38 0.38 23.80 8.80
CA ARG A 38 0.77 24.72 9.89
C ARG A 38 -0.32 25.77 10.25
N ARG A 39 -0.59 25.96 11.54
CA ARG A 39 -1.45 27.10 11.94
C ARG A 39 -0.86 28.33 11.25
N SER A 40 -1.73 29.14 10.64
CA SER A 40 -1.31 30.34 9.90
C SER A 40 -2.20 31.58 10.19
N ILE A 41 -1.57 32.76 10.35
CA ILE A 41 -2.29 33.93 10.80
C ILE A 41 -2.01 35.17 9.95
N ARG A 42 -3.01 36.01 9.71
CA ARG A 42 -2.80 37.26 8.98
C ARG A 42 -3.24 38.47 9.76
N VAL A 43 -2.33 39.43 9.92
CA VAL A 43 -2.59 40.70 10.61
C VAL A 43 -3.48 41.62 9.77
N ASN A 44 -4.45 42.25 10.41
CA ASN A 44 -5.34 43.23 9.76
C ASN A 44 -4.86 44.69 9.98
N THR A 45 -4.11 45.26 9.02
CA THR A 45 -3.51 46.58 9.21
C THR A 45 -4.53 47.72 9.18
N LEU A 46 -5.81 47.40 8.96
CA LEU A 46 -6.87 48.41 9.10
C LEU A 46 -6.99 48.79 10.57
N LYS A 47 -6.47 47.94 11.43
CA LYS A 47 -6.64 48.08 12.86
C LYS A 47 -5.32 48.27 13.61
N ILE A 48 -4.25 47.71 13.10
CA ILE A 48 -2.99 47.68 13.81
C ILE A 48 -1.88 47.39 12.81
N SER A 49 -0.69 47.98 13.01
CA SER A 49 0.43 47.71 12.13
C SER A 49 1.02 46.35 12.50
N VAL A 50 1.86 45.77 11.63
CA VAL A 50 2.52 44.50 11.95
C VAL A 50 3.34 44.66 13.19
N ALA A 51 4.25 45.64 13.16
CA ALA A 51 5.20 45.81 14.25
C ALA A 51 4.44 45.98 15.59
N ASP A 52 3.38 46.76 15.57
CA ASP A 52 2.63 46.89 16.75
C ASP A 52 2.07 45.54 17.18
N PHE A 53 1.54 44.78 16.23
CA PHE A 53 0.97 43.45 16.53
C PHE A 53 1.97 42.56 17.25
N LEU A 54 3.17 42.46 16.65
CA LEU A 54 4.26 41.69 17.23
C LEU A 54 4.55 42.14 18.66
N GLN A 55 4.76 43.45 18.85
CA GLN A 55 4.92 44.01 20.17
C GLN A 55 3.82 43.49 21.10
N LEU A 56 2.56 43.65 20.68
CA LEU A 56 1.38 43.40 21.54
C LEU A 56 1.18 41.94 21.96
N THR A 57 1.57 41.00 21.10
CA THR A 57 1.31 39.59 21.42
C THR A 57 2.56 38.83 21.81
N ALA A 58 3.67 39.55 21.92
CA ALA A 58 4.92 38.99 22.44
C ALA A 58 4.70 38.17 23.74
N PRO A 59 3.91 38.66 24.70
CA PRO A 59 3.62 37.89 25.93
C PRO A 59 3.11 36.45 25.73
N TYR A 60 2.43 36.18 24.61
CA TYR A 60 1.81 34.86 24.40
C TYR A 60 2.81 33.78 24.01
N GLY A 61 4.04 34.19 23.73
CA GLY A 61 5.11 33.27 23.37
C GLY A 61 4.69 32.34 22.26
N TRP A 62 4.52 32.87 21.05
CA TRP A 62 4.39 32.02 19.85
C TRP A 62 5.63 32.20 19.00
N THR A 63 6.02 31.12 18.33
CA THR A 63 7.01 31.20 17.28
C THR A 63 6.22 31.54 16.01
N LEU A 64 6.66 32.54 15.26
CA LEU A 64 5.97 32.94 14.02
C LEU A 64 6.93 33.07 12.84
N THR A 65 6.82 32.13 11.91
CA THR A 65 7.62 32.13 10.69
C THR A 65 6.98 33.10 9.69
N PRO A 66 7.75 34.02 9.12
CA PRO A 66 7.23 35.02 8.17
C PRO A 66 6.82 34.35 6.85
N ILE A 67 5.67 34.73 6.29
CA ILE A 67 5.22 34.22 4.98
C ILE A 67 5.84 35.04 3.82
N PRO A 68 6.50 34.41 2.84
CA PRO A 68 7.35 35.15 1.92
C PRO A 68 6.55 36.08 1.00
N TRP A 69 5.29 35.78 0.74
CA TRP A 69 4.49 36.58 -0.19
C TRP A 69 3.50 37.44 0.51
N CYS A 70 3.69 37.61 1.81
CA CYS A 70 2.79 38.45 2.56
C CYS A 70 3.44 38.94 3.83
N GLU A 71 3.88 40.20 3.80
CA GLU A 71 4.52 40.87 4.94
C GLU A 71 3.59 40.89 6.16
N GLU A 72 2.30 40.64 5.94
CA GLU A 72 1.31 40.65 6.99
C GLU A 72 0.94 39.24 7.46
N GLY A 73 1.68 38.25 6.96
CA GLY A 73 1.36 36.85 7.22
C GLY A 73 2.41 36.08 7.99
N PHE A 74 1.93 35.18 8.84
CA PHE A 74 2.79 34.40 9.73
C PHE A 74 2.24 33.00 9.98
N TRP A 75 3.14 32.06 10.30
CA TRP A 75 2.75 30.68 10.50
C TRP A 75 2.52 30.26 11.97
N PRO A 85 -6.21 28.17 21.81
CA PRO A 85 -7.49 28.24 21.10
C PRO A 85 -7.64 29.56 20.33
N LEU A 86 -7.12 29.58 19.10
CA LEU A 86 -6.93 30.81 18.34
C LEU A 86 -8.08 31.82 18.29
N GLY A 87 -9.28 31.32 18.00
CA GLY A 87 -10.43 32.17 17.75
C GLY A 87 -10.87 32.83 19.03
N SER A 88 -10.48 32.25 20.17
CA SER A 88 -10.91 32.71 21.50
C SER A 88 -9.87 33.58 22.20
N THR A 89 -9.06 34.26 21.40
CA THR A 89 -8.10 35.21 21.94
C THR A 89 -8.57 36.67 21.66
N ALA A 90 -8.44 37.53 22.68
CA ALA A 90 -8.83 38.97 22.58
C ALA A 90 -8.57 39.60 21.21
N GLU A 91 -7.35 39.45 20.73
CA GLU A 91 -6.91 39.99 19.48
C GLU A 91 -7.74 39.52 18.30
N HIS A 92 -8.21 38.27 18.35
CA HIS A 92 -9.09 37.75 17.31
C HIS A 92 -10.47 38.37 17.41
N LEU A 93 -10.94 38.53 18.63
CA LEU A 93 -12.25 39.16 18.89
C LEU A 93 -12.36 40.63 18.53
N SER A 94 -11.27 41.38 18.59
CA SER A 94 -11.31 42.78 18.19
C SER A 94 -10.94 42.97 16.72
N GLY A 95 -10.73 41.86 16.02
CA GLY A 95 -10.49 41.89 14.59
C GLY A 95 -9.10 42.32 14.16
N LEU A 96 -8.08 41.94 14.93
CA LEU A 96 -6.73 42.43 14.63
C LEU A 96 -5.96 41.42 13.81
N PHE A 97 -6.53 40.23 13.65
CA PHE A 97 -5.94 39.18 12.81
C PHE A 97 -6.98 38.21 12.25
N TYR A 98 -6.67 37.67 11.08
CA TYR A 98 -7.50 36.64 10.46
C TYR A 98 -6.80 35.27 10.52
N ILE A 99 -7.54 34.25 10.94
CA ILE A 99 -7.05 32.88 10.83
C ILE A 99 -7.21 32.46 9.37
N GLN A 100 -6.14 32.57 8.59
CA GLN A 100 -6.21 32.06 7.22
C GLN A 100 -4.96 31.41 6.76
N GLU A 101 -5.15 30.45 5.87
CA GLU A 101 -4.08 29.62 5.38
C GLU A 101 -3.23 30.43 4.40
N ALA A 102 -1.93 30.13 4.37
CA ALA A 102 -0.97 30.89 3.59
C ALA A 102 -1.29 30.86 2.11
N SER A 103 -1.71 29.70 1.61
CA SER A 103 -2.16 29.64 0.24
C SER A 103 -3.27 30.61 -0.18
N SER A 104 -4.27 30.86 0.66
CA SER A 104 -5.24 31.88 0.27
C SER A 104 -4.69 33.30 0.21
N MSE A 105 -3.51 33.50 0.78
CA MSE A 105 -2.90 34.82 0.81
C MSE A 105 -2.31 35.21 -0.56
O MSE A 105 -2.31 36.39 -0.97
CB MSE A 105 -1.81 34.86 1.89
CG MSE A 105 -2.37 34.72 3.28
SE MSE A 105 -1.11 35.31 4.67
CE MSE A 105 -1.75 34.13 6.17
N LEU A 106 -1.86 34.18 -1.24
CA LEU A 106 -1.17 34.29 -2.47
C LEU A 106 -1.96 35.00 -3.58
N PRO A 107 -3.19 34.54 -3.89
CA PRO A 107 -4.04 35.21 -4.90
C PRO A 107 -4.19 36.72 -4.68
N VAL A 108 -4.45 37.11 -3.43
CA VAL A 108 -4.59 38.50 -3.04
C VAL A 108 -3.31 39.25 -3.24
N ALA A 109 -2.19 38.62 -2.93
CA ALA A 109 -0.92 39.30 -3.08
C ALA A 109 -0.66 39.61 -4.55
N ALA A 110 -0.87 38.60 -5.42
CA ALA A 110 -0.78 38.74 -6.88
C ALA A 110 -1.61 39.94 -7.35
N LEU A 111 -2.86 40.00 -6.84
CA LEU A 111 -3.83 41.00 -7.26
C LEU A 111 -3.30 42.40 -7.14
N PHE A 112 -2.55 42.64 -6.08
CA PHE A 112 -1.91 43.96 -5.89
C PHE A 112 -0.40 44.00 -6.19
N ALA A 113 0.16 42.96 -6.78
CA ALA A 113 1.58 42.99 -7.09
C ALA A 113 1.94 44.20 -7.94
N ASP A 114 3.21 44.59 -7.91
CA ASP A 114 3.78 45.69 -8.72
C ASP A 114 2.97 47.00 -8.65
N GLY A 115 2.71 47.43 -7.40
CA GLY A 115 1.88 48.61 -7.12
C GLY A 115 0.52 48.68 -7.82
N ASN A 116 -0.05 47.52 -8.20
CA ASN A 116 -1.41 47.51 -8.70
C ASN A 116 -2.36 48.03 -7.60
N ALA A 117 -3.12 49.08 -7.91
CA ALA A 117 -3.92 49.72 -6.88
C ALA A 117 -5.37 49.89 -7.37
N PRO A 118 -6.08 48.77 -7.51
CA PRO A 118 -7.42 48.76 -8.08
C PRO A 118 -8.44 49.38 -7.13
N GLN A 119 -9.42 50.10 -7.67
CA GLN A 119 -10.37 50.82 -6.82
C GLN A 119 -11.73 50.17 -6.76
N ARG A 120 -12.03 49.30 -7.72
CA ARG A 120 -13.30 48.60 -7.77
C ARG A 120 -12.98 47.15 -8.11
N VAL A 121 -13.23 46.26 -7.15
CA VAL A 121 -12.77 44.88 -7.18
C VAL A 121 -13.91 43.90 -6.89
N MSE A 122 -13.96 42.80 -7.62
CA MSE A 122 -14.89 41.74 -7.25
C MSE A 122 -14.18 40.54 -6.73
O MSE A 122 -13.16 40.13 -7.27
CB MSE A 122 -15.74 41.32 -8.42
CG MSE A 122 -16.64 40.12 -8.13
SE MSE A 122 -18.00 39.94 -9.54
CE MSE A 122 -16.84 39.51 -11.01
N ASP A 123 -14.73 39.93 -5.68
CA ASP A 123 -14.31 38.60 -5.19
C ASP A 123 -15.43 37.61 -5.53
N VAL A 124 -15.18 36.64 -6.42
CA VAL A 124 -16.29 35.85 -6.97
C VAL A 124 -16.82 34.78 -6.00
N ALA A 125 -15.91 34.04 -5.38
CA ALA A 125 -16.29 33.15 -4.29
C ALA A 125 -15.59 33.68 -3.05
N ALA A 126 -16.29 34.58 -2.37
CA ALA A 126 -15.79 35.31 -1.22
C ALA A 126 -15.86 34.61 0.15
N ALA A 127 -16.85 33.77 0.41
CA ALA A 127 -16.87 33.11 1.72
C ALA A 127 -15.61 32.27 1.90
N PRO A 128 -15.08 32.15 3.11
CA PRO A 128 -15.72 32.67 4.31
C PRO A 128 -15.29 34.11 4.65
N GLY A 129 -14.57 34.77 3.74
CA GLY A 129 -14.14 36.11 4.01
C GLY A 129 -12.64 36.30 4.07
N SER A 130 -11.89 35.21 4.18
CA SER A 130 -10.43 35.29 4.24
C SER A 130 -9.85 36.31 3.25
N LYS A 131 -10.16 36.15 1.96
CA LYS A 131 -9.52 36.98 0.92
C LYS A 131 -10.11 38.39 0.90
N THR A 132 -11.43 38.45 1.01
CA THR A 132 -12.17 39.71 0.98
C THR A 132 -11.58 40.68 1.96
N THR A 133 -11.46 40.21 3.21
CA THR A 133 -10.95 41.04 4.30
C THR A 133 -9.55 41.52 3.95
N GLN A 134 -8.76 40.63 3.36
CA GLN A 134 -7.40 40.94 3.03
C GLN A 134 -7.32 42.01 1.94
N ILE A 135 -8.19 41.88 0.92
CA ILE A 135 -8.22 42.86 -0.15
C ILE A 135 -8.59 44.20 0.46
N SER A 136 -9.63 44.20 1.28
CA SER A 136 -10.07 45.44 1.88
C SER A 136 -8.88 46.13 2.54
N ALA A 137 -8.22 45.45 3.48
CA ALA A 137 -7.07 46.02 4.16
C ALA A 137 -6.05 46.56 3.16
N ARG A 138 -5.82 45.85 2.06
CA ARG A 138 -4.85 46.33 1.10
C ARG A 138 -5.31 47.55 0.34
N MSE A 139 -6.60 47.79 0.27
CA MSE A 139 -7.06 48.98 -0.40
C MSE A 139 -7.23 50.06 0.63
O MSE A 139 -7.83 51.10 0.38
CB MSE A 139 -8.38 48.73 -1.10
CG MSE A 139 -8.36 47.58 -2.01
SE MSE A 139 -10.18 47.09 -2.52
CE MSE A 139 -10.61 48.54 -3.85
N ASN A 140 -6.70 49.81 1.83
CA ASN A 140 -6.86 50.73 2.91
C ASN A 140 -8.28 51.14 3.19
N ASN A 141 -9.23 50.25 2.86
CA ASN A 141 -10.66 50.48 3.10
C ASN A 141 -11.22 51.55 2.18
N GLU A 142 -10.49 51.88 1.13
CA GLU A 142 -10.93 52.84 0.12
C GLU A 142 -11.63 52.10 -1.02
N GLY A 143 -12.19 52.85 -1.98
CA GLY A 143 -12.82 52.26 -3.15
C GLY A 143 -13.94 51.36 -2.72
N ALA A 144 -14.19 50.28 -3.45
CA ALA A 144 -15.28 49.35 -3.15
C ALA A 144 -15.09 47.92 -3.68
N ILE A 145 -15.72 46.94 -3.02
CA ILE A 145 -15.58 45.53 -3.34
C ILE A 145 -16.93 44.86 -3.49
N LEU A 146 -17.09 44.06 -4.53
CA LEU A 146 -18.24 43.19 -4.53
C LEU A 146 -17.86 41.77 -4.17
N ALA A 147 -18.35 41.32 -3.01
CA ALA A 147 -18.04 39.98 -2.51
C ALA A 147 -19.25 39.11 -2.78
N ASN A 148 -19.12 38.23 -3.76
CA ASN A 148 -20.21 37.38 -4.14
C ASN A 148 -19.97 36.05 -3.49
N GLU A 149 -21.03 35.44 -2.98
CA GLU A 149 -20.96 34.05 -2.57
C GLU A 149 -22.20 33.27 -2.99
N PHE A 150 -21.97 32.12 -3.61
CA PHE A 150 -23.06 31.31 -4.09
C PHE A 150 -23.94 30.72 -3.01
N SER A 151 -23.35 30.07 -1.99
CA SER A 151 -24.21 29.50 -0.93
C SER A 151 -24.72 30.52 0.09
N ALA A 152 -26.04 30.50 0.30
CA ALA A 152 -26.74 31.41 1.23
C ALA A 152 -26.17 31.35 2.65
N SER A 153 -25.96 30.13 3.14
CA SER A 153 -25.52 29.94 4.52
C SER A 153 -24.13 30.56 4.75
N ARG A 154 -23.29 30.50 3.73
CA ARG A 154 -21.92 30.96 3.81
C ARG A 154 -21.85 32.47 3.82
N VAL A 155 -22.90 33.11 3.31
CA VAL A 155 -23.00 34.58 3.22
C VAL A 155 -22.99 35.22 4.62
N LYS A 156 -23.76 34.64 5.53
CA LYS A 156 -23.83 35.13 6.90
C LYS A 156 -22.50 34.96 7.63
N VAL A 157 -21.73 33.92 7.26
CA VAL A 157 -20.38 33.76 7.80
C VAL A 157 -19.54 34.90 7.27
N LEU A 158 -19.68 35.20 5.99
CA LEU A 158 -18.88 36.23 5.29
C LEU A 158 -19.10 37.57 5.95
N HIS A 159 -20.35 37.81 6.31
CA HIS A 159 -20.71 39.08 6.80
C HIS A 159 -20.21 39.26 8.21
N ALA A 160 -20.26 38.20 8.99
CA ALA A 160 -19.84 38.30 10.37
C ALA A 160 -18.35 38.64 10.31
N ASN A 161 -17.63 37.94 9.45
CA ASN A 161 -16.21 38.09 9.38
C ASN A 161 -15.78 39.47 8.93
N ILE A 162 -16.58 40.08 8.05
CA ILE A 162 -16.33 41.42 7.55
C ILE A 162 -16.54 42.45 8.65
N SER A 163 -17.68 42.31 9.32
CA SER A 163 -18.06 43.17 10.42
C SER A 163 -17.03 43.12 11.57
N ARG A 164 -16.40 41.96 11.74
CA ARG A 164 -15.39 41.78 12.79
C ARG A 164 -14.15 42.57 12.50
N CYS A 165 -13.78 42.66 11.23
CA CYS A 165 -12.61 43.42 10.86
C CYS A 165 -12.88 44.90 10.63
N GLY A 166 -14.13 45.31 10.71
CA GLY A 166 -14.43 46.73 10.58
C GLY A 166 -14.16 47.20 9.17
N ILE A 167 -14.52 46.34 8.21
CA ILE A 167 -14.49 46.69 6.80
C ILE A 167 -15.78 47.38 6.39
N SER A 168 -15.66 48.48 5.64
CA SER A 168 -16.82 49.28 5.24
C SER A 168 -17.00 49.37 3.71
N ASN A 169 -16.01 48.92 2.93
CA ASN A 169 -16.08 49.08 1.47
C ASN A 169 -16.60 47.86 0.75
N VAL A 170 -17.41 47.03 1.42
CA VAL A 170 -17.78 45.78 0.83
C VAL A 170 -19.27 45.71 0.61
N ALA A 171 -19.68 45.22 -0.55
CA ALA A 171 -21.08 44.91 -0.73
C ALA A 171 -21.18 43.43 -1.00
N LEU A 172 -22.34 42.83 -0.72
CA LEU A 172 -22.51 41.39 -0.86
C LEU A 172 -23.53 41.03 -1.92
N THR A 173 -23.20 40.09 -2.79
CA THR A 173 -24.23 39.48 -3.64
C THR A 173 -24.31 37.99 -3.46
N HIS A 174 -25.41 37.44 -3.94
CA HIS A 174 -25.66 36.03 -3.86
C HIS A 174 -26.00 35.59 -5.28
N PHE A 175 -24.98 35.28 -6.06
CA PHE A 175 -25.19 34.86 -7.43
C PHE A 175 -24.29 33.74 -7.86
N ASP A 176 -24.66 33.15 -8.98
CA ASP A 176 -24.00 32.02 -9.60
C ASP A 176 -22.82 32.45 -10.44
N GLY A 177 -22.06 33.46 -10.01
CA GLY A 177 -20.73 33.73 -10.57
C GLY A 177 -20.69 33.90 -12.08
N ARG A 178 -21.26 32.93 -12.81
CA ARG A 178 -21.39 32.97 -14.29
C ARG A 178 -22.19 34.17 -14.82
N VAL A 179 -23.09 34.68 -13.99
CA VAL A 179 -23.94 35.79 -14.34
C VAL A 179 -23.18 37.09 -14.65
N PHE A 180 -22.12 37.38 -13.88
CA PHE A 180 -21.45 38.70 -13.87
C PHE A 180 -21.03 39.25 -15.23
N GLY A 181 -20.41 38.40 -16.04
CA GLY A 181 -19.95 38.79 -17.36
C GLY A 181 -20.96 39.57 -18.18
N ALA A 182 -22.22 39.13 -18.11
CA ALA A 182 -23.29 39.70 -18.92
C ALA A 182 -23.98 40.82 -18.21
N ALA A 183 -24.05 40.68 -16.88
CA ALA A 183 -24.83 41.56 -16.04
C ALA A 183 -24.13 42.89 -15.84
N VAL A 184 -22.82 42.86 -15.87
CA VAL A 184 -22.06 43.98 -15.42
C VAL A 184 -20.74 44.15 -16.21
N PRO A 185 -20.83 44.22 -17.55
CA PRO A 185 -19.71 44.33 -18.45
C PRO A 185 -18.37 44.83 -17.89
N GLU A 186 -17.87 45.95 -18.35
CA GLU A 186 -16.48 46.26 -18.04
C GLU A 186 -16.45 47.04 -16.74
N MSE A 187 -17.02 46.45 -15.71
CA MSE A 187 -17.18 47.11 -14.42
C MSE A 187 -15.99 47.15 -13.45
O MSE A 187 -15.77 48.16 -12.78
CB MSE A 187 -18.35 46.46 -13.72
CG MSE A 187 -18.74 47.16 -12.41
SE MSE A 187 -19.78 48.78 -12.71
CE MSE A 187 -20.34 48.50 -14.77
N PHE A 188 -15.24 46.08 -13.35
CA PHE A 188 -14.19 46.03 -12.34
C PHE A 188 -12.78 46.29 -12.82
N ASP A 189 -12.00 46.98 -12.02
CA ASP A 189 -10.65 47.16 -12.45
C ASP A 189 -9.73 46.07 -11.92
N ALA A 190 -10.29 45.21 -11.07
CA ALA A 190 -9.63 43.95 -10.67
C ALA A 190 -10.64 42.88 -10.27
N ILE A 191 -10.37 41.63 -10.58
CA ILE A 191 -11.24 40.53 -10.12
C ILE A 191 -10.42 39.37 -9.57
N LEU A 192 -10.89 38.75 -8.49
CA LEU A 192 -10.23 37.56 -7.97
C LEU A 192 -11.12 36.32 -8.06
N LEU A 193 -10.79 35.45 -9.00
CA LEU A 193 -11.63 34.32 -9.27
C LEU A 193 -10.90 33.15 -8.70
N ASP A 194 -11.24 32.81 -7.47
CA ASP A 194 -10.73 31.60 -6.83
C ASP A 194 -11.74 30.47 -7.02
N ALA A 195 -11.51 29.70 -8.09
CA ALA A 195 -12.52 28.76 -8.61
C ALA A 195 -12.72 27.49 -7.79
N PRO A 196 -13.98 27.15 -7.56
CA PRO A 196 -14.34 25.82 -7.05
C PRO A 196 -13.67 24.82 -7.94
N CYS A 197 -12.95 23.89 -7.31
CA CYS A 197 -12.05 22.98 -8.02
C CYS A 197 -12.21 21.59 -7.43
N SER A 198 -11.24 20.72 -7.66
CA SER A 198 -11.24 19.36 -7.13
C SER A 198 -10.50 19.21 -5.81
N GLY A 199 -10.03 20.34 -5.26
CA GLY A 199 -9.48 20.40 -3.92
C GLY A 199 -8.34 19.46 -3.55
N GLU A 200 -7.50 19.16 -4.54
CA GLU A 200 -6.34 18.28 -4.38
C GLU A 200 -5.28 18.84 -3.47
N GLY A 201 -5.23 20.17 -3.42
CA GLY A 201 -4.26 20.83 -2.59
C GLY A 201 -4.70 20.81 -1.15
N VAL A 202 -5.96 20.49 -0.90
CA VAL A 202 -6.46 20.59 0.46
C VAL A 202 -6.50 19.27 1.24
N VAL A 203 -5.76 18.25 0.77
CA VAL A 203 -5.72 17.00 1.56
C VAL A 203 -5.02 17.17 2.89
N ARG A 204 -4.20 18.21 3.04
CA ARG A 204 -3.57 18.43 4.33
C ARG A 204 -4.54 18.91 5.43
N LYS A 205 -5.57 19.67 5.05
CA LYS A 205 -6.57 20.12 6.03
C LYS A 205 -7.61 19.01 6.24
N ASP A 206 -7.89 18.27 5.17
CA ASP A 206 -8.89 17.22 5.19
C ASP A 206 -8.33 15.92 4.61
N PRO A 207 -8.00 14.93 5.44
CA PRO A 207 -7.36 13.69 4.96
C PRO A 207 -8.20 12.81 4.01
N ASP A 208 -9.46 13.17 3.82
CA ASP A 208 -10.36 12.46 2.89
C ASP A 208 -10.94 13.39 1.81
N ALA A 209 -10.42 14.62 1.77
CA ALA A 209 -10.85 15.67 0.86
C ALA A 209 -11.42 15.18 -0.45
N LEU A 210 -10.55 14.60 -1.28
CA LEU A 210 -10.87 14.30 -2.68
C LEU A 210 -11.82 13.15 -2.87
N LYS A 211 -11.62 12.08 -2.09
CA LYS A 211 -12.36 10.78 -2.15
C LYS A 211 -13.32 10.53 -3.34
N ASN A 212 -14.17 11.50 -3.64
CA ASN A 212 -15.05 11.53 -4.84
C ASN A 212 -14.35 12.12 -6.07
N TRP A 213 -13.06 11.89 -6.16
CA TRP A 213 -12.26 12.43 -7.25
C TRP A 213 -12.28 11.52 -8.48
N SER A 214 -12.43 12.11 -9.66
CA SER A 214 -12.49 11.38 -10.93
C SER A 214 -12.21 12.30 -12.13
N PRO A 215 -11.49 11.77 -13.14
CA PRO A 215 -11.08 12.57 -14.32
C PRO A 215 -12.28 13.14 -15.10
N GLU A 216 -13.37 12.38 -15.11
CA GLU A 216 -14.67 12.77 -15.67
C GLU A 216 -15.26 13.89 -14.83
N SER A 217 -15.42 13.62 -13.54
CA SER A 217 -15.81 14.61 -12.57
C SER A 217 -14.95 15.90 -12.67
N ASN A 218 -13.72 15.76 -13.17
CA ASN A 218 -12.80 16.89 -13.32
C ASN A 218 -13.04 17.64 -14.61
N GLN A 219 -13.34 16.91 -15.69
CA GLN A 219 -13.64 17.52 -16.96
C GLN A 219 -14.81 18.50 -16.87
N GLU A 220 -15.83 18.13 -16.08
CA GLU A 220 -16.98 19.02 -15.87
C GLU A 220 -16.71 20.16 -14.90
N ILE A 221 -15.95 19.92 -13.85
CA ILE A 221 -15.48 20.98 -12.96
C ILE A 221 -14.69 22.05 -13.77
N ALA A 222 -13.84 21.57 -14.69
CA ALA A 222 -13.09 22.45 -15.58
C ALA A 222 -14.01 23.21 -16.54
N ALA A 223 -15.07 22.55 -17.01
CA ALA A 223 -16.11 23.20 -17.83
C ALA A 223 -16.72 24.40 -17.11
N THR A 224 -17.04 24.21 -15.82
CA THR A 224 -17.52 25.26 -14.92
C THR A 224 -16.50 26.38 -14.77
N GLN A 225 -15.24 26.00 -14.64
CA GLN A 225 -14.16 26.95 -14.43
C GLN A 225 -13.94 27.82 -15.68
N ARG A 226 -14.16 27.22 -16.86
CA ARG A 226 -14.20 27.95 -18.13
C ARG A 226 -15.24 29.09 -18.07
N GLU A 227 -16.51 28.71 -17.88
CA GLU A 227 -17.54 29.73 -17.96
C GLU A 227 -17.47 30.72 -16.80
N LEU A 228 -16.88 30.31 -15.68
CA LEU A 228 -16.57 31.24 -14.59
C LEU A 228 -15.57 32.33 -15.00
N ILE A 229 -14.49 31.91 -15.64
CA ILE A 229 -13.42 32.81 -15.95
C ILE A 229 -13.79 33.72 -17.14
N ASP A 230 -14.63 33.19 -18.02
CA ASP A 230 -15.15 33.93 -19.16
C ASP A 230 -16.04 35.00 -18.58
N SER A 231 -16.98 34.63 -17.73
CA SER A 231 -17.81 35.62 -17.03
C SER A 231 -16.96 36.72 -16.35
N ALA A 232 -15.99 36.31 -15.53
CA ALA A 232 -15.04 37.25 -14.90
C ALA A 232 -14.37 38.20 -15.92
N PHE A 233 -13.83 37.60 -16.97
CA PHE A 233 -13.08 38.37 -17.96
C PHE A 233 -13.95 39.41 -18.55
N HIS A 234 -15.21 39.04 -18.74
CA HIS A 234 -16.21 39.90 -19.31
C HIS A 234 -16.59 41.04 -18.43
N ALA A 235 -16.51 40.79 -17.13
CA ALA A 235 -16.83 41.80 -16.19
C ALA A 235 -15.62 42.61 -15.80
N LEU A 236 -14.47 42.33 -16.42
CA LEU A 236 -13.24 43.07 -16.17
C LEU A 236 -13.02 44.18 -17.18
N ARG A 237 -12.91 45.41 -16.68
CA ARG A 237 -12.66 46.59 -17.46
C ARG A 237 -11.33 46.37 -18.21
N PRO A 238 -11.22 46.89 -19.45
CA PRO A 238 -9.95 46.87 -20.18
C PRO A 238 -8.92 47.57 -19.34
N GLY A 239 -7.72 47.00 -19.27
CA GLY A 239 -6.66 47.52 -18.42
C GLY A 239 -6.50 46.76 -17.12
N GLY A 240 -7.57 46.09 -16.70
CA GLY A 240 -7.64 45.50 -15.35
C GLY A 240 -6.91 44.20 -15.23
N THR A 241 -6.65 43.76 -14.01
CA THR A 241 -6.01 42.47 -13.74
C THR A 241 -7.06 41.48 -13.31
N LEU A 242 -6.88 40.23 -13.65
CA LEU A 242 -7.74 39.18 -13.15
C LEU A 242 -6.86 38.09 -12.55
N VAL A 243 -7.17 37.65 -11.35
CA VAL A 243 -6.38 36.57 -10.83
C VAL A 243 -7.21 35.32 -10.70
N TYR A 244 -6.74 34.27 -11.35
CA TYR A 244 -7.35 32.95 -11.28
C TYR A 244 -6.54 32.04 -10.35
N SER A 245 -7.22 31.51 -9.36
CA SER A 245 -6.58 30.59 -8.43
C SER A 245 -7.46 29.37 -8.15
N THR A 246 -6.83 28.21 -7.99
CA THR A 246 -7.48 27.00 -7.46
C THR A 246 -6.65 26.33 -6.37
N CYS A 247 -7.35 25.47 -5.64
CA CYS A 247 -6.79 24.62 -4.64
C CYS A 247 -6.41 23.26 -5.19
N THR A 248 -6.34 23.13 -6.50
CA THR A 248 -6.10 21.82 -7.05
C THR A 248 -4.79 21.89 -7.83
N LEU A 249 -4.21 20.75 -8.20
CA LEU A 249 -2.85 20.75 -8.69
C LEU A 249 -2.68 20.25 -10.12
N ASN A 250 -3.72 19.70 -10.71
CA ASN A 250 -3.63 19.23 -12.10
C ASN A 250 -3.65 20.38 -13.14
N GLN A 251 -3.47 20.05 -14.41
CA GLN A 251 -3.39 21.07 -15.43
C GLN A 251 -4.74 21.44 -16.05
N GLU A 252 -5.66 20.46 -16.03
CA GLU A 252 -6.99 20.59 -16.63
C GLU A 252 -7.69 21.78 -16.06
N GLU A 253 -7.61 21.91 -14.74
CA GLU A 253 -8.32 22.93 -13.97
C GLU A 253 -7.56 24.21 -13.80
N ASN A 254 -6.30 24.20 -14.20
CA ASN A 254 -5.41 25.32 -13.93
C ASN A 254 -4.91 25.96 -15.19
N GLU A 255 -3.80 25.40 -15.68
CA GLU A 255 -3.14 25.95 -16.83
C GLU A 255 -4.05 25.84 -18.04
N ALA A 256 -4.76 24.70 -18.15
CA ALA A 256 -5.66 24.47 -19.28
C ALA A 256 -6.78 25.47 -19.33
N VAL A 257 -7.09 26.06 -18.17
CA VAL A 257 -8.23 26.97 -18.10
C VAL A 257 -7.80 28.39 -18.50
N CYS A 258 -6.65 28.80 -17.98
CA CYS A 258 -6.01 30.02 -18.43
C CYS A 258 -5.64 29.97 -19.91
N LEU A 259 -5.03 28.88 -20.34
CA LEU A 259 -4.61 28.79 -21.74
C LEU A 259 -5.80 28.89 -22.69
N TRP A 260 -6.92 28.32 -22.24
CA TRP A 260 -8.18 28.37 -22.98
C TRP A 260 -8.65 29.79 -23.15
N LEU A 261 -8.70 30.52 -22.04
CA LEU A 261 -9.11 31.91 -22.07
C LEU A 261 -8.33 32.70 -23.15
N LYS A 262 -7.01 32.49 -23.19
CA LYS A 262 -6.15 33.15 -24.14
C LYS A 262 -6.53 32.70 -25.52
N GLU A 263 -6.92 31.45 -25.69
CA GLU A 263 -7.30 31.02 -27.03
C GLU A 263 -8.60 31.66 -27.48
N THR A 264 -9.47 31.99 -26.54
CA THR A 264 -10.77 32.55 -26.87
C THR A 264 -10.72 34.05 -27.24
N TYR A 265 -9.72 34.73 -26.70
CA TYR A 265 -9.55 36.15 -26.82
C TYR A 265 -8.07 36.41 -26.99
N PRO A 266 -7.50 35.94 -28.10
CA PRO A 266 -6.07 35.93 -28.27
C PRO A 266 -5.41 37.30 -28.20
N ASP A 267 -6.08 38.35 -28.71
CA ASP A 267 -5.44 39.67 -28.69
C ASP A 267 -5.81 40.51 -27.47
N ALA A 268 -6.59 39.91 -26.58
CA ALA A 268 -7.10 40.60 -25.39
C ALA A 268 -6.50 40.16 -24.05
N VAL A 269 -5.82 39.02 -24.03
CA VAL A 269 -5.39 38.45 -22.77
C VAL A 269 -3.88 38.39 -22.66
N GLU A 270 -3.37 38.92 -21.56
CA GLU A 270 -1.96 38.95 -21.35
C GLU A 270 -1.61 38.28 -20.07
N PHE A 271 -0.77 37.25 -20.09
CA PHE A 271 -0.30 36.67 -18.83
C PHE A 271 0.77 37.53 -18.26
N LEU A 272 0.75 37.69 -16.94
CA LEU A 272 1.64 38.65 -16.29
C LEU A 272 2.47 37.87 -15.26
N PRO A 273 3.65 37.46 -15.66
CA PRO A 273 4.44 36.54 -14.88
C PRO A 273 4.58 36.92 -13.42
N LEU A 274 4.58 35.90 -12.56
CA LEU A 274 4.52 36.11 -11.13
C LEU A 274 5.86 35.87 -10.45
N GLY A 275 6.89 35.63 -11.25
CA GLY A 275 8.22 35.26 -10.76
C GLY A 275 8.96 36.18 -9.80
N ASP A 276 8.64 37.48 -9.81
CA ASP A 276 9.27 38.44 -8.88
C ASP A 276 8.35 38.73 -7.73
N LEU A 277 7.25 37.98 -7.63
CA LEU A 277 6.22 38.25 -6.65
C LEU A 277 6.79 38.25 -5.23
N PHE A 278 7.68 37.31 -4.93
CA PHE A 278 8.42 37.29 -3.66
C PHE A 278 9.76 36.57 -3.87
N PRO A 279 10.69 36.65 -2.93
CA PRO A 279 11.94 35.88 -3.08
C PRO A 279 11.67 34.39 -2.88
N GLY A 280 11.96 33.60 -3.91
CA GLY A 280 11.69 32.19 -3.89
C GLY A 280 10.59 31.83 -4.85
N ALA A 281 9.88 32.84 -5.34
CA ALA A 281 8.76 32.64 -6.25
C ALA A 281 9.18 31.79 -7.44
N ASN A 282 10.40 32.00 -7.91
CA ASN A 282 10.92 31.20 -8.99
C ASN A 282 10.70 29.69 -8.87
N LYS A 283 10.88 29.15 -7.66
CA LYS A 283 10.70 27.72 -7.38
C LYS A 283 9.38 27.16 -7.91
N ALA A 284 8.36 28.02 -7.99
CA ALA A 284 7.01 27.62 -8.40
C ALA A 284 6.59 28.12 -9.78
N LEU A 285 7.49 28.85 -10.44
CA LEU A 285 7.18 29.58 -11.67
C LEU A 285 6.94 28.65 -12.86
N THR A 286 5.82 28.84 -13.57
CA THR A 286 5.57 28.11 -14.81
C THR A 286 6.00 28.96 -15.99
N GLU A 287 6.25 28.30 -17.12
CA GLU A 287 6.68 28.99 -18.33
C GLU A 287 5.76 30.12 -18.80
N GLU A 288 4.57 30.19 -18.20
CA GLU A 288 3.59 31.14 -18.62
C GLU A 288 3.64 32.31 -17.67
N GLY A 289 4.15 32.06 -16.46
CA GLY A 289 4.20 33.10 -15.39
C GLY A 289 3.22 32.86 -14.24
N PHE A 290 2.62 31.68 -14.27
CA PHE A 290 1.77 31.23 -13.21
C PHE A 290 2.66 30.68 -12.14
N LEU A 291 2.12 30.65 -10.93
CA LEU A 291 2.73 29.94 -9.81
C LEU A 291 1.94 28.66 -9.57
N HIS A 292 2.59 27.52 -9.80
CA HIS A 292 1.96 26.23 -9.57
C HIS A 292 2.52 25.65 -8.27
N VAL A 293 1.94 26.05 -7.17
CA VAL A 293 2.53 25.77 -5.87
C VAL A 293 2.18 24.37 -5.38
N PHE A 294 3.16 23.49 -5.48
CA PHE A 294 3.05 22.20 -4.85
C PHE A 294 3.30 22.38 -3.34
N PRO A 295 2.64 21.55 -2.51
CA PRO A 295 2.57 21.77 -1.06
C PRO A 295 3.93 21.82 -0.38
N GLN A 296 4.81 20.96 -0.84
CA GLN A 296 6.11 20.80 -0.24
C GLN A 296 7.13 21.82 -0.68
N ILE A 297 6.77 22.67 -1.63
CA ILE A 297 7.69 23.73 -2.06
C ILE A 297 7.93 24.71 -0.91
N TYR A 298 6.85 25.30 -0.38
CA TYR A 298 7.00 26.28 0.70
C TYR A 298 6.44 25.75 1.99
N ASP A 299 6.23 24.43 2.06
CA ASP A 299 5.66 23.80 3.24
C ASP A 299 4.24 24.38 3.53
N CYS A 300 3.25 23.96 2.73
CA CYS A 300 1.83 24.36 2.93
C CYS A 300 0.83 23.69 1.98
N GLU A 301 -0.27 24.39 1.66
CA GLU A 301 -1.34 23.78 0.86
C GLU A 301 -0.92 23.68 -0.62
N GLY A 302 -1.70 22.96 -1.43
CA GLY A 302 -1.46 22.84 -2.88
C GLY A 302 -2.35 23.87 -3.55
N PHE A 303 -1.79 24.64 -4.49
CA PHE A 303 -2.47 25.86 -4.98
C PHE A 303 -1.94 26.29 -6.32
N PHE A 304 -2.78 26.98 -7.08
CA PHE A 304 -2.39 27.53 -8.38
C PHE A 304 -2.78 29.01 -8.46
N VAL A 305 -1.89 29.86 -8.95
CA VAL A 305 -2.21 31.30 -9.10
C VAL A 305 -1.86 31.85 -10.49
N ALA A 306 -2.81 32.49 -11.15
CA ALA A 306 -2.57 33.00 -12.48
C ALA A 306 -3.04 34.44 -12.54
N ARG A 307 -2.22 35.32 -13.13
CA ARG A 307 -2.58 36.71 -13.24
C ARG A 307 -2.56 37.15 -14.72
N LEU A 308 -3.67 37.77 -15.14
CA LEU A 308 -3.88 38.15 -16.52
C LEU A 308 -4.24 39.59 -16.59
N ARG A 309 -4.00 40.22 -17.71
CA ARG A 309 -4.55 41.53 -17.88
C ARG A 309 -5.33 41.57 -19.18
N LYS A 310 -6.50 42.20 -19.14
CA LYS A 310 -7.25 42.50 -20.34
C LYS A 310 -6.67 43.74 -21.04
N THR A 311 -6.20 43.56 -22.26
CA THR A 311 -5.51 44.63 -22.96
C THR A 311 -6.38 45.37 -23.90
N GLN A 312 -7.61 44.91 -24.06
CA GLN A 312 -8.47 45.36 -25.14
C GLN A 312 -9.93 45.08 -24.77
N ALA A 313 -10.85 45.90 -25.28
CA ALA A 313 -12.26 45.56 -25.18
C ALA A 313 -12.56 44.34 -26.02
N ILE A 314 -13.42 43.48 -25.49
CA ILE A 314 -13.85 42.30 -26.22
C ILE A 314 -15.35 42.39 -26.56
N PRO A 315 -15.85 41.59 -27.50
CA PRO A 315 -17.20 41.79 -28.01
C PRO A 315 -18.22 41.73 -26.89
N ALA A 316 -19.42 42.26 -27.12
CA ALA A 316 -20.48 42.32 -26.11
C ALA A 316 -21.29 41.05 -26.06
N LEU A 317 -21.91 40.78 -24.92
CA LEU A 317 -22.90 39.70 -24.82
C LEU A 317 -24.27 40.36 -24.92
N PRO A 318 -25.34 39.58 -25.05
CA PRO A 318 -26.68 40.16 -25.05
C PRO A 318 -26.88 40.82 -23.68
N ALA A 319 -26.68 40.15 -22.54
CA ALA A 319 -27.59 39.18 -21.93
C ALA A 319 -28.08 39.89 -20.63
N PRO A 320 -28.78 41.02 -20.78
CA PRO A 320 -29.30 41.77 -19.63
C PRO A 320 -30.79 41.42 -19.45
N LYS A 321 -31.05 40.22 -18.94
CA LYS A 321 -32.43 39.64 -18.93
C LYS A 321 -33.21 39.91 -17.62
N TYR A 322 -32.44 40.06 -16.55
CA TYR A 322 -32.84 39.99 -15.15
C TYR A 322 -33.49 41.26 -14.54
N LYS A 323 -33.93 42.21 -15.37
CA LYS A 323 -34.31 43.58 -14.90
C LYS A 323 -34.57 43.70 -13.38
N VAL A 324 -33.69 44.42 -12.69
CA VAL A 324 -33.50 44.20 -11.25
C VAL A 324 -34.33 45.11 -10.31
N GLY A 325 -35.31 45.81 -10.87
CA GLY A 325 -36.34 46.50 -10.08
C GLY A 325 -35.85 47.46 -9.02
N ASN A 326 -36.78 48.05 -8.28
CA ASN A 326 -36.44 49.09 -7.30
C ASN A 326 -35.35 48.78 -6.25
N PHE A 327 -34.47 49.75 -6.08
CA PHE A 327 -33.44 49.76 -5.05
C PHE A 327 -34.08 50.36 -3.80
N PRO A 328 -34.08 49.61 -2.69
CA PRO A 328 -34.82 50.01 -1.49
C PRO A 328 -34.21 51.12 -0.64
N PHE A 329 -33.17 51.77 -1.11
CA PHE A 329 -32.59 52.84 -0.33
C PHE A 329 -32.47 54.08 -1.16
N SER A 330 -32.48 55.20 -0.45
CA SER A 330 -32.32 56.53 -1.02
C SER A 330 -31.19 57.29 -0.31
N PRO A 331 -30.46 58.11 -1.06
CA PRO A 331 -29.34 58.83 -0.48
C PRO A 331 -29.89 59.89 0.46
N VAL A 332 -29.24 60.07 1.60
CA VAL A 332 -29.70 61.04 2.59
C VAL A 332 -29.45 62.47 2.11
N LYS A 333 -30.45 63.33 2.26
CA LYS A 333 -30.37 64.75 1.87
C LYS A 333 -29.34 65.50 2.72
N ASP A 334 -28.79 66.58 2.18
CA ASP A 334 -27.69 67.30 2.84
C ASP A 334 -28.00 67.86 4.25
N ARG A 335 -29.11 68.60 4.43
CA ARG A 335 -29.44 69.12 5.78
C ARG A 335 -29.28 67.96 6.79
N GLU A 336 -30.00 66.87 6.59
CA GLU A 336 -30.00 65.73 7.49
C GLU A 336 -28.61 65.02 7.57
N ALA A 337 -28.02 64.68 6.42
CA ALA A 337 -26.68 64.06 6.40
C ALA A 337 -25.68 64.80 7.29
N GLY A 338 -25.70 66.14 7.26
CA GLY A 338 -24.80 66.91 8.10
C GLY A 338 -25.03 66.63 9.56
N GLN A 339 -26.29 66.76 9.98
CA GLN A 339 -26.69 66.52 11.37
C GLN A 339 -26.40 65.10 11.89
N ILE A 340 -26.30 64.12 10.99
CA ILE A 340 -25.96 62.79 11.42
C ILE A 340 -24.47 62.68 11.63
N ARG A 341 -23.72 63.21 10.68
CA ARG A 341 -22.25 63.23 10.71
C ARG A 341 -21.82 63.80 12.07
N GLN A 342 -22.40 64.95 12.42
CA GLN A 342 -22.11 65.61 13.71
C GLN A 342 -22.62 64.84 14.92
N ALA A 343 -23.79 64.22 14.80
CA ALA A 343 -24.30 63.37 15.88
C ALA A 343 -23.44 62.12 16.11
N ALA A 344 -22.86 61.60 15.04
CA ALA A 344 -22.01 60.40 15.13
C ALA A 344 -20.67 60.78 15.71
N THR A 345 -20.15 61.91 15.25
CA THR A 345 -18.82 62.33 15.63
C THR A 345 -18.86 62.47 17.10
N GLY A 346 -19.98 63.00 17.59
CA GLY A 346 -20.16 63.25 19.00
C GLY A 346 -20.14 62.00 19.85
N VAL A 347 -20.10 60.84 19.21
CA VAL A 347 -20.09 59.57 19.94
C VAL A 347 -18.82 58.76 19.63
N GLY A 348 -17.94 59.27 18.76
CA GLY A 348 -16.67 58.60 18.45
C GLY A 348 -16.58 57.97 17.06
N LEU A 349 -17.68 58.07 16.30
CA LEU A 349 -17.75 57.49 14.95
C LEU A 349 -17.53 58.52 13.85
N ASN A 350 -16.68 58.13 12.89
CA ASN A 350 -16.25 58.99 11.80
C ASN A 350 -16.04 58.21 10.50
N TRP A 351 -16.32 58.86 9.39
CA TRP A 351 -16.11 58.24 8.13
C TRP A 351 -15.32 59.12 7.19
N ASP A 352 -14.68 58.45 6.21
CA ASP A 352 -13.96 59.05 5.08
C ASP A 352 -14.90 59.78 4.17
N GLU A 353 -14.31 60.41 3.18
CA GLU A 353 -15.02 60.85 1.99
C GLU A 353 -15.33 59.63 1.08
N ASN A 354 -14.86 58.44 1.44
CA ASN A 354 -15.17 57.23 0.67
C ASN A 354 -16.62 56.74 0.84
N LEU A 355 -17.31 57.29 1.84
CA LEU A 355 -18.59 56.79 2.29
C LEU A 355 -19.65 57.88 2.27
N ARG A 356 -20.87 57.51 1.90
CA ARG A 356 -21.95 58.46 1.87
C ARG A 356 -23.20 57.78 2.40
N LEU A 357 -24.05 58.57 3.03
CA LEU A 357 -25.13 58.13 3.84
C LEU A 357 -26.41 57.82 3.04
N TRP A 358 -26.91 56.60 3.13
CA TRP A 358 -28.22 56.30 2.55
C TRP A 358 -29.17 55.89 3.65
N GLN A 359 -30.43 55.64 3.28
CA GLN A 359 -31.52 55.44 4.25
C GLN A 359 -32.60 54.51 3.69
N ARG A 360 -33.17 53.63 4.53
CA ARG A 360 -34.36 52.87 4.11
C ARG A 360 -35.54 53.13 5.05
N ASP A 361 -35.46 52.67 6.28
CA ASP A 361 -36.62 52.95 7.12
C ASP A 361 -36.24 53.89 8.24
N LYS A 362 -36.25 53.39 9.48
CA LYS A 362 -35.60 54.12 10.54
C LYS A 362 -34.08 53.92 10.34
N GLU A 363 -33.75 53.00 9.45
CA GLU A 363 -32.41 52.53 9.19
C GLU A 363 -31.53 53.58 8.53
N LEU A 364 -30.24 53.58 8.89
CA LEU A 364 -29.27 54.52 8.32
C LEU A 364 -27.95 53.84 7.99
N TRP A 365 -27.63 53.83 6.69
CA TRP A 365 -26.53 53.05 6.12
C TRP A 365 -25.46 53.95 5.50
N LEU A 366 -24.22 53.45 5.52
CA LEU A 366 -23.16 54.06 4.73
C LEU A 366 -22.77 53.13 3.62
N PHE A 367 -22.78 53.63 2.39
CA PHE A 367 -22.27 52.88 1.24
C PHE A 367 -20.98 53.51 0.70
N PRO A 368 -20.08 52.71 0.12
CA PRO A 368 -18.91 53.25 -0.55
C PRO A 368 -19.27 53.77 -1.93
N VAL A 369 -18.79 54.96 -2.26
CA VAL A 369 -19.09 55.57 -3.52
C VAL A 369 -18.70 54.64 -4.66
N GLY A 370 -17.57 53.98 -4.50
CA GLY A 370 -17.17 52.93 -5.41
C GLY A 370 -18.28 52.02 -5.89
N ILE A 371 -19.30 51.79 -5.07
CA ILE A 371 -20.29 50.78 -5.42
C ILE A 371 -21.47 51.36 -6.19
N GLU A 372 -21.62 52.67 -6.08
CA GLU A 372 -22.75 53.37 -6.64
C GLU A 372 -23.02 52.87 -8.06
N ALA A 373 -21.99 52.75 -8.87
CA ALA A 373 -22.25 52.45 -10.26
C ALA A 373 -22.93 51.09 -10.52
N LEU A 374 -23.07 50.27 -9.50
CA LEU A 374 -23.58 48.93 -9.69
C LEU A 374 -25.04 48.83 -9.37
N ILE A 375 -25.50 49.72 -8.49
CA ILE A 375 -26.93 49.86 -8.13
C ILE A 375 -27.79 49.78 -9.36
N GLY A 376 -28.64 48.76 -9.43
CA GLY A 376 -29.51 48.64 -10.57
C GLY A 376 -29.02 47.69 -11.63
N LYS A 377 -27.78 47.25 -11.54
CA LYS A 377 -27.29 46.25 -12.48
C LYS A 377 -27.26 44.90 -11.79
N VAL A 378 -27.28 44.91 -10.45
CA VAL A 378 -27.39 43.67 -9.67
C VAL A 378 -28.22 43.87 -8.43
N ARG A 379 -28.89 42.80 -7.99
CA ARG A 379 -29.58 42.81 -6.69
C ARG A 379 -28.53 42.55 -5.63
N PHE A 380 -28.48 43.44 -4.67
CA PHE A 380 -27.51 43.29 -3.60
C PHE A 380 -28.10 42.61 -2.40
N SER A 381 -27.31 41.75 -1.78
CA SER A 381 -27.70 41.13 -0.53
C SER A 381 -27.55 42.11 0.67
N ARG A 382 -26.64 43.08 0.54
CA ARG A 382 -26.22 43.97 1.63
C ARG A 382 -25.19 44.91 1.06
N LEU A 383 -25.04 46.10 1.65
CA LEU A 383 -24.06 47.07 1.13
C LEU A 383 -23.50 47.91 2.23
N GLY A 384 -22.17 48.05 2.29
CA GLY A 384 -21.52 48.94 3.25
C GLY A 384 -21.81 48.55 4.68
N ILE A 385 -22.13 49.53 5.54
CA ILE A 385 -22.46 49.25 6.95
C ILE A 385 -23.71 49.93 7.45
N LYS A 386 -24.42 49.26 8.35
CA LYS A 386 -25.56 49.89 8.96
C LYS A 386 -24.95 50.77 10.06
N LEU A 387 -25.11 52.08 9.91
CA LEU A 387 -24.63 53.01 10.92
C LEU A 387 -25.56 53.08 12.13
N ALA A 388 -26.84 53.29 11.90
CA ALA A 388 -27.82 53.44 12.99
C ALA A 388 -29.26 53.14 12.59
N GLU A 389 -30.10 52.98 13.61
CA GLU A 389 -31.51 52.99 13.39
C GLU A 389 -32.03 54.18 14.17
N THR A 390 -32.88 54.97 13.53
CA THR A 390 -33.48 56.10 14.22
C THR A 390 -34.50 55.58 15.24
N HIS A 391 -34.56 56.22 16.40
CA HIS A 391 -35.58 55.94 17.43
C HIS A 391 -35.86 57.24 18.15
N ASN A 392 -37.11 57.71 18.09
CA ASN A 392 -37.46 59.08 18.48
C ASN A 392 -36.45 60.07 17.84
N LYS A 393 -36.13 61.15 18.57
CA LYS A 393 -35.10 62.09 18.11
C LYS A 393 -33.71 61.44 18.00
N GLY A 394 -33.55 60.25 18.59
CA GLY A 394 -32.23 59.59 18.78
C GLY A 394 -31.78 58.59 17.72
N TYR A 395 -30.76 57.80 18.08
CA TYR A 395 -30.14 56.79 17.21
C TYR A 395 -29.61 55.60 18.01
N ARG A 396 -29.88 54.38 17.53
CA ARG A 396 -29.27 53.18 18.08
C ARG A 396 -28.08 52.80 17.20
N TRP A 397 -26.87 53.23 17.59
CA TRP A 397 -25.68 52.96 16.79
C TRP A 397 -25.45 51.47 16.74
N GLN A 398 -25.07 50.98 15.58
CA GLN A 398 -24.94 49.56 15.35
C GLN A 398 -23.54 49.12 15.74
N HIS A 399 -23.47 47.93 16.33
CA HIS A 399 -22.20 47.41 16.76
C HIS A 399 -21.21 47.38 15.59
N GLU A 400 -21.69 46.91 14.45
CA GLU A 400 -20.90 46.82 13.25
C GLU A 400 -20.22 48.16 12.90
N ALA A 401 -20.92 49.27 13.11
CA ALA A 401 -20.34 50.57 12.78
C ALA A 401 -19.30 51.02 13.83
N VAL A 402 -19.50 50.59 15.08
CA VAL A 402 -18.59 50.94 16.13
C VAL A 402 -17.26 50.28 15.86
N ILE A 403 -17.29 49.03 15.42
CA ILE A 403 -16.03 48.31 15.16
C ILE A 403 -15.30 49.01 14.03
N ALA A 404 -16.05 49.50 13.06
CA ALA A 404 -15.45 50.10 11.88
C ALA A 404 -15.04 51.59 12.00
N LEU A 405 -15.85 52.42 12.65
CA LEU A 405 -15.69 53.89 12.57
C LEU A 405 -15.18 54.54 13.84
N ALA A 406 -15.14 53.75 14.91
CA ALA A 406 -14.70 54.25 16.22
C ALA A 406 -13.21 54.53 16.25
N SER A 407 -12.86 55.78 16.50
CA SER A 407 -11.47 56.16 16.74
C SER A 407 -11.20 56.01 18.24
N PRO A 408 -10.21 55.16 18.60
CA PRO A 408 -9.90 54.83 20.02
C PRO A 408 -9.14 55.95 20.72
N ASP A 409 -8.02 56.35 20.12
CA ASP A 409 -7.25 57.54 20.48
C ASP A 409 -8.21 58.74 20.51
N ASN A 410 -8.77 58.94 21.69
CA ASN A 410 -9.88 59.84 21.87
C ASN A 410 -9.73 60.39 23.30
N MSE A 411 -10.57 61.36 23.67
CA MSE A 411 -10.64 61.80 25.06
C MSE A 411 -11.97 61.43 25.74
O MSE A 411 -12.41 62.08 26.69
CB MSE A 411 -10.31 63.29 25.24
CG MSE A 411 -9.69 63.55 26.61
SE MSE A 411 -9.98 65.35 27.36
CE MSE A 411 -10.42 64.99 29.43
N ASN A 412 -12.59 60.37 25.22
CA ASN A 412 -13.83 59.81 25.77
C ASN A 412 -13.88 58.31 25.52
N ALA A 413 -12.79 57.78 24.96
CA ALA A 413 -12.48 56.35 25.02
C ALA A 413 -12.44 55.89 26.49
N PHE A 414 -12.59 54.58 26.72
CA PHE A 414 -12.38 53.99 28.06
C PHE A 414 -11.78 52.60 27.94
N GLU A 415 -10.53 52.46 28.37
CA GLU A 415 -9.85 51.18 28.29
C GLU A 415 -10.25 50.25 29.45
N LEU A 416 -10.66 49.04 29.09
CA LEU A 416 -10.97 47.99 30.07
C LEU A 416 -9.73 47.29 30.54
N THR A 417 -9.81 46.75 31.76
CA THR A 417 -8.81 45.78 32.17
C THR A 417 -9.15 44.44 31.50
N PRO A 418 -8.18 43.54 31.44
CA PRO A 418 -8.40 42.21 30.86
C PRO A 418 -9.57 41.52 31.55
N GLN A 419 -9.61 41.62 32.86
CA GLN A 419 -10.72 41.09 33.62
C GLN A 419 -12.05 41.63 33.04
N GLU A 420 -12.15 42.96 32.95
CA GLU A 420 -13.35 43.65 32.46
C GLU A 420 -13.67 43.33 30.99
N ALA A 421 -12.64 43.20 30.16
CA ALA A 421 -12.81 42.77 28.76
C ALA A 421 -13.51 41.41 28.61
N GLU A 422 -13.04 40.42 29.37
CA GLU A 422 -13.60 39.06 29.40
C GLU A 422 -15.09 39.10 29.69
N GLU A 423 -15.45 39.89 30.69
CA GLU A 423 -16.84 40.13 31.01
C GLU A 423 -17.63 40.65 29.80
N TRP A 424 -17.11 41.68 29.12
CA TRP A 424 -17.80 42.16 27.92
C TRP A 424 -18.11 41.02 26.96
N TYR A 425 -17.11 40.19 26.71
CA TYR A 425 -17.27 39.19 25.67
C TYR A 425 -18.15 38.05 26.09
N ARG A 426 -18.23 37.80 27.39
CA ARG A 426 -19.23 36.90 27.89
C ARG A 426 -20.60 37.60 27.93
N GLY A 427 -20.67 38.83 27.42
CA GLY A 427 -21.93 39.55 27.32
C GLY A 427 -22.54 40.01 28.63
N ARG A 428 -21.71 40.52 29.53
CA ARG A 428 -22.16 40.98 30.82
C ARG A 428 -21.74 42.43 31.09
N ASP A 429 -22.48 43.12 31.97
CA ASP A 429 -22.20 44.52 32.31
C ASP A 429 -20.86 44.69 33.06
N VAL A 430 -20.23 45.87 32.89
CA VAL A 430 -18.94 46.15 33.52
C VAL A 430 -18.94 47.34 34.50
N TYR A 431 -18.26 47.18 35.62
CA TYR A 431 -18.33 48.14 36.73
C TYR A 431 -16.93 48.73 37.00
N PRO A 432 -16.60 49.85 36.36
CA PRO A 432 -15.26 50.46 36.48
C PRO A 432 -15.00 51.18 37.81
N GLN A 433 -13.75 51.12 38.26
CA GLN A 433 -13.25 51.89 39.42
C GLN A 433 -13.21 53.36 39.01
N ALA A 434 -12.61 53.60 37.84
CA ALA A 434 -12.59 54.90 37.18
C ALA A 434 -14.03 55.46 37.14
N ALA A 435 -14.84 54.94 36.21
CA ALA A 435 -16.27 55.31 36.06
C ALA A 435 -16.48 56.61 35.27
N PRO A 436 -16.29 56.56 33.95
CA PRO A 436 -16.25 57.77 33.11
C PRO A 436 -17.47 58.71 33.27
N VAL A 437 -17.39 59.84 32.59
CA VAL A 437 -18.34 60.93 32.72
C VAL A 437 -19.44 60.83 31.64
N ALA A 438 -19.01 60.41 30.43
CA ALA A 438 -19.89 60.21 29.28
C ALA A 438 -21.13 59.39 29.65
N ASP A 439 -22.27 59.72 29.05
CA ASP A 439 -23.44 58.83 29.21
C ASP A 439 -23.42 57.77 28.12
N ASP A 440 -22.65 58.05 27.09
CA ASP A 440 -22.34 57.04 26.10
C ASP A 440 -20.82 56.87 25.97
N VAL A 441 -20.34 55.66 26.23
CA VAL A 441 -18.92 55.41 26.51
C VAL A 441 -18.29 54.48 25.46
N LEU A 442 -17.29 54.98 24.76
CA LEU A 442 -16.62 54.15 23.77
C LEU A 442 -15.63 53.26 24.46
N VAL A 443 -15.85 51.96 24.35
CA VAL A 443 -15.14 50.97 25.17
C VAL A 443 -14.05 50.25 24.39
N THR A 444 -12.78 50.50 24.73
CA THR A 444 -11.65 49.86 24.05
C THR A 444 -10.94 48.83 24.90
N PHE A 445 -10.34 47.85 24.23
CA PHE A 445 -9.39 46.97 24.88
C PHE A 445 -8.14 46.81 24.01
N GLN A 446 -6.98 46.98 24.63
CA GLN A 446 -5.75 47.12 23.91
C GLN A 446 -5.86 48.33 22.99
N HIS A 447 -6.74 49.26 23.34
CA HIS A 447 -6.92 50.51 22.59
C HIS A 447 -7.54 50.26 21.22
N GLN A 448 -8.47 49.31 21.18
CA GLN A 448 -9.28 49.01 19.99
C GLN A 448 -10.77 49.11 20.36
N PRO A 449 -11.54 49.78 19.52
CA PRO A 449 -12.98 49.86 19.69
C PRO A 449 -13.58 48.49 19.90
N ILE A 450 -14.30 48.29 20.99
CA ILE A 450 -14.87 46.98 21.33
C ILE A 450 -16.39 46.93 21.40
N GLY A 451 -17.03 48.08 21.49
CA GLY A 451 -18.48 48.14 21.59
C GLY A 451 -18.85 49.49 22.11
N LEU A 452 -20.14 49.84 22.08
CA LEU A 452 -20.58 51.15 22.55
C LEU A 452 -21.62 50.99 23.63
N ALA A 453 -21.35 51.49 24.82
CA ALA A 453 -22.21 51.17 25.94
C ALA A 453 -22.84 52.38 26.56
N LYS A 454 -24.05 52.23 27.09
CA LYS A 454 -24.61 53.31 27.91
C LYS A 454 -24.14 53.27 29.35
N ARG A 455 -24.03 54.47 29.93
CA ARG A 455 -23.65 54.73 31.32
C ARG A 455 -24.44 53.90 32.36
N ILE A 456 -25.74 54.18 32.45
CA ILE A 456 -26.61 53.87 33.63
C ILE A 456 -25.92 53.90 35.02
N GLY A 457 -25.77 55.12 35.53
CA GLY A 457 -25.14 55.35 36.84
C GLY A 457 -23.68 54.92 36.84
N SER A 458 -23.44 53.69 37.29
CA SER A 458 -22.10 53.18 37.54
C SER A 458 -21.78 51.96 36.70
N ARG A 459 -22.60 51.65 35.72
CA ARG A 459 -22.64 50.26 35.25
C ARG A 459 -22.13 49.88 33.86
N LEU A 460 -22.27 50.73 32.84
CA LEU A 460 -21.80 50.32 31.47
C LEU A 460 -22.51 49.08 30.97
N LYS A 461 -23.61 49.28 30.27
CA LYS A 461 -24.47 48.19 29.86
C LYS A 461 -23.89 47.51 28.63
N ASN A 462 -23.92 46.18 28.66
CA ASN A 462 -23.38 45.31 27.58
C ASN A 462 -24.23 45.42 26.34
N SER A 463 -23.61 45.80 25.23
CA SER A 463 -24.33 45.92 23.98
C SER A 463 -23.61 45.13 22.86
N TYR A 464 -22.88 44.09 23.27
CA TYR A 464 -22.23 43.18 22.34
C TYR A 464 -23.31 42.25 21.80
N PRO A 465 -23.51 42.20 20.47
CA PRO A 465 -24.63 41.45 19.90
C PRO A 465 -24.58 39.99 20.33
N ARG A 466 -25.73 39.48 20.75
CA ARG A 466 -25.81 38.18 21.40
C ARG A 466 -25.39 37.04 20.51
N GLU A 467 -25.75 37.10 19.24
CA GLU A 467 -25.25 36.15 18.23
C GLU A 467 -23.73 35.87 18.35
N LEU A 468 -23.02 36.68 19.13
CA LEU A 468 -21.58 36.51 19.29
C LEU A 468 -21.09 36.41 20.74
N VAL A 469 -21.98 36.47 21.72
CA VAL A 469 -21.54 36.41 23.11
C VAL A 469 -20.77 35.10 23.41
N ARG A 470 -19.44 35.22 23.55
CA ARG A 470 -18.56 34.08 23.74
C ARG A 470 -18.98 33.17 24.92
N ASP A 471 -18.97 31.87 24.67
CA ASP A 471 -19.52 30.84 25.55
C ASP A 471 -18.52 30.30 26.56
N GLY A 472 -17.23 30.27 26.18
CA GLY A 472 -16.22 29.50 26.94
C GLY A 472 -15.12 30.19 27.75
N LYS A 473 -13.89 30.03 27.26
CA LYS A 473 -12.64 30.40 27.94
C LYS A 473 -11.94 31.51 27.14
N LEU A 474 -11.14 32.35 27.79
CA LEU A 474 -10.59 33.53 27.12
C LEU A 474 -9.20 33.96 27.60
N PHE B 8 5.07 -18.34 -23.21
CA PHE B 8 4.95 -18.69 -24.64
C PHE B 8 3.49 -18.97 -25.04
N PRO B 9 2.73 -18.00 -25.53
CA PRO B 9 1.35 -18.26 -26.02
C PRO B 9 1.27 -19.05 -27.34
N ASP B 10 0.29 -19.93 -27.46
CA ASP B 10 0.19 -20.80 -28.63
C ASP B 10 0.28 -20.01 -29.92
N ALA B 11 -0.66 -19.09 -30.12
CA ALA B 11 -0.71 -18.26 -31.31
C ALA B 11 0.67 -17.71 -31.67
N PHE B 12 1.42 -17.35 -30.64
CA PHE B 12 2.74 -16.69 -30.76
C PHE B 12 3.80 -17.63 -31.30
N LEU B 13 3.80 -18.87 -30.81
CA LEU B 13 4.82 -19.80 -31.23
C LEU B 13 4.48 -20.37 -32.60
N THR B 14 3.25 -20.82 -32.75
CA THR B 14 2.84 -21.42 -34.02
C THR B 14 2.66 -20.34 -35.11
N GLN B 15 3.38 -19.22 -34.96
CA GLN B 15 3.46 -18.19 -35.99
C GLN B 15 4.88 -17.53 -36.07
N MSE B 16 5.70 -17.79 -35.06
CA MSE B 16 7.17 -17.71 -35.14
C MSE B 16 7.67 -18.89 -35.98
O MSE B 16 8.71 -18.80 -36.65
CB MSE B 16 7.78 -17.85 -33.75
CG MSE B 16 7.84 -16.61 -32.95
SE MSE B 16 9.14 -15.39 -33.71
CE MSE B 16 8.43 -13.71 -32.87
N ARG B 17 6.93 -19.99 -35.89
CA ARG B 17 7.20 -21.20 -36.67
C ARG B 17 7.12 -20.89 -38.17
N GLU B 18 6.12 -20.11 -38.58
CA GLU B 18 5.98 -19.74 -40.01
C GLU B 18 6.70 -18.46 -40.39
N ALA B 19 7.54 -17.94 -39.49
CA ALA B 19 8.34 -16.77 -39.78
C ALA B 19 9.86 -17.03 -39.65
N MSE B 20 10.20 -18.31 -39.45
CA MSE B 20 11.60 -18.76 -39.30
C MSE B 20 12.38 -19.00 -40.63
O MSE B 20 12.02 -19.91 -41.41
CB MSE B 20 11.65 -19.99 -38.38
CG MSE B 20 12.94 -20.13 -37.60
SE MSE B 20 13.30 -18.66 -36.31
CE MSE B 20 15.06 -19.27 -35.84
N PRO B 21 13.44 -18.22 -40.87
CA PRO B 21 14.32 -18.43 -42.03
C PRO B 21 15.46 -19.44 -41.74
N PHE B 26 14.99 -23.15 -36.38
CA PHE B 26 13.87 -22.82 -35.50
C PHE B 26 14.06 -23.30 -34.07
N ASP B 27 14.25 -24.61 -33.95
CA ASP B 27 14.37 -25.29 -32.68
C ASP B 27 15.37 -24.60 -31.77
N ASP B 28 16.55 -24.31 -32.33
CA ASP B 28 17.61 -23.47 -31.73
C ASP B 28 17.07 -22.25 -31.02
N PHE B 29 16.07 -21.65 -31.66
CA PHE B 29 15.39 -20.45 -31.20
C PHE B 29 14.67 -20.66 -29.89
N LEU B 30 13.83 -21.68 -29.83
CA LEU B 30 13.08 -21.98 -28.62
C LEU B 30 14.04 -22.31 -27.46
N ALA B 31 15.19 -22.87 -27.81
CA ALA B 31 16.27 -23.19 -26.86
C ALA B 31 16.94 -21.95 -26.29
N ALA B 32 17.39 -21.09 -27.19
CA ALA B 32 18.00 -19.82 -26.80
C ALA B 32 16.99 -18.85 -26.16
N CYS B 33 15.73 -18.94 -26.57
CA CYS B 33 14.65 -18.21 -25.90
C CYS B 33 14.59 -18.52 -24.43
N GLN B 34 14.82 -19.79 -24.10
CA GLN B 34 14.54 -20.32 -22.76
C GLN B 34 15.76 -20.33 -21.82
N ARG B 35 16.93 -19.92 -22.32
CA ARG B 35 18.11 -19.77 -21.46
C ARG B 35 18.45 -18.29 -21.19
N PRO B 36 18.94 -17.98 -19.99
CA PRO B 36 19.10 -16.59 -19.55
C PRO B 36 20.19 -15.80 -20.34
N LEU B 37 20.02 -14.49 -20.43
CA LEU B 37 20.97 -13.64 -21.14
C LEU B 37 22.36 -13.66 -20.54
N ARG B 38 23.38 -13.39 -21.37
CA ARG B 38 24.72 -13.24 -20.83
C ARG B 38 24.94 -11.82 -20.28
N ARG B 39 25.60 -11.72 -19.14
CA ARG B 39 26.01 -10.43 -18.62
C ARG B 39 26.82 -9.73 -19.73
N SER B 40 26.56 -8.45 -19.97
CA SER B 40 27.27 -7.69 -21.02
C SER B 40 27.66 -6.24 -20.62
N ILE B 41 28.87 -5.83 -21.00
CA ILE B 41 29.34 -4.46 -20.64
C ILE B 41 29.82 -3.62 -21.80
N ARG B 42 29.61 -2.32 -21.75
CA ARG B 42 30.19 -1.46 -22.75
C ARG B 42 31.06 -0.40 -22.13
N VAL B 43 32.28 -0.32 -22.63
CA VAL B 43 33.26 0.63 -22.15
C VAL B 43 32.93 2.08 -22.56
N ASN B 44 33.17 3.04 -21.67
CA ASN B 44 32.88 4.47 -21.89
C ASN B 44 34.11 5.25 -22.36
N THR B 45 34.26 5.20 -23.62
CA THR B 45 35.39 5.80 -24.27
C THR B 45 35.71 7.19 -23.78
N LEU B 46 34.67 7.96 -23.48
CA LEU B 46 34.79 9.34 -23.03
C LEU B 46 35.76 9.50 -21.85
N LYS B 47 35.96 8.40 -21.13
CA LYS B 47 36.68 8.38 -19.89
C LYS B 47 37.93 7.48 -19.92
N ILE B 48 37.98 6.53 -20.85
CA ILE B 48 39.07 5.55 -20.88
C ILE B 48 39.00 4.83 -22.21
N SER B 49 40.16 4.40 -22.72
CA SER B 49 40.22 3.69 -24.01
C SER B 49 39.81 2.27 -23.74
N VAL B 50 39.55 1.47 -24.77
CA VAL B 50 39.29 0.05 -24.53
C VAL B 50 40.55 -0.64 -24.02
N ALA B 51 41.64 -0.43 -24.75
CA ALA B 51 42.94 -0.97 -24.39
C ALA B 51 43.19 -0.78 -22.91
N ASP B 52 43.05 0.45 -22.44
CA ASP B 52 43.39 0.71 -21.08
C ASP B 52 42.43 0.03 -20.15
N PHE B 53 41.14 0.07 -20.44
CA PHE B 53 40.18 -0.65 -19.61
C PHE B 53 40.56 -2.12 -19.39
N LEU B 54 40.92 -2.77 -20.47
CA LEU B 54 41.30 -4.15 -20.43
C LEU B 54 42.51 -4.34 -19.50
N GLN B 55 43.49 -3.46 -19.65
CA GLN B 55 44.63 -3.48 -18.76
C GLN B 55 44.15 -3.34 -17.32
N LEU B 56 43.27 -2.37 -17.12
CA LEU B 56 42.90 -1.92 -15.81
C LEU B 56 42.11 -2.95 -15.03
N THR B 57 41.33 -3.78 -15.72
CA THR B 57 40.45 -4.72 -15.02
C THR B 57 40.94 -6.15 -15.10
N ALA B 58 42.10 -6.35 -15.73
CA ALA B 58 42.64 -7.69 -15.83
C ALA B 58 42.72 -8.39 -14.47
N PRO B 59 43.21 -7.73 -13.41
CA PRO B 59 43.14 -8.31 -12.07
C PRO B 59 41.82 -9.03 -11.70
N TYR B 60 40.68 -8.64 -12.25
CA TYR B 60 39.37 -9.16 -11.78
C TYR B 60 39.09 -10.55 -12.33
N GLY B 61 39.88 -10.97 -13.30
CA GLY B 61 39.72 -12.27 -13.92
C GLY B 61 38.30 -12.45 -14.44
N TRP B 62 37.93 -11.64 -15.43
CA TRP B 62 36.73 -11.94 -16.23
C TRP B 62 37.12 -12.47 -17.57
N THR B 63 36.33 -13.41 -18.06
CA THR B 63 36.44 -13.71 -19.47
C THR B 63 35.43 -12.81 -20.23
N LEU B 64 35.92 -12.16 -21.28
CA LEU B 64 35.15 -11.14 -22.02
C LEU B 64 35.12 -11.44 -23.55
N THR B 65 33.99 -11.96 -24.02
CA THR B 65 33.79 -12.21 -25.44
C THR B 65 33.46 -10.90 -26.17
N PRO B 66 34.15 -10.61 -27.27
CA PRO B 66 33.99 -9.32 -27.97
C PRO B 66 32.67 -9.29 -28.72
N ILE B 67 31.92 -8.21 -28.64
CA ILE B 67 30.67 -8.11 -29.40
C ILE B 67 30.96 -7.64 -30.83
N PRO B 68 30.45 -8.37 -31.82
CA PRO B 68 30.87 -8.16 -33.20
C PRO B 68 30.54 -6.79 -33.76
N TRP B 69 29.52 -6.12 -33.21
CA TRP B 69 29.02 -4.86 -33.79
C TRP B 69 29.35 -3.67 -32.93
N CYS B 70 30.28 -3.89 -32.02
CA CYS B 70 30.65 -2.84 -31.11
C CYS B 70 31.98 -3.17 -30.45
N GLU B 71 33.03 -2.50 -30.93
CA GLU B 71 34.36 -2.75 -30.43
C GLU B 71 34.49 -2.26 -29.00
N GLU B 72 33.52 -1.52 -28.50
CA GLU B 72 33.54 -1.14 -27.10
C GLU B 72 32.72 -2.08 -26.25
N GLY B 73 32.22 -3.17 -26.84
CA GLY B 73 31.32 -4.07 -26.13
C GLY B 73 31.84 -5.45 -25.85
N PHE B 74 31.46 -5.95 -24.67
CA PHE B 74 31.94 -7.27 -24.20
C PHE B 74 30.87 -8.05 -23.43
N TRP B 75 31.04 -9.37 -23.36
CA TRP B 75 30.05 -10.22 -22.74
C TRP B 75 30.43 -10.65 -21.32
N PRO B 85 29.23 -8.58 -8.29
CA PRO B 85 28.20 -7.53 -8.12
C PRO B 85 28.50 -6.32 -9.00
N LEU B 86 28.18 -6.43 -10.29
CA LEU B 86 28.70 -5.50 -11.30
C LEU B 86 28.62 -4.00 -10.99
N GLY B 87 27.45 -3.55 -10.53
CA GLY B 87 27.21 -2.13 -10.29
C GLY B 87 28.00 -1.59 -9.12
N SER B 88 28.45 -2.47 -8.23
CA SER B 88 29.19 -1.99 -7.06
C SER B 88 30.71 -2.17 -7.21
N THR B 89 31.17 -2.04 -8.44
CA THR B 89 32.59 -2.08 -8.75
C THR B 89 33.11 -0.64 -9.02
N ALA B 90 34.24 -0.28 -8.42
CA ALA B 90 34.88 1.05 -8.60
C ALA B 90 34.71 1.62 -10.01
N GLU B 91 35.08 0.80 -10.97
CA GLU B 91 35.00 1.18 -12.36
C GLU B 91 33.61 1.63 -12.75
N HIS B 92 32.59 0.93 -12.26
CA HIS B 92 31.25 1.30 -12.61
C HIS B 92 30.92 2.62 -12.03
N LEU B 93 31.38 2.80 -10.79
CA LEU B 93 31.08 4.01 -10.05
C LEU B 93 31.67 5.26 -10.65
N SER B 94 32.86 5.19 -11.23
CA SER B 94 33.46 6.34 -11.86
C SER B 94 33.13 6.42 -13.32
N GLY B 95 32.15 5.62 -13.75
CA GLY B 95 31.58 5.69 -15.10
C GLY B 95 32.46 5.23 -16.30
N LEU B 96 33.25 4.20 -16.09
CA LEU B 96 34.16 3.74 -17.13
C LEU B 96 33.51 2.65 -17.93
N PHE B 97 32.36 2.17 -17.47
CA PHE B 97 31.54 1.27 -18.31
C PHE B 97 30.07 1.34 -18.00
N TYR B 98 29.29 0.85 -18.93
CA TYR B 98 27.86 0.82 -18.79
C TYR B 98 27.38 -0.62 -18.81
N ILE B 99 26.53 -1.00 -17.85
CA ILE B 99 25.93 -2.34 -17.92
C ILE B 99 24.82 -2.23 -18.98
N GLN B 100 25.09 -2.68 -20.21
CA GLN B 100 24.02 -2.77 -21.22
C GLN B 100 24.13 -3.98 -22.06
N GLU B 101 22.97 -4.43 -22.51
CA GLU B 101 22.85 -5.66 -23.25
C GLU B 101 23.25 -5.38 -24.67
N ALA B 102 23.84 -6.40 -25.28
CA ALA B 102 24.36 -6.36 -26.63
C ALA B 102 23.36 -5.78 -27.63
N SER B 103 22.14 -6.30 -27.58
CA SER B 103 20.98 -5.88 -28.34
C SER B 103 20.88 -4.37 -28.51
N SER B 104 20.94 -3.63 -27.40
CA SER B 104 20.73 -2.19 -27.51
C SER B 104 21.92 -1.47 -28.15
N MSE B 105 23.03 -2.19 -28.29
CA MSE B 105 24.21 -1.55 -28.81
C MSE B 105 24.12 -1.44 -30.32
O MSE B 105 24.67 -0.54 -30.94
CB MSE B 105 25.43 -2.35 -28.43
CG MSE B 105 25.47 -2.69 -26.96
SE MSE B 105 27.32 -3.14 -26.54
CE MSE B 105 27.01 -4.63 -25.24
N LEU B 106 23.36 -2.36 -30.88
CA LEU B 106 23.23 -2.53 -32.29
C LEU B 106 22.59 -1.32 -32.99
N PRO B 107 21.49 -0.77 -32.47
CA PRO B 107 20.94 0.43 -33.09
C PRO B 107 21.89 1.60 -33.09
N VAL B 108 22.59 1.87 -31.98
CA VAL B 108 23.52 3.02 -31.93
C VAL B 108 24.67 2.76 -32.86
N ALA B 109 25.00 1.50 -33.07
CA ALA B 109 26.05 1.17 -34.01
C ALA B 109 25.63 1.56 -35.42
N ALA B 110 24.41 1.16 -35.79
CA ALA B 110 23.87 1.40 -37.11
C ALA B 110 23.79 2.90 -37.42
N LEU B 111 23.47 3.64 -36.35
CA LEU B 111 23.29 5.06 -36.43
C LEU B 111 24.56 5.81 -36.92
N PHE B 112 25.76 5.35 -36.53
CA PHE B 112 27.04 5.94 -37.00
C PHE B 112 27.80 5.02 -37.94
N ALA B 113 27.15 3.98 -38.45
CA ALA B 113 27.83 3.17 -39.44
C ALA B 113 28.20 4.03 -40.65
N ASP B 114 29.28 3.59 -41.32
CA ASP B 114 29.78 4.16 -42.57
C ASP B 114 30.22 5.58 -42.40
N GLY B 115 30.96 5.81 -41.32
CA GLY B 115 31.36 7.16 -40.91
C GLY B 115 30.25 8.20 -40.84
N ASN B 116 29.05 7.79 -40.56
CA ASN B 116 28.06 8.79 -40.40
C ASN B 116 28.40 9.49 -39.11
N ALA B 117 28.57 10.82 -39.19
CA ALA B 117 28.90 11.60 -38.01
C ALA B 117 27.89 12.77 -37.74
N PRO B 118 26.71 12.45 -37.20
CA PRO B 118 25.69 13.46 -37.02
C PRO B 118 26.09 14.36 -35.85
N GLN B 119 25.60 15.59 -35.86
CA GLN B 119 25.96 16.58 -34.86
C GLN B 119 24.79 16.96 -33.98
N ARG B 120 23.57 16.69 -34.43
CA ARG B 120 22.40 16.93 -33.61
C ARG B 120 21.47 15.73 -33.67
N VAL B 121 21.33 15.02 -32.55
CA VAL B 121 20.71 13.70 -32.56
C VAL B 121 19.57 13.61 -31.56
N MSE B 122 18.46 12.99 -31.95
CA MSE B 122 17.39 12.69 -30.98
C MSE B 122 17.31 11.24 -30.64
O MSE B 122 17.33 10.42 -31.53
CB MSE B 122 16.03 13.15 -31.51
CG MSE B 122 14.82 12.52 -30.83
SE MSE B 122 13.23 13.64 -31.07
CE MSE B 122 13.34 14.31 -29.31
N ASP B 123 17.20 10.96 -29.36
CA ASP B 123 16.85 9.62 -28.84
C ASP B 123 15.42 9.65 -28.29
N VAL B 124 14.51 8.97 -28.97
CA VAL B 124 13.07 9.14 -28.65
C VAL B 124 12.63 8.53 -27.30
N ALA B 125 13.03 7.28 -27.05
CA ALA B 125 12.79 6.56 -25.79
C ALA B 125 14.15 6.29 -25.15
N ALA B 126 14.66 7.29 -24.45
CA ALA B 126 16.04 7.32 -23.96
C ALA B 126 16.34 6.57 -22.65
N ALA B 127 15.37 6.45 -21.77
CA ALA B 127 15.57 5.75 -20.50
C ALA B 127 15.90 4.31 -20.79
N PRO B 128 16.77 3.68 -20.00
CA PRO B 128 17.40 4.30 -18.83
C PRO B 128 18.75 4.99 -19.13
N GLY B 129 19.08 5.13 -20.41
CA GLY B 129 20.23 5.87 -20.77
C GLY B 129 21.27 5.03 -21.42
N SER B 130 21.06 3.72 -21.51
CA SER B 130 22.04 2.87 -22.18
C SER B 130 22.44 3.41 -23.56
N LYS B 131 21.49 3.76 -24.41
CA LYS B 131 21.87 4.20 -25.77
C LYS B 131 22.37 5.65 -25.82
N THR B 132 21.68 6.51 -25.10
CA THR B 132 22.01 7.91 -24.99
C THR B 132 23.49 8.07 -24.69
N THR B 133 23.97 7.32 -23.68
CA THR B 133 25.35 7.47 -23.21
C THR B 133 26.25 6.97 -24.28
N GLN B 134 25.87 5.87 -24.88
CA GLN B 134 26.56 5.34 -26.04
C GLN B 134 26.71 6.37 -27.15
N ILE B 135 25.61 7.05 -27.49
CA ILE B 135 25.60 8.03 -28.58
C ILE B 135 26.57 9.10 -28.25
N SER B 136 26.48 9.60 -27.03
CA SER B 136 27.35 10.69 -26.70
C SER B 136 28.80 10.28 -26.86
N ALA B 137 29.18 9.13 -26.30
CA ALA B 137 30.55 8.67 -26.47
C ALA B 137 30.97 8.69 -27.94
N ARG B 138 30.13 8.16 -28.84
CA ARG B 138 30.47 8.17 -30.26
C ARG B 138 30.63 9.56 -30.83
N MSE B 139 30.05 10.55 -30.18
CA MSE B 139 30.02 11.88 -30.72
C MSE B 139 31.19 12.61 -30.10
O MSE B 139 31.40 13.80 -30.36
CB MSE B 139 28.73 12.58 -30.37
CG MSE B 139 27.55 12.02 -31.11
SE MSE B 139 25.99 12.98 -30.64
CE MSE B 139 26.33 14.66 -31.80
N ASN B 140 31.94 11.85 -29.32
CA ASN B 140 33.02 12.36 -28.50
C ASN B 140 32.60 13.56 -27.70
N ASN B 141 31.34 13.55 -27.25
CA ASN B 141 30.74 14.63 -26.46
C ASN B 141 30.63 15.97 -27.18
N GLU B 142 30.81 16.00 -28.49
CA GLU B 142 30.55 17.23 -29.21
C GLU B 142 29.11 17.27 -29.64
N GLY B 143 28.70 18.36 -30.27
CA GLY B 143 27.36 18.49 -30.81
C GLY B 143 26.37 18.50 -29.70
N ALA B 144 25.13 18.05 -29.96
CA ALA B 144 24.11 17.93 -28.90
C ALA B 144 23.09 16.80 -29.14
N ILE B 145 22.51 16.28 -28.04
CA ILE B 145 21.52 15.18 -28.06
C ILE B 145 20.23 15.56 -27.35
N LEU B 146 19.08 15.25 -27.97
CA LEU B 146 17.82 15.35 -27.23
C LEU B 146 17.40 13.97 -26.80
N ALA B 147 17.41 13.73 -25.49
CA ALA B 147 17.03 12.44 -24.93
C ALA B 147 15.62 12.52 -24.37
N ASN B 148 14.62 12.15 -25.15
CA ASN B 148 13.25 12.22 -24.64
C ASN B 148 12.89 10.96 -23.90
N GLU B 149 12.10 11.09 -22.84
CA GLU B 149 11.61 9.96 -22.09
C GLU B 149 10.18 10.23 -21.65
N PHE B 150 9.24 9.35 -22.01
CA PHE B 150 7.80 9.53 -21.72
C PHE B 150 7.44 9.45 -20.24
N SER B 151 8.03 8.51 -19.53
CA SER B 151 7.75 8.33 -18.10
C SER B 151 8.65 9.22 -17.24
N ALA B 152 8.03 10.01 -16.38
CA ALA B 152 8.71 10.92 -15.46
C ALA B 152 9.69 10.23 -14.53
N SER B 153 9.29 9.09 -13.98
CA SER B 153 10.11 8.28 -13.06
C SER B 153 11.45 7.94 -13.69
N ARG B 154 11.40 7.61 -14.97
CA ARG B 154 12.56 7.05 -15.64
C ARG B 154 13.48 8.12 -16.16
N VAL B 155 13.02 9.37 -16.13
CA VAL B 155 13.87 10.52 -16.47
C VAL B 155 14.99 10.70 -15.45
N LYS B 156 14.65 10.61 -14.17
CA LYS B 156 15.61 10.77 -13.08
C LYS B 156 16.66 9.68 -13.14
N VAL B 157 16.27 8.51 -13.61
CA VAL B 157 17.20 7.40 -13.80
C VAL B 157 18.14 7.75 -14.91
N LEU B 158 17.60 8.34 -15.99
CA LEU B 158 18.40 8.74 -17.18
C LEU B 158 19.45 9.74 -16.79
N HIS B 159 19.00 10.68 -15.99
CA HIS B 159 19.81 11.79 -15.61
C HIS B 159 20.97 11.30 -14.76
N ALA B 160 20.66 10.41 -13.82
CA ALA B 160 21.67 9.77 -12.97
C ALA B 160 22.73 9.14 -13.87
N ASN B 161 22.28 8.31 -14.80
CA ASN B 161 23.18 7.62 -15.67
C ASN B 161 24.04 8.49 -16.54
N ILE B 162 23.48 9.61 -16.99
CA ILE B 162 24.22 10.55 -17.83
C ILE B 162 25.29 11.18 -16.97
N SER B 163 24.91 11.59 -15.75
CA SER B 163 25.81 12.34 -14.91
C SER B 163 27.01 11.46 -14.53
N ARG B 164 26.71 10.20 -14.37
CA ARG B 164 27.69 9.19 -13.99
C ARG B 164 28.77 9.15 -15.07
N CYS B 165 28.38 9.27 -16.32
CA CYS B 165 29.36 9.09 -17.38
C CYS B 165 29.97 10.38 -17.80
N GLY B 166 29.63 11.45 -17.12
CA GLY B 166 30.22 12.73 -17.43
C GLY B 166 29.94 13.18 -18.84
N ILE B 167 28.72 12.91 -19.30
CA ILE B 167 28.17 13.42 -20.57
C ILE B 167 27.66 14.85 -20.35
N SER B 168 28.06 15.77 -21.23
CA SER B 168 27.56 17.13 -21.13
C SER B 168 26.84 17.63 -22.35
N ASN B 169 26.69 16.83 -23.40
CA ASN B 169 25.99 17.29 -24.58
C ASN B 169 24.55 16.80 -24.67
N VAL B 170 23.90 16.61 -23.55
CA VAL B 170 22.54 16.06 -23.58
C VAL B 170 21.53 17.02 -23.04
N ALA B 171 20.36 17.09 -23.68
CA ALA B 171 19.25 17.77 -23.04
C ALA B 171 18.14 16.75 -22.84
N LEU B 172 17.28 16.92 -21.83
CA LEU B 172 16.18 15.97 -21.67
C LEU B 172 14.84 16.64 -21.85
N THR B 173 13.97 15.96 -22.57
CA THR B 173 12.58 16.35 -22.60
C THR B 173 11.73 15.21 -22.11
N HIS B 174 10.48 15.53 -21.80
CA HIS B 174 9.51 14.58 -21.30
C HIS B 174 8.25 14.75 -22.11
N PHE B 175 8.21 14.09 -23.27
CA PHE B 175 7.06 14.17 -24.18
C PHE B 175 6.63 12.84 -24.71
N ASP B 176 5.43 12.82 -25.28
CA ASP B 176 4.93 11.64 -25.93
C ASP B 176 5.43 11.49 -27.36
N GLY B 177 6.72 11.67 -27.60
CA GLY B 177 7.31 11.15 -28.83
C GLY B 177 6.61 11.50 -30.15
N ARG B 178 5.30 11.35 -30.24
CA ARG B 178 4.57 11.72 -31.46
C ARG B 178 4.60 13.22 -31.71
N VAL B 179 4.76 13.98 -30.64
CA VAL B 179 4.79 15.43 -30.73
C VAL B 179 5.87 15.93 -31.67
N PHE B 180 7.01 15.26 -31.72
CA PHE B 180 8.22 15.82 -32.29
C PHE B 180 8.13 16.31 -33.73
N GLY B 181 7.58 15.45 -34.60
CA GLY B 181 7.46 15.75 -36.02
C GLY B 181 6.85 17.09 -36.40
N ALA B 182 5.94 17.61 -35.59
CA ALA B 182 5.26 18.81 -35.92
C ALA B 182 5.88 19.94 -35.13
N ALA B 183 6.39 19.61 -33.94
CA ALA B 183 6.96 20.55 -32.98
C ALA B 183 8.26 21.13 -33.46
N VAL B 184 9.03 20.31 -34.18
CA VAL B 184 10.42 20.58 -34.49
C VAL B 184 10.78 19.95 -35.85
N PRO B 185 10.07 20.34 -36.92
CA PRO B 185 10.27 19.80 -38.25
C PRO B 185 11.67 19.33 -38.61
N GLU B 186 12.42 19.97 -39.48
CA GLU B 186 13.62 19.26 -39.97
C GLU B 186 14.87 19.47 -39.11
N MSE B 187 14.77 19.12 -37.84
CA MSE B 187 15.73 19.56 -36.85
C MSE B 187 16.95 18.67 -36.68
O MSE B 187 18.04 19.14 -36.40
CB MSE B 187 15.00 19.69 -35.50
CG MSE B 187 15.81 20.32 -34.40
SE MSE B 187 16.27 22.21 -34.84
CE MSE B 187 14.78 22.79 -36.31
N PHE B 188 16.78 17.38 -36.82
CA PHE B 188 17.79 16.46 -36.40
C PHE B 188 18.46 15.83 -37.57
N ASP B 189 19.76 15.68 -37.48
CA ASP B 189 20.46 15.06 -38.57
C ASP B 189 20.61 13.56 -38.34
N ALA B 190 20.29 13.12 -37.12
CA ALA B 190 20.06 11.68 -36.86
C ALA B 190 19.06 11.45 -35.73
N ILE B 191 18.23 10.40 -35.86
CA ILE B 191 17.26 10.04 -34.79
C ILE B 191 17.22 8.56 -34.54
N LEU B 192 17.21 8.16 -33.29
CA LEU B 192 17.10 6.73 -32.97
C LEU B 192 15.75 6.49 -32.38
N LEU B 193 14.90 5.82 -33.13
CA LEU B 193 13.63 5.54 -32.56
C LEU B 193 13.60 4.06 -32.24
N ASP B 194 13.74 3.80 -30.95
CA ASP B 194 13.70 2.48 -30.40
C ASP B 194 12.32 2.25 -29.75
N ALA B 195 11.38 1.76 -30.56
CA ALA B 195 9.94 1.87 -30.28
C ALA B 195 9.43 0.86 -29.24
N PRO B 196 8.70 1.38 -28.25
CA PRO B 196 7.82 0.59 -27.45
C PRO B 196 7.11 -0.43 -28.32
N CYS B 197 7.30 -1.71 -27.97
CA CYS B 197 6.84 -2.84 -28.79
C CYS B 197 6.26 -3.97 -27.90
N SER B 198 6.13 -5.18 -28.47
CA SER B 198 5.58 -6.34 -27.77
C SER B 198 6.60 -7.13 -26.92
N GLY B 199 7.87 -6.75 -27.00
CA GLY B 199 8.89 -7.29 -26.09
C GLY B 199 9.17 -8.77 -26.18
N GLU B 200 8.96 -9.35 -27.36
CA GLU B 200 9.11 -10.78 -27.60
C GLU B 200 10.56 -11.22 -27.57
N GLY B 201 11.46 -10.28 -27.85
CA GLY B 201 12.89 -10.53 -27.73
C GLY B 201 13.34 -10.52 -26.27
N VAL B 202 12.48 -9.96 -25.41
CA VAL B 202 12.76 -9.75 -23.99
C VAL B 202 12.55 -10.99 -23.10
N VAL B 203 12.14 -12.13 -23.66
CA VAL B 203 11.85 -13.30 -22.79
C VAL B 203 13.07 -13.84 -22.06
N ARG B 204 14.25 -13.63 -22.63
CA ARG B 204 15.48 -14.04 -21.97
C ARG B 204 15.72 -13.30 -20.63
N LYS B 205 15.49 -11.97 -20.58
CA LYS B 205 15.63 -11.24 -19.30
C LYS B 205 14.49 -11.51 -18.30
N ASP B 206 13.24 -11.53 -18.78
CA ASP B 206 12.17 -12.02 -17.90
C ASP B 206 11.28 -13.08 -18.55
N PRO B 207 11.18 -14.20 -17.84
CA PRO B 207 10.56 -15.40 -18.40
C PRO B 207 9.05 -15.27 -18.59
N ASP B 208 8.45 -14.16 -18.13
CA ASP B 208 7.00 -13.93 -18.28
C ASP B 208 6.69 -12.64 -19.04
N ALA B 209 7.73 -12.04 -19.63
CA ALA B 209 7.62 -10.72 -20.28
C ALA B 209 6.33 -10.53 -21.10
N LEU B 210 6.05 -11.42 -22.04
CA LEU B 210 4.95 -11.15 -22.99
C LEU B 210 3.58 -11.38 -22.38
N LYS B 211 3.43 -12.49 -21.65
CA LYS B 211 2.16 -13.01 -21.05
C LYS B 211 0.83 -12.33 -21.48
N ASN B 212 0.83 -10.99 -21.46
CA ASN B 212 -0.24 -10.11 -21.99
C ASN B 212 -0.21 -9.94 -23.54
N TRP B 213 0.31 -10.96 -24.24
CA TRP B 213 0.56 -10.91 -25.68
C TRP B 213 -0.69 -11.26 -26.45
N SER B 214 -1.03 -10.45 -27.46
CA SER B 214 -2.17 -10.74 -28.35
C SER B 214 -2.06 -9.98 -29.70
N PRO B 215 -2.38 -10.66 -30.80
CA PRO B 215 -2.26 -10.06 -32.15
C PRO B 215 -3.00 -8.73 -32.31
N GLU B 216 -4.13 -8.59 -31.59
CA GLU B 216 -4.90 -7.35 -31.52
C GLU B 216 -4.12 -6.31 -30.71
N SER B 217 -3.71 -6.68 -29.50
CA SER B 217 -2.83 -5.81 -28.72
C SER B 217 -1.59 -5.44 -29.53
N ASN B 218 -1.29 -6.22 -30.57
CA ASN B 218 -0.16 -5.98 -31.48
C ASN B 218 -0.50 -4.93 -32.53
N GLN B 219 -1.67 -5.09 -33.14
CA GLN B 219 -2.10 -4.16 -34.17
C GLN B 219 -2.06 -2.73 -33.63
N GLU B 220 -2.50 -2.58 -32.37
CA GLU B 220 -2.54 -1.31 -31.64
C GLU B 220 -1.14 -0.75 -31.39
N ILE B 221 -0.25 -1.60 -30.87
CA ILE B 221 1.12 -1.18 -30.63
C ILE B 221 1.77 -0.76 -31.95
N ALA B 222 1.46 -1.49 -33.04
CA ALA B 222 1.93 -1.17 -34.39
C ALA B 222 1.38 0.16 -34.87
N ALA B 223 0.12 0.44 -34.56
CA ALA B 223 -0.45 1.74 -34.89
C ALA B 223 0.35 2.87 -34.25
N THR B 224 0.65 2.75 -32.95
CA THR B 224 1.51 3.71 -32.26
C THR B 224 2.90 3.78 -32.89
N GLN B 225 3.43 2.63 -33.29
CA GLN B 225 4.74 2.55 -33.91
C GLN B 225 4.79 3.30 -35.24
N ARG B 226 3.69 3.29 -35.99
CA ARG B 226 3.63 4.11 -37.17
C ARG B 226 3.66 5.61 -36.88
N GLU B 227 2.80 6.06 -35.98
CA GLU B 227 2.74 7.45 -35.56
C GLU B 227 4.07 7.97 -35.07
N LEU B 228 4.76 7.11 -34.33
CA LEU B 228 6.05 7.42 -33.75
C LEU B 228 7.05 7.69 -34.85
N ILE B 229 7.07 6.79 -35.84
CA ILE B 229 8.07 6.83 -36.91
C ILE B 229 7.78 7.96 -37.85
N ASP B 230 6.49 8.24 -38.07
CA ASP B 230 6.08 9.41 -38.85
C ASP B 230 6.59 10.66 -38.15
N SER B 231 6.26 10.81 -36.87
CA SER B 231 6.74 11.94 -36.09
C SER B 231 8.24 12.05 -36.25
N ALA B 232 8.96 10.98 -35.97
CA ALA B 232 10.41 10.98 -36.11
C ALA B 232 10.88 11.37 -37.52
N PHE B 233 10.27 10.80 -38.55
CA PHE B 233 10.68 11.10 -39.91
C PHE B 233 10.55 12.57 -40.21
N HIS B 234 9.52 13.18 -39.63
CA HIS B 234 9.19 14.57 -39.87
C HIS B 234 10.18 15.43 -39.15
N ALA B 235 10.70 14.93 -38.04
CA ALA B 235 11.66 15.64 -37.22
C ALA B 235 13.11 15.55 -37.77
N LEU B 236 13.29 14.78 -38.83
CA LEU B 236 14.62 14.49 -39.36
C LEU B 236 14.92 15.30 -40.62
N ARG B 237 16.00 16.08 -40.58
CA ARG B 237 16.33 16.97 -41.69
C ARG B 237 16.65 16.10 -42.88
N PRO B 238 16.40 16.60 -44.07
CA PRO B 238 16.74 15.87 -45.27
C PRO B 238 18.23 15.58 -45.27
N GLY B 239 18.58 14.40 -45.77
CA GLY B 239 19.95 13.92 -45.74
C GLY B 239 20.17 13.00 -44.55
N GLY B 240 19.39 13.18 -43.50
CA GLY B 240 19.61 12.51 -42.21
C GLY B 240 19.20 11.06 -42.17
N THR B 241 19.63 10.40 -41.12
CA THR B 241 19.59 8.98 -40.97
C THR B 241 18.69 8.75 -39.80
N LEU B 242 17.83 7.75 -39.91
CA LEU B 242 16.91 7.44 -38.85
C LEU B 242 17.02 5.98 -38.54
N VAL B 243 17.29 5.62 -37.30
CA VAL B 243 17.25 4.20 -36.97
C VAL B 243 15.98 3.76 -36.25
N TYR B 244 15.38 2.71 -36.73
CA TYR B 244 14.19 2.19 -36.11
C TYR B 244 14.51 0.82 -35.58
N SER B 245 14.27 0.60 -34.31
CA SER B 245 14.50 -0.71 -33.73
C SER B 245 13.41 -1.06 -32.73
N THR B 246 13.19 -2.35 -32.55
CA THR B 246 12.34 -2.87 -31.48
C THR B 246 12.98 -4.12 -30.90
N CYS B 247 12.47 -4.55 -29.76
CA CYS B 247 12.94 -5.83 -29.30
C CYS B 247 11.83 -6.87 -29.36
N THR B 248 11.02 -6.77 -30.42
CA THR B 248 10.06 -7.82 -30.73
C THR B 248 10.53 -8.46 -32.04
N LEU B 249 9.93 -9.58 -32.42
CA LEU B 249 10.44 -10.30 -33.56
C LEU B 249 9.43 -10.56 -34.69
N ASN B 250 8.18 -10.18 -34.52
CA ASN B 250 7.23 -10.33 -35.63
C ASN B 250 7.37 -9.25 -36.72
N GLN B 251 6.58 -9.40 -37.78
CA GLN B 251 6.66 -8.54 -38.95
C GLN B 251 5.87 -7.27 -38.81
N GLU B 252 4.73 -7.39 -38.14
CA GLU B 252 3.77 -6.31 -38.08
C GLU B 252 4.34 -5.05 -37.39
N GLU B 253 5.19 -5.26 -36.40
CA GLU B 253 5.76 -4.13 -35.66
C GLU B 253 7.12 -3.70 -36.15
N ASN B 254 7.67 -4.45 -37.10
CA ASN B 254 9.03 -4.24 -37.58
C ASN B 254 9.07 -3.87 -39.04
N GLU B 255 9.20 -4.88 -39.90
CA GLU B 255 9.26 -4.66 -41.33
C GLU B 255 8.04 -3.90 -41.81
N ALA B 256 6.85 -4.30 -41.37
CA ALA B 256 5.60 -3.68 -41.82
C ALA B 256 5.57 -2.19 -41.53
N VAL B 257 6.27 -1.77 -40.48
CA VAL B 257 6.24 -0.39 -40.02
C VAL B 257 7.18 0.41 -40.94
N CYS B 258 8.36 -0.14 -41.16
CA CYS B 258 9.29 0.45 -42.07
C CYS B 258 8.72 0.47 -43.48
N LEU B 259 8.17 -0.64 -43.95
CA LEU B 259 7.55 -0.67 -45.28
C LEU B 259 6.43 0.36 -45.44
N TRP B 260 5.63 0.52 -44.38
CA TRP B 260 4.59 1.54 -44.37
C TRP B 260 5.15 2.93 -44.65
N LEU B 261 6.21 3.28 -43.90
CA LEU B 261 6.74 4.61 -43.96
C LEU B 261 7.18 4.93 -45.38
N LYS B 262 7.83 3.97 -46.01
CA LYS B 262 8.18 4.12 -47.40
C LYS B 262 6.96 4.21 -48.31
N GLU B 263 5.88 3.49 -48.02
CA GLU B 263 4.69 3.70 -48.84
C GLU B 263 4.16 5.13 -48.69
N THR B 264 4.33 5.73 -47.52
CA THR B 264 3.72 7.04 -47.25
C THR B 264 4.51 8.22 -47.83
N TYR B 265 5.80 8.00 -48.08
CA TYR B 265 6.66 9.01 -48.66
C TYR B 265 7.61 8.29 -49.61
N PRO B 266 7.06 7.75 -50.68
CA PRO B 266 7.81 6.82 -51.52
C PRO B 266 9.08 7.38 -52.11
N ASP B 267 9.06 8.67 -52.43
CA ASP B 267 10.21 9.31 -53.04
C ASP B 267 11.17 9.94 -52.04
N ALA B 268 10.84 9.88 -50.74
CA ALA B 268 11.69 10.50 -49.70
C ALA B 268 12.44 9.52 -48.78
N VAL B 269 12.14 8.23 -48.88
CA VAL B 269 12.68 7.23 -47.96
C VAL B 269 13.61 6.26 -48.65
N GLU B 270 14.84 6.12 -48.14
CA GLU B 270 15.80 5.21 -48.71
C GLU B 270 16.25 4.21 -47.64
N PHE B 271 16.03 2.91 -47.85
CA PHE B 271 16.56 1.94 -46.91
C PHE B 271 18.07 1.82 -47.16
N LEU B 272 18.82 1.62 -46.09
CA LEU B 272 20.25 1.67 -46.13
C LEU B 272 20.80 0.39 -45.53
N PRO B 273 20.92 -0.65 -46.36
CA PRO B 273 21.32 -1.95 -45.88
C PRO B 273 22.39 -1.96 -44.82
N LEU B 274 22.24 -2.91 -43.90
CA LEU B 274 23.11 -3.04 -42.75
C LEU B 274 23.99 -4.28 -42.81
N GLY B 275 24.00 -4.98 -43.95
CA GLY B 275 24.76 -6.19 -44.10
C GLY B 275 26.26 -6.10 -43.89
N ASP B 276 26.82 -4.90 -44.01
CA ASP B 276 28.27 -4.77 -43.86
C ASP B 276 28.58 -4.28 -42.49
N LEU B 277 27.52 -4.09 -41.71
CA LEU B 277 27.63 -3.44 -40.40
C LEU B 277 28.73 -4.06 -39.56
N PHE B 278 28.76 -5.39 -39.50
CA PHE B 278 29.74 -6.14 -38.74
C PHE B 278 29.96 -7.49 -39.42
N PRO B 279 31.05 -8.19 -39.08
CA PRO B 279 31.33 -9.50 -39.74
C PRO B 279 30.33 -10.47 -39.15
N GLY B 280 29.53 -11.12 -40.00
CA GLY B 280 28.45 -11.99 -39.52
C GLY B 280 27.07 -11.37 -39.67
N ALA B 281 27.05 -10.06 -39.91
CA ALA B 281 25.84 -9.31 -40.10
C ALA B 281 24.94 -10.00 -41.11
N ASN B 282 25.49 -10.47 -42.22
CA ASN B 282 24.66 -11.21 -43.17
C ASN B 282 23.67 -12.17 -42.58
N LYS B 283 24.09 -12.93 -41.59
CA LYS B 283 23.22 -13.95 -41.02
C LYS B 283 21.82 -13.47 -40.66
N ALA B 284 21.69 -12.17 -40.35
CA ALA B 284 20.42 -11.59 -39.94
C ALA B 284 19.83 -10.60 -40.96
N LEU B 285 20.49 -10.48 -42.10
CA LEU B 285 20.08 -9.58 -43.17
C LEU B 285 18.73 -9.91 -43.77
N THR B 286 17.89 -8.91 -43.91
CA THR B 286 16.62 -9.10 -44.59
C THR B 286 16.76 -8.43 -45.95
N GLU B 287 15.89 -8.80 -46.90
CA GLU B 287 15.98 -8.29 -48.28
C GLU B 287 15.84 -6.80 -48.41
N GLU B 288 15.45 -6.12 -47.35
CA GLU B 288 15.40 -4.69 -47.40
C GLU B 288 16.67 -4.09 -46.88
N GLY B 289 17.46 -4.86 -46.13
CA GLY B 289 18.72 -4.35 -45.54
C GLY B 289 18.59 -4.14 -44.04
N PHE B 290 17.50 -4.65 -43.49
CA PHE B 290 17.24 -4.62 -42.08
C PHE B 290 17.94 -5.78 -41.44
N LEU B 291 18.22 -5.70 -40.16
CA LEU B 291 18.71 -6.88 -39.46
C LEU B 291 17.64 -7.35 -38.53
N HIS B 292 17.19 -8.57 -38.74
CA HIS B 292 16.14 -9.12 -37.95
C HIS B 292 16.81 -10.15 -37.06
N VAL B 293 17.36 -9.70 -35.94
CA VAL B 293 18.19 -10.56 -35.13
C VAL B 293 17.37 -11.45 -34.20
N PHE B 294 17.30 -12.71 -34.56
CA PHE B 294 16.76 -13.72 -33.67
C PHE B 294 17.80 -13.99 -32.59
N PRO B 295 17.35 -14.45 -31.43
CA PRO B 295 18.17 -14.39 -30.24
C PRO B 295 19.33 -15.41 -30.34
N GLN B 296 19.06 -16.53 -30.99
CA GLN B 296 20.03 -17.58 -31.14
C GLN B 296 21.07 -17.37 -32.25
N ILE B 297 20.87 -16.36 -33.10
CA ILE B 297 21.87 -16.10 -34.11
C ILE B 297 23.22 -15.74 -33.49
N TYR B 298 23.26 -14.71 -32.65
CA TYR B 298 24.52 -14.29 -32.04
C TYR B 298 24.59 -14.60 -30.55
N ASP B 299 23.73 -15.52 -30.12
CA ASP B 299 23.45 -15.78 -28.70
C ASP B 299 23.18 -14.46 -27.95
N CYS B 300 21.92 -14.00 -27.96
CA CYS B 300 21.50 -12.82 -27.18
C CYS B 300 20.00 -12.55 -27.24
N GLU B 301 19.59 -11.30 -27.03
CA GLU B 301 18.17 -10.94 -27.00
C GLU B 301 17.60 -10.95 -28.42
N GLY B 302 16.27 -10.81 -28.56
CA GLY B 302 15.62 -10.74 -29.88
C GLY B 302 15.38 -9.30 -30.24
N PHE B 303 15.74 -8.93 -31.48
CA PHE B 303 15.91 -7.52 -31.82
C PHE B 303 15.69 -7.27 -33.32
N PHE B 304 15.27 -6.04 -33.67
CA PHE B 304 15.12 -5.63 -35.07
C PHE B 304 15.75 -4.27 -35.31
N VAL B 305 16.53 -4.12 -36.35
CA VAL B 305 17.07 -2.79 -36.62
C VAL B 305 16.92 -2.35 -38.07
N ALA B 306 16.50 -1.10 -38.27
CA ALA B 306 16.39 -0.60 -39.61
C ALA B 306 16.94 0.78 -39.70
N ARG B 307 17.65 1.02 -40.78
CA ARG B 307 18.31 2.29 -40.98
C ARG B 307 17.79 2.87 -42.30
N LEU B 308 17.32 4.10 -42.24
CA LEU B 308 16.91 4.72 -43.49
C LEU B 308 17.34 6.18 -43.56
N ARG B 309 17.36 6.70 -44.78
CA ARG B 309 17.71 8.08 -45.00
C ARG B 309 16.55 8.82 -45.63
N LYS B 310 16.27 10.01 -45.11
CA LYS B 310 15.36 10.93 -45.81
C LYS B 310 16.08 11.58 -47.00
N THR B 311 15.60 11.32 -48.22
CA THR B 311 16.32 11.86 -49.38
C THR B 311 15.79 13.18 -49.88
N GLN B 312 14.77 13.74 -49.23
CA GLN B 312 14.02 14.84 -49.79
C GLN B 312 13.22 15.51 -48.70
N ALA B 313 12.88 16.78 -48.92
CA ALA B 313 11.90 17.44 -48.04
C ALA B 313 10.52 16.76 -48.23
N ILE B 314 9.77 16.56 -47.13
CA ILE B 314 8.38 16.08 -47.26
C ILE B 314 7.46 17.25 -46.88
N PRO B 315 6.21 17.22 -47.30
CA PRO B 315 5.19 18.22 -46.94
C PRO B 315 5.14 18.60 -45.47
N ALA B 316 4.70 19.80 -45.14
CA ALA B 316 4.68 20.22 -43.71
C ALA B 316 3.39 19.86 -43.00
N LEU B 317 3.46 19.83 -41.68
CA LEU B 317 2.28 19.63 -40.87
C LEU B 317 1.93 21.02 -40.39
N PRO B 318 0.69 21.26 -39.98
CA PRO B 318 0.36 22.55 -39.38
C PRO B 318 1.10 22.84 -38.07
N ALA B 319 1.23 21.80 -37.23
CA ALA B 319 0.80 21.87 -35.81
C ALA B 319 1.72 22.45 -34.69
N PRO B 320 1.96 23.76 -34.73
CA PRO B 320 2.67 24.41 -33.66
C PRO B 320 1.60 25.03 -32.74
N LYS B 321 0.98 24.16 -31.95
CA LYS B 321 -0.13 24.49 -31.05
C LYS B 321 0.31 25.00 -29.66
N TYR B 322 1.35 24.38 -29.09
CA TYR B 322 1.67 24.50 -27.63
C TYR B 322 2.65 25.63 -27.21
N LYS B 323 2.52 26.80 -27.85
CA LYS B 323 3.54 27.86 -27.69
C LYS B 323 4.18 27.98 -26.28
N VAL B 324 5.52 27.87 -26.33
CA VAL B 324 6.38 27.32 -25.29
C VAL B 324 6.78 28.28 -24.17
N GLY B 325 6.30 29.53 -24.23
CA GLY B 325 6.55 30.49 -23.15
C GLY B 325 8.02 30.70 -22.79
N ASN B 326 8.25 31.48 -21.73
CA ASN B 326 9.59 31.92 -21.36
C ASN B 326 10.57 30.84 -21.03
N PHE B 327 11.79 30.96 -21.56
CA PHE B 327 12.91 30.08 -21.21
C PHE B 327 13.57 30.68 -19.99
N PRO B 328 13.76 29.91 -18.93
CA PRO B 328 14.17 30.50 -17.67
C PRO B 328 15.67 30.82 -17.55
N PHE B 329 16.46 30.55 -18.59
CA PHE B 329 17.88 30.83 -18.52
C PHE B 329 18.27 31.91 -19.54
N SER B 330 19.30 32.68 -19.20
CA SER B 330 19.88 33.68 -20.08
C SER B 330 21.37 33.41 -20.20
N PRO B 331 21.94 33.66 -21.38
CA PRO B 331 23.36 33.33 -21.57
C PRO B 331 24.17 34.33 -20.75
N VAL B 332 25.29 33.88 -20.18
CA VAL B 332 26.13 34.77 -19.34
C VAL B 332 26.98 35.75 -20.18
N LYS B 333 27.03 37.01 -19.76
CA LYS B 333 27.77 38.03 -20.49
C LYS B 333 29.28 37.78 -20.45
N ASP B 334 30.00 38.36 -21.39
CA ASP B 334 31.40 37.98 -21.60
C ASP B 334 32.29 38.29 -20.42
N ARG B 335 32.26 39.55 -19.99
CA ARG B 335 32.70 39.98 -18.68
C ARG B 335 32.85 38.81 -17.72
N GLU B 336 31.69 38.34 -17.28
CA GLU B 336 31.60 37.31 -16.25
C GLU B 336 31.98 35.90 -16.72
N ALA B 337 31.45 35.52 -17.88
CA ALA B 337 31.83 34.27 -18.51
C ALA B 337 33.33 34.03 -18.33
N GLY B 338 34.14 35.05 -18.67
CA GLY B 338 35.60 34.95 -18.63
C GLY B 338 36.05 34.58 -17.23
N GLN B 339 35.63 35.40 -16.28
CA GLN B 339 35.90 35.21 -14.87
C GLN B 339 35.46 33.86 -14.29
N ILE B 340 34.41 33.25 -14.84
CA ILE B 340 34.04 31.88 -14.40
C ILE B 340 34.97 30.82 -14.99
N ARG B 341 35.19 30.85 -16.32
CA ARG B 341 36.10 29.89 -17.00
C ARG B 341 37.41 29.84 -16.20
N GLN B 342 37.93 31.02 -15.88
CA GLN B 342 39.16 31.16 -15.16
C GLN B 342 39.03 30.56 -13.76
N ALA B 343 37.92 30.84 -13.09
CA ALA B 343 37.69 30.35 -11.74
C ALA B 343 37.60 28.82 -11.71
N ALA B 344 37.05 28.25 -12.76
CA ALA B 344 36.79 26.85 -12.84
C ALA B 344 38.09 26.17 -13.16
N THR B 345 38.84 26.79 -14.07
CA THR B 345 40.10 26.27 -14.51
C THR B 345 40.93 26.09 -13.29
N GLY B 346 40.86 27.09 -12.41
CA GLY B 346 41.65 27.13 -11.21
C GLY B 346 41.34 26.01 -10.26
N VAL B 347 40.29 25.25 -10.57
CA VAL B 347 39.86 24.12 -9.73
C VAL B 347 39.90 22.79 -10.48
N GLY B 348 40.31 22.80 -11.75
CA GLY B 348 40.53 21.56 -12.51
C GLY B 348 39.41 21.27 -13.50
N LEU B 349 38.46 22.19 -13.62
CA LEU B 349 37.32 22.07 -14.52
C LEU B 349 37.52 22.93 -15.77
N ASN B 350 37.36 22.26 -16.93
CA ASN B 350 37.41 22.94 -18.23
C ASN B 350 36.40 22.43 -19.24
N TRP B 351 36.04 23.30 -20.19
CA TRP B 351 35.09 22.98 -21.25
C TRP B 351 35.70 23.23 -22.61
N ASP B 352 35.10 22.60 -23.62
CA ASP B 352 35.43 22.89 -25.00
C ASP B 352 34.78 24.17 -25.36
N GLU B 353 34.99 24.43 -26.64
CA GLU B 353 34.19 25.31 -27.46
C GLU B 353 32.76 24.79 -27.67
N ASN B 354 32.45 23.54 -27.33
CA ASN B 354 31.09 23.04 -27.59
C ASN B 354 30.06 23.55 -26.62
N LEU B 355 30.51 24.06 -25.48
CA LEU B 355 29.64 24.50 -24.43
C LEU B 355 29.70 26.00 -24.20
N ARG B 356 28.60 26.54 -23.70
CA ARG B 356 28.47 27.98 -23.42
C ARG B 356 27.78 28.09 -22.09
N LEU B 357 28.11 29.11 -21.33
CA LEU B 357 27.49 29.26 -20.01
C LEU B 357 26.16 30.02 -20.02
N TRP B 358 25.16 29.41 -19.41
CA TRP B 358 23.89 30.08 -19.14
C TRP B 358 23.76 30.21 -17.66
N GLN B 359 22.81 31.02 -17.22
CA GLN B 359 22.53 31.17 -15.79
C GLN B 359 21.05 31.33 -15.55
N ARG B 360 20.63 31.07 -14.32
CA ARG B 360 19.25 31.20 -13.94
C ARG B 360 19.14 31.96 -12.60
N ASP B 361 19.58 31.34 -11.52
CA ASP B 361 19.50 32.04 -10.26
C ASP B 361 20.92 32.27 -9.75
N LYS B 362 21.24 31.69 -8.58
CA LYS B 362 22.63 31.59 -8.19
C LYS B 362 23.25 30.54 -9.10
N GLU B 363 22.40 29.85 -9.86
CA GLU B 363 22.74 28.69 -10.65
C GLU B 363 23.60 29.05 -11.86
N LEU B 364 24.50 28.15 -12.23
CA LEU B 364 25.40 28.36 -13.37
C LEU B 364 25.51 27.14 -14.28
N TRP B 365 24.97 27.24 -15.49
CA TRP B 365 24.81 26.10 -16.36
C TRP B 365 25.71 26.14 -17.59
N LEU B 366 26.04 24.99 -18.13
CA LEU B 366 26.67 24.88 -19.43
C LEU B 366 25.74 24.11 -20.35
N PHE B 367 25.36 24.73 -21.47
CA PHE B 367 24.58 24.05 -22.50
C PHE B 367 25.42 23.92 -23.74
N PRO B 368 25.21 22.83 -24.49
CA PRO B 368 25.88 22.63 -25.79
C PRO B 368 25.27 23.51 -26.85
N VAL B 369 26.11 24.18 -27.64
CA VAL B 369 25.61 25.05 -28.72
C VAL B 369 24.65 24.29 -29.63
N GLY B 370 24.97 23.04 -29.91
CA GLY B 370 24.07 22.17 -30.65
C GLY B 370 22.61 22.35 -30.31
N ILE B 371 22.33 22.54 -29.03
CA ILE B 371 20.96 22.54 -28.56
C ILE B 371 20.28 23.87 -28.70
N GLU B 372 21.06 24.95 -28.77
CA GLU B 372 20.47 26.30 -28.82
C GLU B 372 19.26 26.39 -29.77
N ALA B 373 19.38 25.80 -30.95
CA ALA B 373 18.34 25.91 -31.96
C ALA B 373 16.93 25.44 -31.53
N LEU B 374 16.84 24.64 -30.48
CA LEU B 374 15.54 24.08 -30.12
C LEU B 374 14.86 24.89 -29.00
N ILE B 375 15.65 25.64 -28.24
CA ILE B 375 15.12 26.52 -27.24
C ILE B 375 13.92 27.29 -27.77
N GLY B 376 12.77 27.05 -27.19
CA GLY B 376 11.60 27.81 -27.56
C GLY B 376 10.70 27.05 -28.50
N LYS B 377 11.22 25.95 -29.03
CA LYS B 377 10.42 25.02 -29.84
C LYS B 377 9.89 23.87 -29.00
N VAL B 378 10.58 23.57 -27.89
CA VAL B 378 10.15 22.55 -26.88
C VAL B 378 10.51 22.91 -25.45
N ARG B 379 9.68 22.48 -24.50
CA ARG B 379 9.93 22.69 -23.07
C ARG B 379 10.96 21.64 -22.65
N PHE B 380 12.06 22.08 -22.06
CA PHE B 380 13.06 21.13 -21.67
C PHE B 380 12.89 20.80 -20.23
N SER B 381 13.22 19.58 -19.90
CA SER B 381 13.18 19.17 -18.53
C SER B 381 14.54 19.44 -17.85
N ARG B 382 15.62 19.50 -18.63
CA ARG B 382 16.99 19.72 -18.12
C ARG B 382 17.88 19.94 -19.33
N LEU B 383 18.98 20.68 -19.21
CA LEU B 383 19.89 20.86 -20.35
C LEU B 383 21.33 20.94 -19.91
N GLY B 384 22.21 20.23 -20.59
CA GLY B 384 23.64 20.31 -20.30
C GLY B 384 24.00 19.91 -18.89
N ILE B 385 24.93 20.63 -18.27
CA ILE B 385 25.20 20.37 -16.86
C ILE B 385 25.12 21.59 -15.99
N LYS B 386 24.80 21.40 -14.72
CA LYS B 386 24.94 22.48 -13.74
C LYS B 386 26.42 22.56 -13.40
N LEU B 387 27.05 23.70 -13.65
CA LEU B 387 28.46 23.88 -13.28
C LEU B 387 28.62 24.27 -11.82
N ALA B 388 27.88 25.26 -11.38
CA ALA B 388 28.01 25.78 -10.02
C ALA B 388 26.76 26.50 -9.55
N GLU B 389 26.76 26.75 -8.25
CA GLU B 389 25.80 27.59 -7.57
C GLU B 389 26.63 28.75 -7.03
N THR B 390 26.29 30.01 -7.33
CA THR B 390 27.01 31.13 -6.73
C THR B 390 26.64 31.26 -5.22
N HIS B 391 27.64 31.38 -4.38
CA HIS B 391 27.37 31.78 -3.00
C HIS B 391 28.46 32.71 -2.49
N ASN B 392 28.01 33.89 -2.05
CA ASN B 392 28.90 35.00 -1.81
C ASN B 392 29.74 35.27 -3.07
N LYS B 393 30.96 35.76 -2.91
CA LYS B 393 31.79 35.91 -4.12
C LYS B 393 32.26 34.55 -4.73
N GLY B 394 31.88 33.45 -4.06
CA GLY B 394 32.31 32.11 -4.41
C GLY B 394 31.38 31.26 -5.27
N TYR B 395 31.66 29.95 -5.27
CA TYR B 395 30.94 28.97 -6.05
C TYR B 395 30.93 27.59 -5.38
N ARG B 396 29.79 26.89 -5.36
CA ARG B 396 29.78 25.47 -5.00
C ARG B 396 29.71 24.60 -6.28
N TRP B 397 30.87 24.15 -6.72
CA TRP B 397 30.94 23.33 -7.92
C TRP B 397 30.10 22.06 -7.74
N GLN B 398 29.45 21.66 -8.82
CA GLN B 398 28.52 20.57 -8.75
C GLN B 398 29.24 19.29 -9.04
N HIS B 399 28.83 18.26 -8.32
CA HIS B 399 29.42 16.97 -8.52
C HIS B 399 29.38 16.59 -9.99
N GLU B 400 28.23 16.76 -10.62
CA GLU B 400 28.12 16.30 -11.98
C GLU B 400 29.12 16.99 -12.87
N ALA B 401 29.49 18.22 -12.56
CA ALA B 401 30.43 18.95 -13.41
C ALA B 401 31.83 18.41 -13.22
N VAL B 402 32.12 18.06 -11.99
CA VAL B 402 33.40 17.46 -11.66
C VAL B 402 33.56 16.17 -12.42
N ILE B 403 32.55 15.32 -12.43
CA ILE B 403 32.73 14.09 -13.18
C ILE B 403 32.95 14.35 -14.66
N ALA B 404 32.38 15.44 -15.14
CA ALA B 404 32.38 15.75 -16.54
C ALA B 404 33.58 16.55 -17.00
N LEU B 405 33.98 17.59 -16.28
CA LEU B 405 35.03 18.51 -16.82
C LEU B 405 36.34 18.49 -16.08
N ALA B 406 36.47 17.59 -15.10
CA ALA B 406 37.72 17.46 -14.37
C ALA B 406 38.73 16.73 -15.17
N SER B 407 39.87 17.39 -15.39
CA SER B 407 40.97 16.67 -15.98
C SER B 407 41.90 16.12 -14.86
N PRO B 408 42.09 14.79 -14.89
CA PRO B 408 42.80 14.07 -13.83
C PRO B 408 44.32 14.30 -13.90
N ASP B 409 44.91 14.01 -15.07
CA ASP B 409 46.31 14.36 -15.37
C ASP B 409 46.46 15.87 -15.14
N ASN B 410 46.96 16.17 -13.95
CA ASN B 410 46.92 17.46 -13.35
C ASN B 410 48.16 17.53 -12.43
N MSE B 411 48.41 18.70 -11.86
CA MSE B 411 49.48 18.85 -10.86
C MSE B 411 48.86 19.23 -9.49
O MSE B 411 49.51 19.76 -8.57
CB MSE B 411 50.55 19.85 -11.36
CG MSE B 411 50.35 21.40 -11.05
SE MSE B 411 51.64 22.74 -11.98
CE MSE B 411 50.89 22.30 -14.02
N ASN B 412 47.56 18.93 -9.39
CA ASN B 412 46.72 19.26 -8.22
C ASN B 412 45.62 18.17 -8.03
N ALA B 413 45.64 17.15 -8.89
CA ALA B 413 44.89 15.91 -8.65
C ALA B 413 45.46 15.18 -7.42
N PHE B 414 44.70 14.27 -6.83
CA PHE B 414 45.19 13.47 -5.70
C PHE B 414 44.60 12.05 -5.72
N GLU B 415 45.48 11.06 -5.91
CA GLU B 415 45.03 9.69 -6.10
C GLU B 415 44.83 9.02 -4.77
N LEU B 416 43.65 8.45 -4.59
CA LEU B 416 43.32 7.71 -3.39
C LEU B 416 43.82 6.31 -3.47
N THR B 417 43.97 5.71 -2.30
CA THR B 417 44.19 4.28 -2.18
C THR B 417 42.82 3.60 -2.30
N PRO B 418 42.77 2.37 -2.80
CA PRO B 418 41.53 1.57 -2.75
C PRO B 418 40.76 1.66 -1.42
N GLN B 419 41.48 1.54 -0.32
CA GLN B 419 40.92 1.72 1.01
C GLN B 419 40.25 3.11 1.11
N GLU B 420 40.98 4.15 0.69
CA GLU B 420 40.47 5.52 0.74
C GLU B 420 39.28 5.76 -0.20
N ALA B 421 39.33 5.14 -1.38
CA ALA B 421 38.25 5.23 -2.34
C ALA B 421 36.92 4.65 -1.82
N GLU B 422 36.98 3.45 -1.24
CA GLU B 422 35.82 2.83 -0.57
C GLU B 422 35.16 3.83 0.38
N GLU B 423 35.98 4.44 1.23
CA GLU B 423 35.49 5.46 2.15
C GLU B 423 34.71 6.54 1.39
N TRP B 424 35.28 7.08 0.33
CA TRP B 424 34.58 8.15 -0.36
C TRP B 424 33.18 7.67 -0.71
N TYR B 425 33.06 6.46 -1.25
CA TYR B 425 31.78 6.03 -1.78
C TYR B 425 30.78 5.66 -0.71
N ARG B 426 31.31 5.23 0.42
CA ARG B 426 30.48 5.11 1.61
C ARG B 426 30.12 6.47 2.14
N GLY B 427 30.57 7.53 1.46
CA GLY B 427 30.30 8.91 1.87
C GLY B 427 30.94 9.35 3.19
N ARG B 428 32.20 8.96 3.39
CA ARG B 428 32.95 9.37 4.59
C ARG B 428 34.17 10.22 4.22
N ASP B 429 34.62 11.06 5.15
CA ASP B 429 35.79 11.92 4.93
C ASP B 429 37.06 11.05 4.93
N VAL B 430 38.09 11.49 4.18
CA VAL B 430 39.34 10.71 4.03
C VAL B 430 40.62 11.39 4.53
N TYR B 431 41.48 10.63 5.21
CA TYR B 431 42.66 11.20 5.87
C TYR B 431 43.95 10.68 5.26
N PRO B 432 44.52 11.46 4.34
CA PRO B 432 45.69 11.01 3.60
C PRO B 432 46.98 11.17 4.39
N GLN B 433 47.93 10.25 4.17
CA GLN B 433 49.27 10.43 4.74
C GLN B 433 50.08 11.47 3.98
N ALA B 434 49.97 11.43 2.64
CA ALA B 434 50.44 12.50 1.79
C ALA B 434 49.92 13.80 2.36
N ALA B 435 48.62 14.08 2.13
CA ALA B 435 47.92 15.31 2.61
C ALA B 435 48.26 16.59 1.82
N PRO B 436 47.74 16.70 0.60
CA PRO B 436 48.14 17.77 -0.34
C PRO B 436 47.96 19.20 0.17
N VAL B 437 48.39 20.15 -0.66
CA VAL B 437 48.49 21.55 -0.27
C VAL B 437 47.25 22.36 -0.62
N ALA B 438 46.63 22.05 -1.75
CA ALA B 438 45.39 22.70 -2.20
C ALA B 438 44.32 22.80 -1.09
N ASP B 439 43.56 23.89 -1.08
CA ASP B 439 42.39 23.96 -0.17
C ASP B 439 41.19 23.27 -0.84
N ASP B 440 41.19 23.27 -2.17
CA ASP B 440 40.26 22.45 -2.95
C ASP B 440 41.02 21.38 -3.73
N VAL B 441 40.70 20.12 -3.47
CA VAL B 441 41.51 19.02 -3.97
C VAL B 441 40.72 18.12 -4.91
N LEU B 442 41.23 17.95 -6.13
CA LEU B 442 40.59 17.10 -7.12
C LEU B 442 40.96 15.70 -6.80
N VAL B 443 39.94 14.91 -6.52
CA VAL B 443 40.08 13.59 -5.93
C VAL B 443 39.90 12.45 -6.95
N THR B 444 40.98 11.76 -7.32
CA THR B 444 40.90 10.72 -8.37
C THR B 444 41.10 9.30 -7.85
N PHE B 445 40.41 8.34 -8.47
CA PHE B 445 40.77 6.94 -8.31
C PHE B 445 40.94 6.19 -9.65
N GLN B 446 42.00 5.39 -9.75
CA GLN B 446 42.55 4.94 -11.05
C GLN B 446 42.69 6.11 -12.00
N HIS B 447 42.91 7.30 -11.46
CA HIS B 447 43.14 8.49 -12.26
C HIS B 447 41.94 8.96 -12.98
N GLN B 448 40.80 8.86 -12.33
CA GLN B 448 39.57 9.43 -12.87
C GLN B 448 38.97 10.32 -11.82
N PRO B 449 38.46 11.45 -12.23
CA PRO B 449 37.95 12.38 -11.27
C PRO B 449 36.79 11.71 -10.59
N ILE B 450 36.73 11.80 -9.27
CA ILE B 450 35.65 11.16 -8.60
C ILE B 450 34.90 12.05 -7.60
N GLY B 451 35.33 13.29 -7.45
CA GLY B 451 34.64 14.21 -6.57
C GLY B 451 35.56 15.37 -6.27
N LEU B 452 35.00 16.46 -5.76
CA LEU B 452 35.81 17.61 -5.45
C LEU B 452 35.70 17.96 -3.97
N ALA B 453 36.83 17.95 -3.26
CA ALA B 453 36.83 17.96 -1.79
C ALA B 453 37.45 19.22 -1.18
N LYS B 454 36.86 19.72 -0.09
CA LYS B 454 37.51 20.75 0.73
C LYS B 454 38.57 20.12 1.61
N ARG B 455 39.70 20.79 1.85
CA ARG B 455 40.78 20.16 2.63
C ARG B 455 40.68 20.19 4.18
N ILE B 456 39.98 21.18 4.76
CA ILE B 456 39.84 21.24 6.26
C ILE B 456 41.02 20.63 7.04
N GLY B 457 42.14 21.35 7.08
CA GLY B 457 43.28 20.91 7.88
C GLY B 457 43.92 19.71 7.25
N SER B 458 43.55 18.52 7.73
CA SER B 458 44.13 17.29 7.18
C SER B 458 43.11 16.28 6.72
N ARG B 459 41.89 16.70 6.39
CA ARG B 459 40.84 15.71 6.36
C ARG B 459 40.11 15.44 5.06
N LEU B 460 40.02 16.40 4.14
CA LEU B 460 39.35 16.10 2.89
C LEU B 460 37.85 15.70 3.09
N LYS B 461 36.96 16.69 3.03
CA LYS B 461 35.52 16.47 3.27
C LYS B 461 34.80 15.75 2.13
N ASN B 462 33.92 14.84 2.53
CA ASN B 462 33.14 14.07 1.60
C ASN B 462 32.08 14.93 0.93
N SER B 463 32.11 14.96 -0.41
CA SER B 463 31.20 15.82 -1.18
C SER B 463 30.42 14.98 -2.22
N TYR B 464 30.44 13.67 -2.03
CA TYR B 464 29.74 12.73 -2.87
C TYR B 464 28.25 12.80 -2.57
N PRO B 465 27.43 13.12 -3.58
CA PRO B 465 25.99 13.32 -3.44
C PRO B 465 25.31 12.21 -2.63
N ARG B 466 24.57 12.56 -1.58
CA ARG B 466 24.03 11.53 -0.70
C ARG B 466 23.09 10.56 -1.38
N GLU B 467 22.25 11.05 -2.30
CA GLU B 467 21.40 10.11 -3.12
C GLU B 467 22.20 8.97 -3.69
N LEU B 468 23.52 9.08 -3.66
CA LEU B 468 24.44 8.08 -4.23
C LEU B 468 25.31 7.29 -3.24
N VAL B 469 25.38 7.71 -2.00
CA VAL B 469 26.41 7.09 -1.18
C VAL B 469 26.11 5.60 -0.98
N ARG B 470 26.99 4.78 -1.59
CA ARG B 470 26.89 3.32 -1.57
C ARG B 470 26.64 2.74 -0.18
N ASP B 471 25.72 1.77 -0.15
CA ASP B 471 25.19 1.18 1.08
C ASP B 471 26.02 -0.03 1.53
N GLY B 472 26.54 -0.78 0.57
CA GLY B 472 27.00 -2.15 0.82
C GLY B 472 28.49 -2.44 0.79
N LYS B 473 28.90 -3.30 -0.16
CA LYS B 473 30.28 -3.77 -0.23
C LYS B 473 30.87 -3.42 -1.56
N LEU B 474 32.21 -3.43 -1.65
CA LEU B 474 32.92 -2.77 -2.76
C LEU B 474 34.27 -3.39 -3.19
N PHE C 8 -33.75 6.64 -0.77
CA PHE C 8 -33.06 6.57 0.52
C PHE C 8 -33.71 7.63 1.44
N PRO C 9 -34.63 7.19 2.31
CA PRO C 9 -35.36 8.08 3.21
C PRO C 9 -34.55 8.59 4.41
N ASP C 10 -34.85 9.83 4.85
CA ASP C 10 -34.09 10.51 5.91
C ASP C 10 -33.90 9.57 7.09
N ALA C 11 -35.01 9.17 7.70
CA ALA C 11 -35.01 8.29 8.86
C ALA C 11 -33.97 7.17 8.74
N PHE C 12 -33.90 6.59 7.55
CA PHE C 12 -33.04 5.44 7.32
C PHE C 12 -31.55 5.78 7.30
N LEU C 13 -31.21 6.89 6.65
CA LEU C 13 -29.82 7.31 6.49
C LEU C 13 -29.31 7.83 7.82
N THR C 14 -30.06 8.74 8.43
CA THR C 14 -29.66 9.33 9.70
C THR C 14 -29.81 8.32 10.85
N GLN C 15 -29.84 7.03 10.51
CA GLN C 15 -29.86 5.96 11.51
C GLN C 15 -28.88 4.82 11.10
N MSE C 16 -28.52 4.80 9.82
CA MSE C 16 -27.35 4.04 9.34
C MSE C 16 -26.09 4.80 9.79
O MSE C 16 -25.06 4.19 10.04
CB MSE C 16 -27.37 3.89 7.81
CG MSE C 16 -28.43 2.95 7.29
SE MSE C 16 -28.18 1.05 7.77
CE MSE C 16 -27.66 0.35 6.06
N ARG C 17 -26.21 6.13 9.86
CA ARG C 17 -25.17 6.99 10.42
C ARG C 17 -24.76 6.54 11.82
N GLU C 18 -25.75 6.24 12.66
CA GLU C 18 -25.50 5.85 14.05
C GLU C 18 -25.35 4.34 14.25
N ALA C 19 -25.17 3.63 13.14
CA ALA C 19 -25.00 2.17 13.17
C ALA C 19 -23.70 1.70 12.46
N MSE C 20 -22.93 2.67 11.94
CA MSE C 20 -21.66 2.43 11.24
C MSE C 20 -20.44 2.22 12.18
O MSE C 20 -20.09 3.10 13.00
CB MSE C 20 -21.37 3.60 10.26
CG MSE C 20 -20.54 3.25 9.05
SE MSE C 20 -21.49 2.02 7.84
CE MSE C 20 -20.15 0.37 7.89
N PRO C 21 -19.81 1.04 12.09
CA PRO C 21 -18.55 0.80 12.82
C PRO C 21 -17.28 1.19 12.01
N PHE C 26 -18.14 5.26 6.85
CA PHE C 26 -19.54 5.55 6.53
C PHE C 26 -19.70 6.01 5.11
N ASP C 27 -19.03 7.13 4.81
CA ASP C 27 -19.07 7.80 3.53
C ASP C 27 -19.01 6.77 2.39
N ASP C 28 -17.98 5.93 2.45
CA ASP C 28 -17.72 4.93 1.43
C ASP C 28 -18.96 4.05 1.20
N PHE C 29 -19.75 3.88 2.26
CA PHE C 29 -21.02 3.11 2.24
C PHE C 29 -22.06 3.75 1.33
N LEU C 30 -22.29 5.05 1.52
CA LEU C 30 -23.18 5.82 0.65
C LEU C 30 -22.75 5.71 -0.81
N ALA C 31 -21.43 5.68 -1.03
CA ALA C 31 -20.87 5.63 -2.37
C ALA C 31 -21.07 4.24 -3.00
N ALA C 32 -20.72 3.20 -2.24
CA ALA C 32 -21.00 1.81 -2.64
C ALA C 32 -22.51 1.50 -2.77
N CYS C 33 -23.32 2.09 -1.90
CA CYS C 33 -24.78 1.98 -2.02
C CYS C 33 -25.28 2.41 -3.39
N GLN C 34 -24.69 3.49 -3.94
CA GLN C 34 -25.24 4.13 -5.13
C GLN C 34 -24.57 3.74 -6.46
N ARG C 35 -23.67 2.75 -6.40
CA ARG C 35 -23.06 2.22 -7.62
C ARG C 35 -23.53 0.79 -7.85
N PRO C 36 -23.71 0.39 -9.11
CA PRO C 36 -24.37 -0.89 -9.45
C PRO C 36 -23.57 -2.13 -9.04
N LEU C 37 -24.23 -3.23 -8.81
CA LEU C 37 -23.53 -4.45 -8.40
C LEU C 37 -22.69 -5.04 -9.52
N ARG C 38 -21.66 -5.79 -9.16
CA ARG C 38 -20.84 -6.45 -10.15
C ARG C 38 -21.49 -7.76 -10.58
N ARG C 39 -21.53 -7.98 -11.89
CA ARG C 39 -21.94 -9.25 -12.48
C ARG C 39 -21.16 -10.37 -11.74
N SER C 40 -21.86 -11.45 -11.38
CA SER C 40 -21.32 -12.46 -10.44
C SER C 40 -21.73 -13.93 -10.79
N ILE C 41 -20.77 -14.86 -10.81
CA ILE C 41 -21.02 -16.23 -11.31
C ILE C 41 -20.66 -17.30 -10.32
N ARG C 42 -21.44 -18.37 -10.21
CA ARG C 42 -21.00 -19.54 -9.42
C ARG C 42 -20.97 -20.85 -10.22
N VAL C 43 -19.81 -21.50 -10.22
CA VAL C 43 -19.67 -22.75 -10.96
C VAL C 43 -20.42 -23.89 -10.29
N ASN C 44 -21.05 -24.76 -11.11
CA ASN C 44 -21.83 -25.92 -10.65
C ASN C 44 -21.00 -27.18 -10.65
N THR C 45 -20.46 -27.36 -9.48
CA THR C 45 -19.63 -28.49 -9.17
C THR C 45 -20.22 -29.81 -9.63
N LEU C 46 -21.53 -29.99 -9.58
CA LEU C 46 -22.04 -31.30 -9.96
C LEU C 46 -21.81 -31.69 -11.41
N LYS C 47 -21.36 -30.71 -12.21
CA LYS C 47 -21.20 -30.94 -13.65
C LYS C 47 -19.77 -30.74 -14.15
N ILE C 48 -18.99 -29.95 -13.43
CA ILE C 48 -17.64 -29.65 -13.87
C ILE C 48 -16.84 -29.01 -12.71
N SER C 49 -15.54 -29.26 -12.70
CA SER C 49 -14.67 -28.73 -11.66
C SER C 49 -14.39 -27.26 -11.95
N VAL C 50 -13.97 -26.51 -10.93
CA VAL C 50 -13.61 -25.10 -11.13
C VAL C 50 -12.51 -25.04 -12.19
N ALA C 51 -11.43 -25.78 -11.94
CA ALA C 51 -10.29 -25.76 -12.86
C ALA C 51 -10.76 -25.91 -14.30
N ASP C 52 -11.62 -26.91 -14.51
CA ASP C 52 -12.04 -27.26 -15.86
C ASP C 52 -12.82 -26.11 -16.46
N PHE C 53 -13.73 -25.55 -15.67
CA PHE C 53 -14.55 -24.42 -16.10
C PHE C 53 -13.70 -23.25 -16.58
N LEU C 54 -12.65 -22.94 -15.81
CA LEU C 54 -11.75 -21.87 -16.16
C LEU C 54 -11.02 -22.16 -17.46
N GLN C 55 -10.49 -23.36 -17.61
CA GLN C 55 -9.93 -23.74 -18.91
C GLN C 55 -10.95 -23.59 -20.03
N LEU C 56 -12.16 -24.12 -19.79
CA LEU C 56 -13.20 -24.15 -20.80
C LEU C 56 -13.71 -22.78 -21.32
N THR C 57 -13.77 -21.78 -20.44
CA THR C 57 -14.27 -20.47 -20.89
C THR C 57 -13.18 -19.41 -21.13
N ALA C 58 -11.92 -19.84 -21.02
CA ALA C 58 -10.80 -18.95 -21.26
C ALA C 58 -10.97 -18.19 -22.60
N PRO C 59 -11.33 -18.88 -23.70
CA PRO C 59 -11.67 -18.22 -24.96
C PRO C 59 -12.54 -16.93 -24.84
N TYR C 60 -13.49 -16.90 -23.92
CA TYR C 60 -14.46 -15.81 -23.79
C TYR C 60 -13.84 -14.46 -23.39
N GLY C 61 -12.65 -14.51 -22.80
CA GLY C 61 -11.97 -13.32 -22.31
C GLY C 61 -12.83 -12.58 -21.30
N TRP C 62 -13.01 -13.19 -20.14
CA TRP C 62 -13.60 -12.53 -18.99
C TRP C 62 -12.53 -12.32 -17.96
N THR C 63 -12.53 -11.19 -17.28
CA THR C 63 -11.73 -11.09 -16.09
C THR C 63 -12.63 -11.53 -14.94
N LEU C 64 -12.12 -12.43 -14.10
CA LEU C 64 -12.88 -13.00 -12.99
C LEU C 64 -12.19 -12.86 -11.64
N THR C 65 -12.73 -11.98 -10.80
CA THR C 65 -12.26 -11.87 -9.41
C THR C 65 -12.80 -13.04 -8.54
N PRO C 66 -11.92 -13.75 -7.82
CA PRO C 66 -12.39 -14.83 -6.97
C PRO C 66 -13.13 -14.28 -5.75
N ILE C 67 -14.24 -14.90 -5.39
CA ILE C 67 -15.00 -14.48 -4.19
C ILE C 67 -14.36 -15.14 -2.97
N PRO C 68 -14.02 -14.35 -1.95
CA PRO C 68 -13.31 -14.85 -0.79
C PRO C 68 -13.99 -16.02 -0.06
N TRP C 69 -15.33 -16.00 -0.01
CA TRP C 69 -16.06 -16.99 0.79
C TRP C 69 -16.61 -18.15 -0.03
N CYS C 70 -16.14 -18.25 -1.24
CA CYS C 70 -16.59 -19.31 -2.09
C CYS C 70 -15.64 -19.54 -3.23
N GLU C 71 -14.90 -20.64 -3.15
CA GLU C 71 -13.93 -21.01 -4.15
C GLU C 71 -14.59 -21.36 -5.47
N GLU C 72 -15.91 -21.57 -5.48
CA GLU C 72 -16.63 -21.75 -6.73
C GLU C 72 -17.21 -20.45 -7.25
N GLY C 73 -16.90 -19.33 -6.60
CA GLY C 73 -17.51 -18.04 -6.97
C GLY C 73 -16.59 -16.99 -7.58
N PHE C 74 -17.12 -16.26 -8.55
CA PHE C 74 -16.36 -15.28 -9.33
C PHE C 74 -17.17 -14.07 -9.72
N TRP C 75 -16.47 -12.98 -9.98
CA TRP C 75 -17.12 -11.72 -10.20
C TRP C 75 -17.18 -11.23 -11.65
N PRO C 85 -24.26 -11.47 -22.97
CA PRO C 85 -25.62 -11.91 -22.63
C PRO C 85 -25.57 -13.18 -21.77
N LEU C 86 -25.28 -13.05 -20.49
CA LEU C 86 -24.90 -14.22 -19.67
C LEU C 86 -25.73 -15.49 -19.80
N GLY C 87 -27.05 -15.36 -19.67
CA GLY C 87 -27.92 -16.50 -19.67
C GLY C 87 -27.97 -17.24 -21.00
N SER C 88 -27.57 -16.57 -22.10
CA SER C 88 -27.67 -17.20 -23.42
C SER C 88 -26.31 -17.68 -23.92
N THR C 89 -25.49 -18.09 -22.96
CA THR C 89 -24.22 -18.75 -23.24
C THR C 89 -24.32 -20.27 -23.01
N ALA C 90 -23.78 -21.05 -23.94
CA ALA C 90 -23.90 -22.54 -23.90
C ALA C 90 -23.68 -23.12 -22.54
N GLU C 91 -22.64 -22.63 -21.87
CA GLU C 91 -22.32 -23.07 -20.54
C GLU C 91 -23.49 -22.90 -19.55
N HIS C 92 -24.22 -21.79 -19.69
CA HIS C 92 -25.32 -21.53 -18.80
C HIS C 92 -26.43 -22.51 -19.07
N LEU C 93 -26.68 -22.77 -20.35
CA LEU C 93 -27.71 -23.67 -20.81
C LEU C 93 -27.49 -25.12 -20.41
N SER C 94 -26.24 -25.57 -20.40
CA SER C 94 -25.90 -26.91 -19.92
C SER C 94 -25.80 -27.00 -18.39
N GLY C 95 -26.12 -25.92 -17.69
CA GLY C 95 -26.07 -25.91 -16.23
C GLY C 95 -24.68 -25.99 -15.57
N LEU C 96 -23.66 -25.37 -16.17
CA LEU C 96 -22.32 -25.47 -15.61
C LEU C 96 -22.08 -24.29 -14.72
N PHE C 97 -22.98 -23.32 -14.72
CA PHE C 97 -22.87 -22.27 -13.74
C PHE C 97 -24.17 -21.57 -13.41
N TYR C 98 -24.18 -20.86 -12.28
CA TYR C 98 -25.36 -20.12 -11.86
C TYR C 98 -25.08 -18.62 -11.88
N ILE C 99 -25.98 -17.82 -12.45
CA ILE C 99 -25.85 -16.40 -12.24
C ILE C 99 -26.38 -16.14 -10.83
N GLN C 100 -25.50 -15.98 -9.85
CA GLN C 100 -25.94 -15.53 -8.51
C GLN C 100 -25.01 -14.54 -7.89
N GLU C 101 -25.61 -13.67 -7.10
CA GLU C 101 -24.92 -12.61 -6.41
C GLU C 101 -24.09 -13.17 -5.30
N ALA C 102 -22.91 -12.59 -5.13
CA ALA C 102 -21.96 -12.85 -4.07
C ALA C 102 -22.60 -13.06 -2.70
N SER C 103 -23.42 -12.10 -2.30
CA SER C 103 -24.12 -12.15 -1.04
C SER C 103 -24.86 -13.43 -0.76
N SER C 104 -25.57 -13.94 -1.74
CA SER C 104 -26.35 -15.14 -1.50
C SER C 104 -25.48 -16.37 -1.26
N MSE C 105 -24.21 -16.23 -1.62
CA MSE C 105 -23.28 -17.34 -1.54
C MSE C 105 -22.87 -17.58 -0.09
O MSE C 105 -22.72 -18.75 0.35
CB MSE C 105 -22.09 -17.11 -2.46
CG MSE C 105 -22.54 -17.12 -3.89
SE MSE C 105 -21.11 -17.44 -5.14
CE MSE C 105 -20.76 -15.55 -6.05
N LEU C 106 -22.77 -16.47 0.63
CA LEU C 106 -22.36 -16.42 2.04
C LEU C 106 -23.12 -17.33 3.00
N PRO C 107 -24.45 -17.26 3.03
CA PRO C 107 -25.29 -18.18 3.83
C PRO C 107 -24.96 -19.63 3.60
N VAL C 108 -24.89 -20.03 2.34
CA VAL C 108 -24.65 -21.46 2.07
C VAL C 108 -23.23 -21.85 2.48
N ALA C 109 -22.31 -20.91 2.36
CA ALA C 109 -20.94 -21.08 2.84
C ALA C 109 -20.91 -21.34 4.33
N ALA C 110 -21.59 -20.49 5.10
CA ALA C 110 -21.62 -20.66 6.55
C ALA C 110 -22.26 -21.98 6.95
N LEU C 111 -23.27 -22.39 6.18
CA LEU C 111 -24.02 -23.60 6.48
C LEU C 111 -23.17 -24.90 6.43
N PHE C 112 -22.18 -24.92 5.54
CA PHE C 112 -21.19 -26.05 5.48
C PHE C 112 -19.79 -25.68 5.97
N ALA C 113 -19.64 -24.55 6.65
CA ALA C 113 -18.35 -24.22 7.23
C ALA C 113 -17.94 -25.29 8.24
N ASP C 114 -16.63 -25.45 8.39
CA ASP C 114 -15.96 -26.31 9.41
C ASP C 114 -16.31 -27.74 9.20
N GLY C 115 -16.21 -28.17 7.95
CA GLY C 115 -16.67 -29.51 7.54
C GLY C 115 -18.04 -29.91 8.05
N ASN C 116 -18.95 -28.96 8.20
CA ASN C 116 -20.30 -29.36 8.49
C ASN C 116 -20.82 -30.08 7.26
N ALA C 117 -21.24 -31.33 7.45
CA ALA C 117 -21.74 -32.12 6.32
C ALA C 117 -23.17 -32.65 6.57
N PRO C 118 -24.18 -31.78 6.57
CA PRO C 118 -25.57 -32.18 6.84
C PRO C 118 -26.15 -33.07 5.74
N GLN C 119 -27.04 -33.97 6.10
CA GLN C 119 -27.58 -34.89 5.11
C GLN C 119 -29.06 -34.60 4.78
N ARG C 120 -29.74 -33.83 5.63
CA ARG C 120 -31.12 -33.47 5.39
C ARG C 120 -31.35 -32.03 5.78
N VAL C 121 -31.54 -31.20 4.77
CA VAL C 121 -31.45 -29.74 4.85
C VAL C 121 -32.74 -29.07 4.35
N MSE C 122 -33.22 -28.06 5.08
CA MSE C 122 -34.33 -27.27 4.50
C MSE C 122 -33.87 -25.92 4.08
O MSE C 122 -33.11 -25.27 4.81
CB MSE C 122 -35.47 -27.06 5.49
CG MSE C 122 -36.62 -26.28 4.91
SE MSE C 122 -38.04 -26.07 6.28
CE MSE C 122 -36.99 -25.31 7.90
N ASP C 123 -34.35 -25.47 2.93
CA ASP C 123 -34.14 -24.06 2.53
C ASP C 123 -35.53 -23.41 2.50
N VAL C 124 -35.75 -22.48 3.43
CA VAL C 124 -37.11 -22.00 3.71
C VAL C 124 -37.68 -21.11 2.59
N ALA C 125 -36.86 -20.22 2.07
CA ALA C 125 -37.24 -19.29 1.04
C ALA C 125 -36.31 -19.56 -0.15
N ALA C 126 -36.67 -20.56 -0.92
CA ALA C 126 -35.77 -21.14 -1.88
C ALA C 126 -35.72 -20.49 -3.28
N ALA C 127 -36.79 -19.86 -3.71
CA ALA C 127 -36.81 -19.23 -5.02
C ALA C 127 -35.74 -18.18 -5.02
N PRO C 128 -35.06 -17.91 -6.13
CA PRO C 128 -35.25 -18.56 -7.43
C PRO C 128 -34.46 -19.85 -7.63
N GLY C 129 -33.78 -20.28 -6.56
CA GLY C 129 -32.97 -21.47 -6.60
C GLY C 129 -31.48 -21.21 -6.45
N SER C 130 -31.07 -19.95 -6.43
CA SER C 130 -29.62 -19.71 -6.31
C SER C 130 -28.98 -20.51 -5.14
N LYS C 131 -29.51 -20.43 -3.93
CA LYS C 131 -28.93 -21.18 -2.80
C LYS C 131 -29.17 -22.69 -2.84
N THR C 132 -30.39 -23.08 -3.16
CA THR C 132 -30.77 -24.50 -3.17
C THR C 132 -29.83 -25.29 -4.04
N THR C 133 -29.56 -24.78 -5.24
CA THR C 133 -28.67 -25.46 -6.19
C THR C 133 -27.26 -25.49 -5.63
N GLN C 134 -26.87 -24.43 -4.95
CA GLN C 134 -25.60 -24.34 -4.30
C GLN C 134 -25.47 -25.37 -3.19
N ILE C 135 -26.51 -25.49 -2.41
CA ILE C 135 -26.47 -26.46 -1.36
C ILE C 135 -26.32 -27.85 -1.94
N SER C 136 -27.09 -28.14 -2.97
CA SER C 136 -27.04 -29.45 -3.57
C SER C 136 -25.62 -29.78 -4.00
N ALA C 137 -25.05 -28.92 -4.80
CA ALA C 137 -23.65 -29.05 -5.15
C ALA C 137 -22.75 -29.44 -3.96
N ARG C 138 -22.82 -28.68 -2.86
CA ARG C 138 -22.00 -28.92 -1.67
C ARG C 138 -22.28 -30.26 -1.05
N MSE C 139 -23.47 -30.79 -1.25
CA MSE C 139 -23.86 -32.10 -0.70
C MSE C 139 -23.56 -33.18 -1.72
O MSE C 139 -23.95 -34.36 -1.55
CB MSE C 139 -25.34 -32.11 -0.36
CG MSE C 139 -25.69 -31.36 0.88
SE MSE C 139 -27.60 -31.26 0.90
CE MSE C 139 -27.93 -33.02 1.81
N ASN C 140 -22.85 -32.76 -2.77
CA ASN C 140 -22.55 -33.59 -3.89
C ASN C 140 -23.74 -34.45 -4.32
N ASN C 141 -24.93 -33.85 -4.22
CA ASN C 141 -26.15 -34.43 -4.71
C ASN C 141 -26.59 -35.60 -3.86
N GLU C 142 -25.99 -35.79 -2.68
CA GLU C 142 -26.42 -36.88 -1.79
C GLU C 142 -27.42 -36.35 -0.78
N GLY C 143 -27.96 -37.23 0.05
CA GLY C 143 -28.91 -36.87 1.08
C GLY C 143 -30.12 -36.34 0.41
N ALA C 144 -30.83 -35.42 1.07
CA ALA C 144 -32.00 -34.75 0.50
C ALA C 144 -32.24 -33.28 1.01
N ILE C 145 -32.87 -32.44 0.17
CA ILE C 145 -33.21 -31.05 0.51
C ILE C 145 -34.72 -30.84 0.40
N LEU C 146 -35.27 -30.05 1.34
CA LEU C 146 -36.59 -29.54 1.15
C LEU C 146 -36.50 -28.06 0.87
N ALA C 147 -36.83 -27.71 -0.38
CA ALA C 147 -36.89 -26.34 -0.87
C ALA C 147 -38.30 -25.77 -0.81
N ASN C 148 -38.63 -25.02 0.24
CA ASN C 148 -39.95 -24.39 0.36
C ASN C 148 -39.93 -23.07 -0.35
N GLU C 149 -41.02 -22.73 -1.03
CA GLU C 149 -41.23 -21.38 -1.51
C GLU C 149 -42.70 -20.99 -1.35
N PHE C 150 -42.90 -19.83 -0.73
CA PHE C 150 -44.22 -19.31 -0.42
C PHE C 150 -45.07 -18.87 -1.65
N SER C 151 -44.48 -18.20 -2.63
CA SER C 151 -45.24 -17.86 -3.83
C SER C 151 -45.20 -18.96 -4.91
N ALA C 152 -46.39 -19.32 -5.38
CA ALA C 152 -46.56 -20.39 -6.35
C ALA C 152 -45.88 -20.11 -7.67
N SER C 153 -45.97 -18.88 -8.18
CA SER C 153 -45.32 -18.46 -9.43
C SER C 153 -43.81 -18.70 -9.42
N ARG C 154 -43.19 -18.49 -8.27
CA ARG C 154 -41.75 -18.53 -8.21
C ARG C 154 -41.26 -19.94 -8.00
N VAL C 155 -42.20 -20.86 -7.74
CA VAL C 155 -41.82 -22.27 -7.58
C VAL C 155 -41.47 -22.90 -8.92
N LYS C 156 -42.18 -22.48 -9.97
CA LYS C 156 -41.91 -22.96 -11.32
C LYS C 156 -40.54 -22.45 -11.78
N VAL C 157 -40.16 -21.27 -11.35
CA VAL C 157 -38.82 -20.77 -11.64
C VAL C 157 -37.82 -21.68 -10.96
N LEU C 158 -38.04 -21.96 -9.69
CA LEU C 158 -37.12 -22.79 -8.89
C LEU C 158 -36.89 -24.14 -9.54
N HIS C 159 -37.99 -24.77 -9.94
CA HIS C 159 -37.97 -26.08 -10.51
C HIS C 159 -37.21 -26.09 -11.83
N ALA C 160 -37.39 -25.03 -12.62
CA ALA C 160 -36.66 -24.87 -13.88
C ALA C 160 -35.15 -24.84 -13.58
N ASN C 161 -34.77 -24.02 -12.62
CA ASN C 161 -33.39 -23.86 -12.26
C ASN C 161 -32.75 -25.12 -11.71
N ILE C 162 -33.51 -25.89 -10.96
CA ILE C 162 -33.00 -27.10 -10.41
C ILE C 162 -32.75 -28.04 -11.58
N SER C 163 -33.76 -28.19 -12.43
CA SER C 163 -33.72 -29.16 -13.48
C SER C 163 -32.52 -28.88 -14.39
N ARG C 164 -32.23 -27.60 -14.59
CA ARG C 164 -31.13 -27.20 -15.45
C ARG C 164 -29.80 -27.65 -14.86
N CYS C 165 -29.72 -27.69 -13.54
CA CYS C 165 -28.46 -28.04 -12.90
C CYS C 165 -28.29 -29.50 -12.69
N GLY C 166 -29.31 -30.27 -13.02
CA GLY C 166 -29.23 -31.73 -12.91
C GLY C 166 -29.21 -32.17 -11.46
N ILE C 167 -29.90 -31.43 -10.60
CA ILE C 167 -30.02 -31.72 -9.18
C ILE C 167 -31.19 -32.69 -8.97
N SER C 168 -30.93 -33.78 -8.26
CA SER C 168 -31.98 -34.75 -8.03
C SER C 168 -32.26 -35.02 -6.56
N ASN C 169 -31.65 -34.27 -5.64
CA ASN C 169 -31.90 -34.53 -4.25
C ASN C 169 -32.79 -33.51 -3.62
N VAL C 170 -33.69 -32.92 -4.40
CA VAL C 170 -34.57 -31.84 -3.90
C VAL C 170 -36.04 -32.20 -3.94
N ALA C 171 -36.77 -31.83 -2.90
CA ALA C 171 -38.19 -31.86 -2.99
C ALA C 171 -38.69 -30.44 -2.74
N LEU C 172 -39.84 -30.11 -3.33
CA LEU C 172 -40.42 -28.80 -3.26
C LEU C 172 -41.70 -28.77 -2.46
N THR C 173 -41.81 -27.81 -1.57
CA THR C 173 -43.08 -27.55 -0.94
C THR C 173 -43.46 -26.09 -1.16
N HIS C 174 -44.74 -25.79 -0.92
CA HIS C 174 -45.25 -24.43 -1.00
C HIS C 174 -46.09 -24.14 0.23
N PHE C 175 -45.40 -23.62 1.25
CA PHE C 175 -46.01 -23.25 2.51
C PHE C 175 -45.51 -21.97 3.04
N ASP C 176 -46.21 -21.48 4.05
CA ASP C 176 -45.88 -20.27 4.76
C ASP C 176 -44.81 -20.48 5.83
N GLY C 177 -43.74 -21.16 5.51
CA GLY C 177 -42.55 -21.11 6.38
C GLY C 177 -42.74 -21.31 7.87
N ARG C 178 -43.72 -20.61 8.45
CA ARG C 178 -43.98 -20.72 9.88
C ARG C 178 -44.61 -22.04 10.29
N VAL C 179 -45.15 -22.77 9.30
CA VAL C 179 -45.72 -24.08 9.57
C VAL C 179 -44.68 -25.09 10.04
N PHE C 180 -43.47 -25.04 9.50
CA PHE C 180 -42.51 -26.15 9.67
C PHE C 180 -42.25 -26.63 11.07
N GLY C 181 -41.95 -25.69 11.96
CA GLY C 181 -41.65 -25.99 13.37
C GLY C 181 -42.62 -26.96 14.11
N ALA C 182 -43.89 -26.92 13.77
CA ALA C 182 -44.83 -27.76 14.43
C ALA C 182 -45.10 -28.96 13.53
N ALA C 183 -45.06 -28.72 12.22
CA ALA C 183 -45.37 -29.73 11.21
C ALA C 183 -44.40 -30.91 11.24
N VAL C 184 -43.12 -30.58 11.45
CA VAL C 184 -42.07 -31.51 11.24
C VAL C 184 -40.91 -31.28 12.22
N PRO C 185 -41.25 -31.42 13.51
CA PRO C 185 -40.35 -31.28 14.68
C PRO C 185 -38.87 -31.34 14.45
N GLU C 186 -38.15 -32.32 14.99
CA GLU C 186 -36.67 -32.18 14.89
C GLU C 186 -36.06 -32.90 13.68
N MSE C 187 -36.57 -32.53 12.52
CA MSE C 187 -36.35 -33.20 11.26
C MSE C 187 -35.03 -32.92 10.54
O MSE C 187 -34.48 -33.81 9.92
CB MSE C 187 -37.48 -32.79 10.33
CG MSE C 187 -37.47 -33.56 9.07
SE MSE C 187 -38.07 -35.35 9.46
CE MSE C 187 -38.96 -35.20 11.43
N PHE C 188 -34.56 -31.68 10.56
CA PHE C 188 -33.44 -31.30 9.71
C PHE C 188 -32.17 -31.18 10.50
N ASP C 189 -31.08 -31.61 9.88
CA ASP C 189 -29.82 -31.50 10.55
C ASP C 189 -29.13 -30.20 10.08
N ALA C 190 -29.71 -29.52 9.06
CA ALA C 190 -29.40 -28.10 8.77
C ALA C 190 -30.55 -27.32 8.14
N ILE C 191 -30.64 -26.02 8.46
CA ILE C 191 -31.68 -25.15 7.87
C ILE C 191 -31.13 -23.79 7.43
N LEU C 192 -31.53 -23.32 6.26
CA LEU C 192 -31.11 -22.01 5.81
C LEU C 192 -32.29 -21.06 5.81
N LEU C 193 -32.43 -20.22 6.82
CA LEU C 193 -33.55 -19.28 6.79
C LEU C 193 -33.03 -17.97 6.31
N ASP C 194 -33.25 -17.71 5.04
CA ASP C 194 -32.92 -16.42 4.49
C ASP C 194 -34.19 -15.59 4.42
N ALA C 195 -34.39 -14.78 5.47
CA ALA C 195 -35.69 -14.19 5.74
C ALA C 195 -36.09 -13.00 4.84
N PRO C 196 -37.33 -13.03 4.33
CA PRO C 196 -37.96 -11.84 3.82
C PRO C 196 -37.75 -10.71 4.83
N CYS C 197 -37.20 -9.60 4.33
CA CYS C 197 -36.70 -8.52 5.14
C CYS C 197 -37.03 -7.19 4.46
N SER C 198 -36.39 -6.09 4.90
CA SER C 198 -36.64 -4.75 4.33
C SER C 198 -35.76 -4.40 3.11
N GLY C 199 -34.94 -5.35 2.66
CA GLY C 199 -34.15 -5.21 1.43
C GLY C 199 -33.27 -3.98 1.26
N GLU C 200 -32.74 -3.46 2.37
CA GLU C 200 -31.85 -2.31 2.35
C GLU C 200 -30.50 -2.59 1.69
N GLY C 201 -30.05 -3.84 1.75
CA GLY C 201 -28.83 -4.23 1.06
C GLY C 201 -29.02 -4.31 -0.45
N VAL C 202 -30.30 -4.29 -0.88
CA VAL C 202 -30.73 -4.53 -2.26
C VAL C 202 -30.73 -3.24 -3.12
N VAL C 203 -30.41 -2.09 -2.56
CA VAL C 203 -30.49 -0.89 -3.40
C VAL C 203 -29.54 -0.86 -4.57
N ARG C 204 -28.49 -1.67 -4.52
CA ARG C 204 -27.55 -1.69 -5.63
C ARG C 204 -28.15 -2.37 -6.87
N LYS C 205 -28.99 -3.39 -6.66
CA LYS C 205 -29.68 -4.05 -7.78
C LYS C 205 -30.86 -3.19 -8.26
N ASP C 206 -31.54 -2.55 -7.31
CA ASP C 206 -32.74 -1.75 -7.61
C ASP C 206 -32.64 -0.38 -6.92
N PRO C 207 -32.45 0.70 -7.70
CA PRO C 207 -32.22 2.05 -7.11
C PRO C 207 -33.39 2.63 -6.30
N ASP C 208 -34.54 1.95 -6.33
CA ASP C 208 -35.66 2.33 -5.45
C ASP C 208 -36.30 1.20 -4.66
N ALA C 209 -35.52 0.15 -4.48
CA ALA C 209 -35.94 -1.04 -3.73
C ALA C 209 -36.74 -0.74 -2.46
N LEU C 210 -36.18 0.08 -1.55
CA LEU C 210 -36.79 0.31 -0.24
C LEU C 210 -38.03 1.21 -0.28
N LYS C 211 -38.00 2.25 -1.10
CA LYS C 211 -38.93 3.42 -0.96
C LYS C 211 -40.21 3.30 -0.11
N ASN C 212 -40.77 2.09 0.03
CA ASN C 212 -41.82 1.82 1.05
C ASN C 212 -41.25 1.37 2.40
N TRP C 213 -40.10 1.95 2.74
CA TRP C 213 -39.35 1.73 3.98
C TRP C 213 -39.93 2.55 5.15
N SER C 214 -40.14 1.89 6.30
CA SER C 214 -40.74 2.49 7.50
C SER C 214 -40.41 1.70 8.77
N PRO C 215 -39.87 2.35 9.81
CA PRO C 215 -39.51 1.65 11.06
C PRO C 215 -40.66 0.82 11.67
N GLU C 216 -41.89 1.27 11.45
CA GLU C 216 -43.08 0.52 11.83
C GLU C 216 -43.24 -0.69 10.92
N SER C 217 -43.19 -0.46 9.60
CA SER C 217 -43.26 -1.59 8.70
C SER C 217 -42.09 -2.52 8.93
N ASN C 218 -41.08 -2.04 9.67
CA ASN C 218 -39.94 -2.87 10.04
C ASN C 218 -40.20 -3.73 11.28
N GLN C 219 -40.83 -3.14 12.29
CA GLN C 219 -41.18 -3.88 13.50
C GLN C 219 -42.03 -5.09 13.14
N GLU C 220 -42.91 -4.91 12.15
CA GLU C 220 -43.81 -5.93 11.60
C GLU C 220 -43.05 -7.05 10.95
N ILE C 221 -42.20 -6.64 10.00
CA ILE C 221 -41.30 -7.54 9.29
C ILE C 221 -40.47 -8.37 10.26
N ALA C 222 -39.96 -7.73 11.32
CA ALA C 222 -39.17 -8.42 12.35
C ALA C 222 -40.02 -9.41 13.13
N ALA C 223 -41.28 -9.02 13.37
CA ALA C 223 -42.26 -9.92 14.01
C ALA C 223 -42.37 -11.24 13.25
N THR C 224 -42.54 -11.13 11.93
CA THR C 224 -42.54 -12.28 11.03
C THR C 224 -41.21 -13.02 11.11
N GLN C 225 -40.10 -12.29 11.11
CA GLN C 225 -38.79 -12.92 11.19
C GLN C 225 -38.59 -13.72 12.45
N ARG C 226 -39.11 -13.24 13.56
CA ARG C 226 -39.10 -14.04 14.78
C ARG C 226 -39.85 -15.38 14.60
N GLU C 227 -41.11 -15.32 14.20
CA GLU C 227 -41.90 -16.50 14.03
C GLU C 227 -41.25 -17.47 13.08
N LEU C 228 -40.60 -16.93 12.04
CA LEU C 228 -39.97 -17.74 11.01
C LEU C 228 -38.84 -18.54 11.60
N ILE C 229 -38.03 -17.83 12.38
CA ILE C 229 -36.83 -18.39 13.00
C ILE C 229 -37.22 -19.38 14.08
N ASP C 230 -38.26 -19.08 14.84
CA ASP C 230 -38.78 -20.02 15.81
C ASP C 230 -39.22 -21.32 15.14
N SER C 231 -40.12 -21.21 14.15
CA SER C 231 -40.48 -22.37 13.32
C SER C 231 -39.22 -23.13 12.88
N ALA C 232 -38.30 -22.48 12.19
CA ALA C 232 -37.05 -23.11 11.79
C ALA C 232 -36.33 -23.82 12.93
N PHE C 233 -36.27 -23.20 14.08
CA PHE C 233 -35.49 -23.74 15.15
C PHE C 233 -36.17 -24.96 15.66
N HIS C 234 -37.48 -24.97 15.61
CA HIS C 234 -38.24 -26.13 16.07
C HIS C 234 -38.05 -27.28 15.12
N ALA C 235 -37.89 -26.97 13.85
CA ALA C 235 -37.78 -28.00 12.85
C ALA C 235 -36.37 -28.52 12.71
N LEU C 236 -35.42 -27.92 13.45
CA LEU C 236 -33.99 -28.36 13.42
C LEU C 236 -33.64 -29.37 14.54
N ARG C 237 -33.10 -30.51 14.16
CA ARG C 237 -32.80 -31.53 15.14
C ARG C 237 -31.70 -31.02 16.07
N PRO C 238 -31.69 -31.49 17.33
CA PRO C 238 -30.60 -31.16 18.23
C PRO C 238 -29.29 -31.53 17.57
N GLY C 239 -28.23 -30.76 17.81
CA GLY C 239 -26.97 -30.97 17.12
C GLY C 239 -26.79 -30.10 15.87
N GLY C 240 -27.91 -29.76 15.21
CA GLY C 240 -27.88 -29.18 13.85
C GLY C 240 -27.56 -27.70 13.80
N THR C 241 -27.23 -27.21 12.62
CA THR C 241 -26.85 -25.83 12.45
C THR C 241 -28.00 -25.16 11.79
N LEU C 242 -28.23 -23.89 12.12
CA LEU C 242 -29.24 -23.07 11.46
C LEU C 242 -28.59 -21.84 10.95
N VAL C 243 -28.77 -21.51 9.67
CA VAL C 243 -28.23 -20.22 9.19
C VAL C 243 -29.34 -19.19 9.00
N TYR C 244 -29.21 -18.05 9.67
CA TYR C 244 -30.16 -16.93 9.52
C TYR C 244 -29.49 -15.81 8.79
N SER C 245 -30.10 -15.35 7.71
CA SER C 245 -29.52 -14.27 6.92
C SER C 245 -30.62 -13.42 6.39
N THR C 246 -30.29 -12.14 6.19
CA THR C 246 -31.18 -11.19 5.50
C THR C 246 -30.40 -10.26 4.57
N CYS C 247 -31.15 -9.58 3.72
CA CYS C 247 -30.61 -8.58 2.81
C CYS C 247 -30.80 -7.20 3.37
N THR C 248 -30.98 -7.09 4.68
CA THR C 248 -31.18 -5.77 5.28
C THR C 248 -29.98 -5.51 6.18
N LEU C 249 -29.81 -4.27 6.62
CA LEU C 249 -28.62 -3.91 7.33
C LEU C 249 -28.85 -3.44 8.77
N ASN C 250 -30.10 -3.18 9.17
CA ASN C 250 -30.39 -2.69 10.53
C ASN C 250 -30.35 -3.81 11.58
N GLN C 251 -30.49 -3.43 12.85
CA GLN C 251 -30.35 -4.37 13.98
C GLN C 251 -31.63 -5.13 14.29
N GLU C 252 -32.74 -4.42 14.12
CA GLU C 252 -34.04 -4.95 14.48
C GLU C 252 -34.33 -6.28 13.81
N GLU C 253 -33.94 -6.41 12.55
CA GLU C 253 -34.29 -7.60 11.76
C GLU C 253 -33.20 -8.64 11.72
N ASN C 254 -32.07 -8.30 12.34
CA ASN C 254 -30.87 -9.12 12.24
C ASN C 254 -30.44 -9.59 13.60
N GLU C 255 -29.60 -8.78 14.23
CA GLU C 255 -29.09 -9.04 15.55
C GLU C 255 -30.20 -9.30 16.53
N ALA C 256 -31.15 -8.37 16.58
CA ALA C 256 -32.25 -8.44 17.53
C ALA C 256 -33.05 -9.70 17.38
N VAL C 257 -33.02 -10.32 16.20
CA VAL C 257 -33.84 -11.48 15.94
C VAL C 257 -33.11 -12.72 16.45
N CYS C 258 -31.82 -12.79 16.16
CA CYS C 258 -30.99 -13.84 16.69
C CYS C 258 -30.91 -13.72 18.20
N LEU C 259 -30.71 -12.51 18.71
CA LEU C 259 -30.65 -12.34 20.16
C LEU C 259 -31.92 -12.82 20.82
N TRP C 260 -33.05 -12.49 20.20
CA TRP C 260 -34.35 -12.88 20.69
C TRP C 260 -34.39 -14.38 20.85
N LEU C 261 -34.03 -15.08 19.78
CA LEU C 261 -34.09 -16.51 19.75
C LEU C 261 -33.37 -17.08 20.96
N LYS C 262 -32.18 -16.56 21.26
CA LYS C 262 -31.45 -17.07 22.39
C LYS C 262 -32.15 -16.69 23.68
N GLU C 263 -32.81 -15.55 23.72
CA GLU C 263 -33.54 -15.22 24.92
C GLU C 263 -34.63 -16.29 25.14
N THR C 264 -35.16 -16.83 24.06
CA THR C 264 -36.34 -17.66 24.16
C THR C 264 -36.01 -19.11 24.52
N TYR C 265 -34.83 -19.55 24.14
CA TYR C 265 -34.33 -20.85 24.55
C TYR C 265 -32.87 -20.72 24.97
N PRO C 266 -32.65 -20.08 26.12
CA PRO C 266 -31.31 -19.75 26.59
C PRO C 266 -30.32 -20.89 26.60
N ASP C 267 -30.77 -22.06 27.00
CA ASP C 267 -29.87 -23.18 27.19
C ASP C 267 -29.78 -24.09 25.96
N ALA C 268 -30.53 -23.77 24.91
CA ALA C 268 -30.55 -24.57 23.68
C ALA C 268 -29.84 -23.92 22.46
N VAL C 269 -29.46 -22.65 22.54
CA VAL C 269 -28.95 -21.93 21.38
C VAL C 269 -27.51 -21.48 21.50
N GLU C 270 -26.65 -21.95 20.59
CA GLU C 270 -25.22 -21.63 20.62
C GLU C 270 -24.80 -20.83 19.38
N PHE C 271 -24.37 -19.58 19.52
CA PHE C 271 -23.88 -18.85 18.34
C PHE C 271 -22.54 -19.42 17.95
N LEU C 272 -22.29 -19.49 16.66
CA LEU C 272 -21.15 -20.19 16.14
C LEU C 272 -20.36 -19.25 15.28
N PRO C 273 -19.53 -18.41 15.92
CA PRO C 273 -18.69 -17.43 15.26
C PRO C 273 -18.25 -17.72 13.84
N LEU C 274 -18.38 -16.70 12.98
CA LEU C 274 -18.07 -16.88 11.58
C LEU C 274 -16.77 -16.26 11.14
N GLY C 275 -16.01 -15.72 12.10
CA GLY C 275 -14.80 -15.01 11.84
C GLY C 275 -13.73 -15.72 11.06
N ASP C 276 -13.73 -17.06 11.08
CA ASP C 276 -12.72 -17.84 10.37
C ASP C 276 -13.26 -18.25 9.02
N LEU C 277 -14.47 -17.80 8.71
CA LEU C 277 -15.17 -18.31 7.52
C LEU C 277 -14.29 -18.20 6.30
N PHE C 278 -13.66 -17.04 6.10
CA PHE C 278 -12.76 -16.76 4.96
C PHE C 278 -11.75 -15.76 5.39
N PRO C 279 -10.70 -15.57 4.59
CA PRO C 279 -9.69 -14.51 4.87
C PRO C 279 -10.34 -13.15 4.68
N GLY C 280 -10.43 -12.36 5.73
CA GLY C 280 -11.01 -11.04 5.64
C GLY C 280 -12.36 -10.98 6.31
N ALA C 281 -12.91 -12.16 6.63
CA ALA C 281 -14.15 -12.25 7.40
C ALA C 281 -14.14 -11.34 8.61
N ASN C 282 -13.04 -11.26 9.34
CA ASN C 282 -12.97 -10.33 10.45
C ASN C 282 -13.56 -8.93 10.24
N LYS C 283 -13.32 -8.36 9.05
CA LYS C 283 -13.75 -6.99 8.78
C LYS C 283 -15.24 -6.79 9.04
N ALA C 284 -16.03 -7.87 8.99
CA ALA C 284 -17.49 -7.75 9.16
C ALA C 284 -18.02 -8.51 10.39
N LEU C 285 -17.10 -8.97 11.22
CA LEU C 285 -17.45 -9.76 12.38
C LEU C 285 -18.14 -8.92 13.46
N THR C 286 -19.23 -9.45 14.01
CA THR C 286 -19.84 -8.79 15.17
C THR C 286 -19.49 -9.57 16.40
N GLU C 287 -19.66 -8.92 17.55
CA GLU C 287 -19.26 -9.55 18.81
C GLU C 287 -19.95 -10.88 19.10
N GLU C 288 -20.99 -11.24 18.37
CA GLU C 288 -21.64 -12.52 18.64
C GLU C 288 -21.14 -13.57 17.69
N GLY C 289 -20.49 -13.14 16.61
CA GLY C 289 -19.90 -14.07 15.64
C GLY C 289 -20.66 -14.01 14.34
N PHE C 290 -21.54 -13.01 14.25
CA PHE C 290 -22.34 -12.77 13.08
C PHE C 290 -21.53 -12.01 12.09
N LEU C 291 -21.85 -12.15 10.80
CA LEU C 291 -21.23 -11.27 9.81
C LEU C 291 -22.20 -10.20 9.34
N HIS C 292 -21.91 -8.95 9.67
CA HIS C 292 -22.78 -7.82 9.33
C HIS C 292 -22.19 -7.13 8.10
N VAL C 293 -22.42 -7.71 6.94
CA VAL C 293 -21.73 -7.30 5.74
C VAL C 293 -22.34 -6.07 5.11
N PHE C 294 -21.69 -4.93 5.36
CA PHE C 294 -21.98 -3.71 4.66
C PHE C 294 -21.43 -3.81 3.24
N PRO C 295 -22.07 -3.13 2.32
CA PRO C 295 -21.89 -3.42 0.92
C PRO C 295 -20.45 -3.10 0.49
N GLN C 296 -19.91 -2.02 1.05
CA GLN C 296 -18.60 -1.50 0.67
C GLN C 296 -17.42 -2.21 1.34
N ILE C 297 -17.72 -3.14 2.23
CA ILE C 297 -16.67 -3.91 2.87
C ILE C 297 -15.99 -4.76 1.80
N TYR C 298 -16.78 -5.54 1.07
CA TYR C 298 -16.24 -6.50 0.11
C TYR C 298 -16.62 -6.12 -1.33
N ASP C 299 -17.04 -4.87 -1.48
CA ASP C 299 -17.75 -4.37 -2.64
C ASP C 299 -18.77 -5.35 -3.20
N CYS C 300 -20.00 -5.23 -2.69
CA CYS C 300 -21.16 -6.03 -3.14
C CYS C 300 -22.42 -5.62 -2.40
N GLU C 301 -23.36 -6.55 -2.26
CA GLU C 301 -24.68 -6.29 -1.66
C GLU C 301 -24.59 -6.12 -0.13
N GLY C 302 -25.65 -5.62 0.50
CA GLY C 302 -25.70 -5.47 1.95
C GLY C 302 -26.38 -6.69 2.51
N PHE C 303 -25.80 -7.28 3.55
CA PHE C 303 -26.18 -8.66 3.90
C PHE C 303 -25.85 -8.94 5.35
N PHE C 304 -26.55 -9.92 5.93
CA PHE C 304 -26.38 -10.34 7.33
C PHE C 304 -26.39 -11.87 7.43
N VAL C 305 -25.38 -12.45 8.08
CA VAL C 305 -25.38 -13.89 8.24
C VAL C 305 -25.13 -14.36 9.66
N ALA C 306 -25.92 -15.29 10.14
CA ALA C 306 -25.82 -15.75 11.51
C ALA C 306 -25.94 -17.25 11.52
N ARG C 307 -25.07 -17.91 12.26
CA ARG C 307 -25.06 -19.36 12.28
C ARG C 307 -25.20 -19.76 13.75
N LEU C 308 -26.16 -20.62 14.06
CA LEU C 308 -26.27 -21.11 15.42
C LEU C 308 -26.51 -22.59 15.45
N ARG C 309 -26.21 -23.19 16.59
CA ARG C 309 -26.44 -24.61 16.75
C ARG C 309 -27.41 -24.86 17.87
N LYS C 310 -28.36 -25.75 17.62
CA LYS C 310 -29.26 -26.22 18.67
C LYS C 310 -28.52 -27.25 19.56
N THR C 311 -28.33 -26.91 20.84
CA THR C 311 -27.55 -27.83 21.68
C THR C 311 -28.36 -28.82 22.52
N GLN C 312 -29.68 -28.73 22.47
CA GLN C 312 -30.54 -29.55 23.27
C GLN C 312 -31.87 -29.65 22.64
N ALA C 313 -32.68 -30.61 23.07
CA ALA C 313 -34.09 -30.65 22.73
C ALA C 313 -34.82 -29.47 23.38
N ILE C 314 -35.80 -28.93 22.66
CA ILE C 314 -36.64 -27.89 23.23
C ILE C 314 -38.06 -28.44 23.38
N PRO C 315 -38.86 -27.84 24.26
CA PRO C 315 -40.22 -28.35 24.46
C PRO C 315 -41.02 -28.45 23.16
N ALA C 316 -42.06 -29.26 23.17
CA ALA C 316 -42.87 -29.53 21.95
C ALA C 316 -43.97 -28.52 21.75
N LEU C 317 -44.41 -28.39 20.50
CA LEU C 317 -45.64 -27.64 20.21
C LEU C 317 -46.74 -28.70 20.10
N PRO C 318 -48.01 -28.33 20.19
CA PRO C 318 -49.06 -29.31 19.89
C PRO C 318 -49.14 -29.73 18.40
N ALA C 319 -48.91 -28.75 17.52
CA ALA C 319 -49.81 -28.45 16.38
C ALA C 319 -49.70 -29.28 15.06
N PRO C 320 -50.12 -30.55 15.13
CA PRO C 320 -50.24 -31.34 13.94
C PRO C 320 -51.74 -31.34 13.60
N LYS C 321 -52.18 -30.23 13.01
CA LYS C 321 -53.58 -29.99 12.69
C LYS C 321 -54.01 -30.47 11.27
N TYR C 322 -53.07 -30.39 10.30
CA TYR C 322 -53.41 -30.47 8.87
C TYR C 322 -53.35 -31.88 8.20
N LYS C 323 -53.67 -32.92 8.96
CA LYS C 323 -53.56 -34.31 8.48
C LYS C 323 -53.53 -34.45 6.96
N VAL C 324 -52.40 -34.94 6.47
CA VAL C 324 -51.92 -34.72 5.10
C VAL C 324 -52.42 -35.69 4.02
N GLY C 325 -53.30 -36.63 4.40
CA GLY C 325 -53.95 -37.54 3.43
C GLY C 325 -53.02 -38.31 2.49
N ASN C 326 -53.61 -39.05 1.56
CA ASN C 326 -52.87 -40.01 0.74
C ASN C 326 -51.73 -39.42 -0.07
N PHE C 327 -50.55 -40.05 -0.01
CA PHE C 327 -49.45 -39.74 -0.90
C PHE C 327 -49.67 -40.49 -2.20
N PRO C 328 -49.62 -39.81 -3.35
CA PRO C 328 -50.07 -40.42 -4.61
C PRO C 328 -49.06 -41.37 -5.29
N PHE C 329 -47.97 -41.67 -4.61
CA PHE C 329 -46.89 -42.45 -5.17
C PHE C 329 -46.66 -43.71 -4.35
N SER C 330 -46.28 -44.77 -5.03
CA SER C 330 -45.91 -46.02 -4.38
C SER C 330 -44.53 -46.45 -4.85
N PRO C 331 -43.69 -46.99 -3.96
CA PRO C 331 -42.34 -47.41 -4.36
C PRO C 331 -42.43 -48.59 -5.34
N VAL C 332 -41.59 -48.61 -6.37
CA VAL C 332 -41.68 -49.70 -7.35
C VAL C 332 -41.08 -51.00 -6.84
N LYS C 333 -41.76 -52.11 -7.14
CA LYS C 333 -41.33 -53.41 -6.65
C LYS C 333 -40.03 -53.83 -7.31
N ASP C 334 -39.32 -54.73 -6.64
CA ASP C 334 -37.98 -55.17 -7.04
C ASP C 334 -37.89 -55.69 -8.45
N ARG C 335 -38.71 -56.67 -8.77
CA ARG C 335 -38.75 -57.22 -10.12
C ARG C 335 -38.62 -56.08 -11.16
N GLU C 336 -39.59 -55.18 -11.15
CA GLU C 336 -39.62 -54.10 -12.13
C GLU C 336 -38.50 -53.05 -11.94
N ALA C 337 -38.33 -52.57 -10.71
CA ALA C 337 -37.20 -51.71 -10.41
C ALA C 337 -35.93 -52.16 -11.16
N GLY C 338 -35.64 -53.47 -11.11
CA GLY C 338 -34.43 -54.00 -11.71
C GLY C 338 -34.43 -53.75 -13.19
N GLN C 339 -35.50 -54.18 -13.84
CA GLN C 339 -35.63 -53.99 -15.28
C GLN C 339 -35.65 -52.53 -15.76
N ILE C 340 -36.04 -51.62 -14.90
CA ILE C 340 -35.96 -50.20 -15.28
C ILE C 340 -34.55 -49.69 -15.23
N ARG C 341 -33.85 -49.92 -14.11
CA ARG C 341 -32.47 -49.43 -13.96
C ARG C 341 -31.61 -49.96 -15.13
N GLN C 342 -31.87 -51.21 -15.52
CA GLN C 342 -31.21 -51.82 -16.67
C GLN C 342 -31.62 -51.15 -17.98
N ALA C 343 -32.90 -50.85 -18.13
CA ALA C 343 -33.34 -50.17 -19.36
C ALA C 343 -32.79 -48.76 -19.44
N ALA C 344 -32.61 -48.12 -18.29
CA ALA C 344 -32.12 -46.76 -18.27
C ALA C 344 -30.65 -46.78 -18.55
N THR C 345 -29.97 -47.75 -17.94
CA THR C 345 -28.55 -47.89 -18.06
C THR C 345 -28.26 -47.95 -19.53
N GLY C 346 -29.09 -48.69 -20.23
CA GLY C 346 -28.90 -48.98 -21.63
C GLY C 346 -29.06 -47.74 -22.47
N VAL C 347 -29.47 -46.64 -21.85
CA VAL C 347 -29.65 -45.39 -22.59
C VAL C 347 -28.71 -44.28 -22.08
N GLY C 348 -27.88 -44.59 -21.07
CA GLY C 348 -26.89 -43.64 -20.54
C GLY C 348 -27.27 -43.00 -19.21
N LEU C 349 -28.40 -43.42 -18.65
CA LEU C 349 -28.86 -42.88 -17.40
C LEU C 349 -28.60 -43.85 -16.26
N ASN C 350 -28.01 -43.31 -15.19
CA ASN C 350 -27.74 -44.06 -13.99
C ASN C 350 -27.96 -43.26 -12.70
N TRP C 351 -28.36 -43.97 -11.63
CA TRP C 351 -28.55 -43.36 -10.33
C TRP C 351 -27.61 -43.94 -9.32
N ASP C 352 -27.34 -43.14 -8.28
CA ASP C 352 -26.77 -43.55 -7.01
C ASP C 352 -27.61 -44.57 -6.28
N GLU C 353 -27.05 -45.04 -5.17
CA GLU C 353 -27.85 -45.65 -4.15
C GLU C 353 -28.64 -44.56 -3.34
N ASN C 354 -28.47 -43.28 -3.65
CA ASN C 354 -29.19 -42.21 -2.91
C ASN C 354 -30.64 -42.13 -3.33
N LEU C 355 -30.93 -42.72 -4.48
CA LEU C 355 -32.24 -42.59 -5.10
C LEU C 355 -32.96 -43.93 -5.25
N ARG C 356 -34.27 -43.88 -5.12
CA ARG C 356 -35.13 -45.08 -5.20
C ARG C 356 -36.34 -44.79 -6.07
N LEU C 357 -36.70 -45.72 -6.93
CA LEU C 357 -37.81 -45.55 -7.87
C LEU C 357 -39.20 -45.59 -7.20
N TRP C 358 -39.99 -44.54 -7.40
CA TRP C 358 -41.44 -44.63 -7.14
C TRP C 358 -42.21 -44.45 -8.46
N GLN C 359 -43.52 -44.67 -8.40
CA GLN C 359 -44.39 -44.55 -9.56
C GLN C 359 -45.75 -43.97 -9.19
N ARG C 360 -46.41 -43.33 -10.15
CA ARG C 360 -47.78 -42.88 -9.97
C ARG C 360 -48.69 -43.41 -11.05
N ASP C 361 -48.52 -42.94 -12.27
CA ASP C 361 -49.41 -43.47 -13.31
C ASP C 361 -48.65 -44.30 -14.34
N LYS C 362 -48.53 -43.78 -15.55
CA LYS C 362 -47.51 -44.25 -16.46
C LYS C 362 -46.15 -43.68 -15.98
N GLU C 363 -46.21 -42.77 -15.00
CA GLU C 363 -45.06 -41.94 -14.57
C GLU C 363 -44.10 -42.74 -13.74
N LEU C 364 -42.83 -42.36 -13.85
CA LEU C 364 -41.73 -43.05 -13.18
C LEU C 364 -40.75 -42.07 -12.54
N TRP C 365 -40.73 -42.03 -11.21
CA TRP C 365 -39.99 -41.03 -10.45
C TRP C 365 -38.84 -41.62 -9.68
N LEU C 366 -37.86 -40.77 -9.42
CA LEU C 366 -36.80 -41.08 -8.51
C LEU C 366 -36.86 -40.10 -7.34
N PHE C 367 -37.01 -40.63 -6.13
CA PHE C 367 -36.99 -39.81 -4.89
C PHE C 367 -35.72 -40.12 -4.11
N PRO C 368 -35.12 -39.11 -3.45
CA PRO C 368 -33.94 -39.34 -2.60
C PRO C 368 -34.38 -39.93 -1.28
N VAL C 369 -33.76 -41.03 -0.86
CA VAL C 369 -34.11 -41.66 0.45
C VAL C 369 -34.17 -40.66 1.60
N GLY C 370 -33.23 -39.70 1.58
CA GLY C 370 -33.24 -38.62 2.57
C GLY C 370 -34.63 -38.04 2.87
N ILE C 371 -35.50 -38.00 1.84
CA ILE C 371 -36.76 -37.31 1.99
C ILE C 371 -37.85 -38.26 2.47
N GLU C 372 -37.65 -39.57 2.37
CA GLU C 372 -38.71 -40.48 2.72
C GLU C 372 -39.35 -40.20 4.08
N ALA C 373 -38.52 -39.80 5.03
CA ALA C 373 -38.93 -39.40 6.38
C ALA C 373 -40.09 -38.37 6.49
N LEU C 374 -40.31 -37.63 5.42
CA LEU C 374 -41.23 -36.47 5.50
C LEU C 374 -42.57 -36.78 4.88
N ILE C 375 -42.55 -37.76 3.98
CA ILE C 375 -43.77 -38.20 3.36
C ILE C 375 -44.82 -38.39 4.44
N GLY C 376 -45.90 -37.62 4.35
CA GLY C 376 -47.01 -37.78 5.26
C GLY C 376 -47.01 -36.78 6.39
N LYS C 377 -45.90 -36.06 6.52
CA LYS C 377 -45.82 -34.96 7.48
C LYS C 377 -46.04 -33.62 6.76
N VAL C 378 -45.74 -33.58 5.45
CA VAL C 378 -45.92 -32.39 4.59
C VAL C 378 -46.47 -32.73 3.21
N ARG C 379 -47.30 -31.85 2.65
CA ARG C 379 -47.78 -32.04 1.28
C ARG C 379 -46.66 -31.54 0.36
N PHE C 380 -46.25 -32.39 -0.56
CA PHE C 380 -45.18 -32.01 -1.44
C PHE C 380 -45.71 -31.52 -2.73
N SER C 381 -45.06 -30.49 -3.23
CA SER C 381 -45.42 -29.94 -4.51
C SER C 381 -44.72 -30.74 -5.64
N ARG C 382 -43.61 -31.39 -5.32
CA ARG C 382 -42.80 -32.11 -6.31
C ARG C 382 -41.68 -32.80 -5.55
N LEU C 383 -41.16 -33.93 -6.03
CA LEU C 383 -40.03 -34.57 -5.33
C LEU C 383 -39.13 -35.27 -6.32
N GLY C 384 -37.84 -35.20 -6.12
CA GLY C 384 -36.85 -35.89 -6.94
C GLY C 384 -36.96 -35.52 -8.41
N ILE C 385 -36.76 -36.48 -9.28
CA ILE C 385 -36.96 -36.25 -10.69
C ILE C 385 -37.94 -37.22 -11.34
N LYS C 386 -38.59 -36.77 -12.40
CA LYS C 386 -39.36 -37.65 -13.23
C LYS C 386 -38.34 -38.36 -14.11
N LEU C 387 -38.26 -39.69 -14.01
CA LEU C 387 -37.34 -40.44 -14.85
C LEU C 387 -37.95 -40.65 -16.20
N ALA C 388 -39.17 -41.17 -16.22
CA ALA C 388 -39.82 -41.48 -17.47
C ALA C 388 -41.34 -41.59 -17.37
N GLU C 389 -41.94 -41.73 -18.53
CA GLU C 389 -43.34 -42.02 -18.73
C GLU C 389 -43.35 -43.40 -19.37
N THR C 390 -44.08 -44.39 -18.84
CA THR C 390 -44.25 -45.62 -19.62
C THR C 390 -45.24 -45.44 -20.80
N HIS C 391 -44.86 -45.95 -21.96
CA HIS C 391 -45.80 -46.02 -23.08
C HIS C 391 -45.51 -47.32 -23.86
N ASN C 392 -46.56 -48.13 -24.00
CA ASN C 392 -46.46 -49.53 -24.43
C ASN C 392 -45.40 -50.23 -23.57
N LYS C 393 -44.64 -51.13 -24.17
CA LYS C 393 -43.52 -51.76 -23.44
C LYS C 393 -42.37 -50.78 -23.17
N GLY C 394 -42.46 -49.58 -23.74
CA GLY C 394 -41.39 -48.61 -23.73
C GLY C 394 -41.42 -47.53 -22.65
N TYR C 395 -40.62 -46.48 -22.89
CA TYR C 395 -40.39 -45.40 -21.95
C TYR C 395 -40.08 -44.10 -22.70
N ARG C 396 -40.69 -42.98 -22.34
CA ARG C 396 -40.27 -41.67 -22.85
C ARG C 396 -39.46 -41.02 -21.75
N TRP C 397 -38.14 -41.07 -21.87
CA TRP C 397 -37.25 -40.50 -20.85
C TRP C 397 -37.43 -39.01 -20.79
N GLN C 398 -37.44 -38.47 -19.60
CA GLN C 398 -37.66 -37.06 -19.42
C GLN C 398 -36.36 -36.28 -19.53
N HIS C 399 -36.50 -35.10 -20.13
CA HIS C 399 -35.37 -34.23 -20.27
C HIS C 399 -34.66 -34.07 -18.94
N GLU C 400 -35.40 -33.71 -17.90
CA GLU C 400 -34.72 -33.40 -16.67
C GLU C 400 -33.89 -34.56 -16.14
N ALA C 401 -34.33 -35.79 -16.41
CA ALA C 401 -33.57 -36.97 -16.00
C ALA C 401 -32.26 -37.12 -16.81
N VAL C 402 -32.34 -36.75 -18.09
CA VAL C 402 -31.17 -36.77 -18.95
C VAL C 402 -30.12 -35.78 -18.49
N ILE C 403 -30.54 -34.58 -18.10
CA ILE C 403 -29.58 -33.61 -17.64
C ILE C 403 -28.94 -34.11 -16.35
N ALA C 404 -29.70 -34.85 -15.54
CA ALA C 404 -29.24 -35.29 -14.23
C ALA C 404 -28.43 -36.57 -14.24
N LEU C 405 -28.89 -37.60 -14.94
CA LEU C 405 -28.33 -38.95 -14.80
C LEU C 405 -27.43 -39.43 -15.92
N ALA C 406 -27.38 -38.64 -17.01
CA ALA C 406 -26.55 -38.93 -18.18
C ALA C 406 -25.09 -38.84 -17.87
N SER C 407 -24.36 -39.93 -18.04
CA SER C 407 -22.92 -39.85 -18.02
C SER C 407 -22.39 -39.68 -19.45
N PRO C 408 -21.69 -38.57 -19.64
CA PRO C 408 -21.18 -38.13 -20.96
C PRO C 408 -20.02 -39.00 -21.49
N ASP C 409 -18.96 -39.10 -20.69
CA ASP C 409 -17.86 -40.07 -20.92
C ASP C 409 -18.50 -41.46 -21.05
N ASN C 410 -18.78 -41.83 -22.30
CA ASN C 410 -19.57 -42.97 -22.66
C ASN C 410 -19.03 -43.46 -24.04
N MSE C 411 -19.58 -44.56 -24.55
CA MSE C 411 -19.19 -45.15 -25.82
C MSE C 411 -20.36 -45.00 -26.79
O MSE C 411 -20.42 -45.66 -27.85
CB MSE C 411 -18.93 -46.65 -25.60
CG MSE C 411 -17.45 -47.07 -25.34
SE MSE C 411 -16.69 -48.30 -26.80
CE MSE C 411 -18.36 -49.69 -27.30
N ASN C 412 -21.31 -44.15 -26.41
CA ASN C 412 -22.53 -43.90 -27.17
C ASN C 412 -23.01 -42.45 -27.07
N ALA C 413 -22.25 -41.65 -26.30
CA ALA C 413 -22.32 -40.19 -26.37
C ALA C 413 -22.09 -39.73 -27.81
N PHE C 414 -22.50 -38.49 -28.12
CA PHE C 414 -22.23 -37.88 -29.41
C PHE C 414 -22.04 -36.37 -29.28
N GLU C 415 -20.83 -35.90 -29.54
CA GLU C 415 -20.48 -34.50 -29.37
C GLU C 415 -20.92 -33.69 -30.56
N LEU C 416 -21.66 -32.63 -30.29
CA LEU C 416 -22.08 -31.71 -31.33
C LEU C 416 -21.01 -30.69 -31.57
N THR C 417 -21.05 -30.11 -32.77
CA THR C 417 -20.26 -28.94 -33.04
C THR C 417 -21.06 -27.75 -32.51
N PRO C 418 -20.40 -26.64 -32.26
CA PRO C 418 -21.06 -25.42 -31.79
C PRO C 418 -22.23 -25.04 -32.70
N GLN C 419 -22.00 -25.15 -34.01
CA GLN C 419 -23.02 -24.96 -35.01
C GLN C 419 -24.26 -25.80 -34.69
N GLU C 420 -24.01 -27.10 -34.52
CA GLU C 420 -25.05 -28.10 -34.22
C GLU C 420 -25.72 -27.87 -32.86
N ALA C 421 -24.93 -27.47 -31.88
CA ALA C 421 -25.48 -27.18 -30.56
C ALA C 421 -26.52 -26.06 -30.60
N GLU C 422 -26.17 -24.97 -31.29
CA GLU C 422 -27.05 -23.81 -31.45
C GLU C 422 -28.40 -24.28 -31.95
N GLU C 423 -28.36 -25.09 -33.01
CA GLU C 423 -29.55 -25.71 -33.57
C GLU C 423 -30.36 -26.39 -32.47
N TRP C 424 -29.71 -27.21 -31.66
CA TRP C 424 -30.46 -27.92 -30.62
C TRP C 424 -31.24 -26.91 -29.79
N TYR C 425 -30.60 -25.81 -29.45
CA TYR C 425 -31.19 -24.87 -28.50
C TYR C 425 -32.28 -24.03 -29.12
N ARG C 426 -32.12 -23.76 -30.41
CA ARG C 426 -33.23 -23.22 -31.22
C ARG C 426 -34.36 -24.24 -31.36
N GLY C 427 -34.18 -25.45 -30.83
CA GLY C 427 -35.17 -26.50 -30.93
C GLY C 427 -35.34 -27.05 -32.34
N ARG C 428 -34.23 -27.25 -33.04
CA ARG C 428 -34.29 -27.81 -34.40
C ARG C 428 -33.52 -29.11 -34.47
N ASP C 429 -33.89 -29.97 -35.42
CA ASP C 429 -33.26 -31.27 -35.64
C ASP C 429 -31.83 -31.07 -36.16
N VAL C 430 -30.93 -32.01 -35.83
CA VAL C 430 -29.50 -31.90 -36.18
C VAL C 430 -28.98 -33.02 -37.10
N TYR C 431 -28.24 -32.67 -38.15
CA TYR C 431 -27.81 -33.64 -39.17
C TYR C 431 -26.29 -33.81 -39.16
N PRO C 432 -25.80 -34.83 -38.47
CA PRO C 432 -24.35 -35.04 -38.37
C PRO C 432 -23.71 -35.67 -39.60
N GLN C 433 -22.44 -35.33 -39.79
CA GLN C 433 -21.60 -35.96 -40.80
C GLN C 433 -21.23 -37.35 -40.32
N ALA C 434 -20.76 -37.43 -39.07
CA ALA C 434 -20.52 -38.70 -38.39
C ALA C 434 -21.75 -39.57 -38.59
N ALA C 435 -22.82 -39.27 -37.87
CA ALA C 435 -24.13 -39.99 -37.93
C ALA C 435 -24.10 -41.34 -37.23
N PRO C 436 -24.05 -41.31 -35.90
CA PRO C 436 -23.87 -42.50 -35.06
C PRO C 436 -24.85 -43.65 -35.30
N VAL C 437 -24.60 -44.75 -34.60
CA VAL C 437 -25.26 -46.05 -34.84
C VAL C 437 -26.52 -46.27 -33.98
N ALA C 438 -26.47 -45.79 -32.74
CA ALA C 438 -27.57 -45.90 -31.80
C ALA C 438 -28.89 -45.40 -32.39
N ASP C 439 -29.98 -46.02 -31.97
CA ASP C 439 -31.31 -45.52 -32.29
C ASP C 439 -31.68 -44.40 -31.34
N ASP C 440 -31.14 -44.50 -30.12
CA ASP C 440 -31.30 -43.47 -29.11
C ASP C 440 -29.89 -42.93 -28.83
N VAL C 441 -29.65 -41.64 -29.08
CA VAL C 441 -28.30 -41.07 -28.97
C VAL C 441 -28.19 -39.99 -27.92
N LEU C 442 -27.27 -40.18 -26.98
CA LEU C 442 -27.02 -39.20 -25.93
C LEU C 442 -26.17 -38.09 -26.47
N VAL C 443 -26.74 -36.88 -26.48
CA VAL C 443 -26.21 -35.74 -27.19
C VAL C 443 -25.49 -34.76 -26.26
N THR C 444 -24.17 -34.65 -26.42
CA THR C 444 -23.37 -33.78 -25.55
C THR C 444 -22.80 -32.57 -26.27
N PHE C 445 -22.66 -31.47 -25.52
CA PHE C 445 -21.81 -30.36 -25.99
C PHE C 445 -20.82 -29.87 -24.90
N GLN C 446 -19.58 -29.68 -25.34
CA GLN C 446 -18.41 -29.65 -24.44
C GLN C 446 -18.49 -30.79 -23.42
N HIS C 447 -19.04 -31.93 -23.87
CA HIS C 447 -19.02 -33.18 -23.11
C HIS C 447 -20.02 -33.18 -21.97
N GLN C 448 -21.12 -32.47 -22.17
CA GLN C 448 -22.13 -32.41 -21.13
C GLN C 448 -23.43 -32.86 -21.72
N PRO C 449 -24.14 -33.69 -21.00
CA PRO C 449 -25.39 -34.22 -21.48
C PRO C 449 -26.27 -33.03 -21.82
N ILE C 450 -26.85 -33.03 -23.01
CA ILE C 450 -27.67 -31.90 -23.39
C ILE C 450 -29.12 -32.24 -23.79
N GLY C 451 -29.39 -33.52 -24.04
CA GLY C 451 -30.72 -33.93 -24.41
C GLY C 451 -30.60 -35.34 -24.92
N LEU C 452 -31.74 -36.01 -25.08
CA LEU C 452 -31.75 -37.39 -25.55
C LEU C 452 -32.58 -37.47 -26.83
N ALA C 453 -31.91 -37.89 -27.91
CA ALA C 453 -32.47 -37.80 -29.27
C ALA C 453 -32.81 -39.16 -29.89
N LYS C 454 -33.92 -39.22 -30.62
CA LYS C 454 -34.19 -40.38 -31.48
C LYS C 454 -33.50 -40.15 -32.85
N ARG C 455 -33.06 -41.22 -33.51
CA ARG C 455 -32.15 -41.05 -34.65
C ARG C 455 -32.78 -40.89 -36.04
N ILE C 456 -34.01 -41.39 -36.22
CA ILE C 456 -34.71 -41.33 -37.54
C ILE C 456 -33.80 -41.21 -38.75
N GLY C 457 -33.22 -42.34 -39.15
CA GLY C 457 -32.41 -42.36 -40.36
C GLY C 457 -31.12 -41.63 -40.10
N SER C 458 -31.07 -40.36 -40.52
CA SER C 458 -29.86 -39.56 -40.32
C SER C 458 -30.07 -38.21 -39.64
N ARG C 459 -31.12 -38.13 -38.84
CA ARG C 459 -31.72 -36.85 -38.46
C ARG C 459 -31.47 -36.38 -37.01
N LEU C 460 -31.54 -37.26 -36.04
CA LEU C 460 -31.48 -36.79 -34.66
C LEU C 460 -32.59 -35.78 -34.36
N LYS C 461 -33.72 -36.27 -33.83
CA LYS C 461 -34.86 -35.41 -33.55
C LYS C 461 -34.68 -34.57 -32.27
N ASN C 462 -35.08 -33.32 -32.36
CA ASN C 462 -34.99 -32.39 -31.27
C ASN C 462 -35.99 -32.73 -30.17
N SER C 463 -35.46 -32.88 -28.95
CA SER C 463 -36.22 -33.35 -27.82
C SER C 463 -36.13 -32.36 -26.65
N TYR C 464 -35.61 -31.18 -26.97
CA TYR C 464 -35.46 -30.06 -26.03
C TYR C 464 -36.83 -29.48 -25.64
N PRO C 465 -37.19 -29.52 -24.36
CA PRO C 465 -38.51 -29.04 -23.90
C PRO C 465 -38.82 -27.65 -24.47
N ARG C 466 -39.97 -27.51 -25.13
CA ARG C 466 -40.23 -26.28 -25.88
C ARG C 466 -40.36 -25.06 -24.97
N GLU C 467 -40.91 -25.24 -23.76
CA GLU C 467 -40.90 -24.18 -22.74
C GLU C 467 -39.51 -23.50 -22.58
N LEU C 468 -38.50 -24.12 -23.20
CA LEU C 468 -37.11 -23.72 -23.09
C LEU C 468 -36.45 -23.30 -24.42
N VAL C 469 -37.08 -23.58 -25.55
CA VAL C 469 -36.35 -23.36 -26.79
C VAL C 469 -35.95 -21.91 -26.89
N ARG C 470 -34.65 -21.65 -26.79
CA ARG C 470 -34.11 -20.29 -26.86
C ARG C 470 -34.52 -19.54 -28.15
N ASP C 471 -34.83 -18.26 -27.97
CA ASP C 471 -35.48 -17.44 -28.98
C ASP C 471 -34.48 -16.67 -29.83
N GLY C 472 -33.37 -16.26 -29.23
CA GLY C 472 -32.53 -15.23 -29.83
C GLY C 472 -31.17 -15.60 -30.42
N LYS C 473 -30.09 -15.20 -29.74
CA LYS C 473 -28.73 -15.39 -30.27
C LYS C 473 -27.87 -16.09 -29.23
N LEU C 474 -26.76 -16.68 -29.68
CA LEU C 474 -26.05 -17.72 -28.92
C LEU C 474 -24.53 -17.73 -29.09
N TYR D 7 38.26 0.58 20.82
CA TYR D 7 38.53 1.41 22.08
C TYR D 7 39.09 0.66 23.32
N PHE D 8 40.20 1.17 23.87
CA PHE D 8 40.92 0.59 25.02
C PHE D 8 41.50 1.68 25.90
N PRO D 9 41.17 1.70 27.19
CA PRO D 9 41.78 2.65 28.11
C PRO D 9 43.19 2.26 28.54
N ASP D 10 44.03 3.28 28.77
CA ASP D 10 45.44 3.05 29.08
C ASP D 10 45.58 2.01 30.19
N ALA D 11 44.98 2.30 31.34
CA ALA D 11 45.06 1.44 32.50
C ALA D 11 44.87 -0.02 32.12
N PHE D 12 43.90 -0.27 31.22
CA PHE D 12 43.49 -1.62 30.79
C PHE D 12 44.52 -2.31 29.92
N LEU D 13 45.07 -1.60 28.93
CA LEU D 13 46.11 -2.17 28.08
C LEU D 13 47.44 -2.37 28.81
N THR D 14 47.88 -1.34 29.54
CA THR D 14 49.16 -1.45 30.21
C THR D 14 49.02 -2.27 31.52
N GLN D 15 48.05 -3.20 31.54
CA GLN D 15 47.86 -4.20 32.62
C GLN D 15 47.41 -5.57 32.05
N MSE D 16 46.96 -5.56 30.79
CA MSE D 16 46.87 -6.75 29.93
C MSE D 16 48.28 -7.13 29.43
O MSE D 16 48.54 -8.31 29.13
CB MSE D 16 45.96 -6.51 28.72
CG MSE D 16 44.46 -6.51 29.04
SE MSE D 16 43.60 -8.28 28.84
CE MSE D 16 43.38 -8.86 30.75
N ARG D 17 49.16 -6.13 29.32
CA ARG D 17 50.56 -6.39 28.98
C ARG D 17 51.30 -7.16 30.07
N GLU D 18 50.95 -6.90 31.34
CA GLU D 18 51.55 -7.58 32.50
C GLU D 18 50.83 -8.87 32.90
N ALA D 19 49.84 -9.28 32.10
CA ALA D 19 49.08 -10.51 32.35
C ALA D 19 49.16 -11.49 31.17
N MSE D 20 49.91 -11.14 30.12
CA MSE D 20 50.11 -12.03 28.98
C MSE D 20 51.15 -13.16 29.19
O MSE D 20 52.34 -12.89 29.49
CB MSE D 20 50.42 -11.24 27.69
CG MSE D 20 49.17 -10.90 26.84
SE MSE D 20 48.16 -12.48 26.19
CE MSE D 20 49.70 -13.37 25.15
N PRO D 21 50.70 -14.41 29.05
CA PRO D 21 51.58 -15.58 29.00
C PRO D 21 52.12 -15.88 27.58
N PHE D 26 51.65 -11.18 23.02
CA PHE D 26 50.79 -10.05 23.34
C PHE D 26 50.30 -9.37 22.09
N ASP D 27 51.24 -8.99 21.23
CA ASP D 27 50.90 -8.14 20.09
C ASP D 27 49.77 -8.74 19.28
N ASP D 28 49.91 -10.03 18.95
CA ASP D 28 48.88 -10.81 18.29
C ASP D 28 47.51 -10.48 18.84
N PHE D 29 47.49 -10.28 20.16
CA PHE D 29 46.25 -10.08 20.91
C PHE D 29 45.63 -8.73 20.57
N LEU D 30 46.42 -7.66 20.62
CA LEU D 30 45.96 -6.34 20.22
C LEU D 30 45.40 -6.38 18.80
N ALA D 31 46.01 -7.24 17.98
CA ALA D 31 45.66 -7.43 16.58
C ALA D 31 44.31 -8.12 16.42
N ALA D 32 44.17 -9.28 17.07
CA ALA D 32 42.91 -10.02 17.08
C ALA D 32 41.79 -9.29 17.81
N CYS D 33 42.16 -8.49 18.80
CA CYS D 33 41.26 -7.61 19.49
C CYS D 33 40.55 -6.66 18.54
N GLN D 34 41.31 -6.17 17.56
CA GLN D 34 40.90 -5.07 16.68
C GLN D 34 40.24 -5.55 15.36
N ARG D 35 40.16 -6.87 15.18
CA ARG D 35 39.54 -7.46 13.99
C ARG D 35 38.19 -8.10 14.36
N PRO D 36 37.17 -7.97 13.51
CA PRO D 36 35.82 -8.45 13.82
C PRO D 36 35.73 -9.96 13.96
N LEU D 37 34.77 -10.40 14.74
CA LEU D 37 34.54 -11.81 14.99
C LEU D 37 34.10 -12.56 13.73
N ARG D 38 34.39 -13.86 13.69
CA ARG D 38 33.87 -14.70 12.61
C ARG D 38 32.42 -15.18 12.86
N ARG D 39 31.58 -15.10 11.83
CA ARG D 39 30.25 -15.65 11.91
C ARG D 39 30.41 -17.10 12.38
N SER D 40 29.63 -17.47 13.40
CA SER D 40 29.65 -18.85 13.95
C SER D 40 28.27 -19.46 14.21
N ILE D 41 28.17 -20.75 13.93
CA ILE D 41 26.90 -21.46 13.90
C ILE D 41 26.90 -22.77 14.68
N ARG D 42 25.80 -23.10 15.32
CA ARG D 42 25.70 -24.33 16.12
C ARG D 42 24.47 -25.16 15.74
N VAL D 43 24.72 -26.38 15.27
CA VAL D 43 23.67 -27.31 14.86
C VAL D 43 22.85 -27.82 16.05
N ASN D 44 21.53 -27.84 15.94
CA ASN D 44 20.66 -28.31 17.02
C ASN D 44 20.33 -29.75 16.75
N THR D 45 21.00 -30.57 17.52
CA THR D 45 20.87 -31.95 17.27
C THR D 45 19.56 -32.53 17.75
N LEU D 46 18.65 -31.75 18.38
CA LEU D 46 17.34 -32.34 18.75
C LEU D 46 16.48 -32.49 17.49
N LYS D 47 16.95 -31.82 16.43
CA LYS D 47 16.24 -31.75 15.18
C LYS D 47 16.86 -32.43 13.97
N ILE D 48 18.17 -32.49 13.94
CA ILE D 48 18.90 -33.00 12.79
C ILE D 48 20.32 -33.35 13.22
N SER D 49 20.88 -34.36 12.60
CA SER D 49 22.23 -34.77 12.91
C SER D 49 23.21 -33.78 12.28
N VAL D 50 24.45 -33.74 12.76
CA VAL D 50 25.53 -32.98 12.13
C VAL D 50 25.59 -33.31 10.65
N ALA D 51 25.84 -34.59 10.40
CA ALA D 51 26.08 -35.11 9.08
C ALA D 51 24.92 -34.75 8.17
N ASP D 52 23.70 -34.94 8.65
CA ASP D 52 22.56 -34.59 7.84
C ASP D 52 22.58 -33.10 7.53
N PHE D 53 22.88 -32.27 8.53
CA PHE D 53 22.93 -30.81 8.35
C PHE D 53 23.89 -30.38 7.24
N LEU D 54 25.10 -30.93 7.27
CA LEU D 54 26.11 -30.70 6.23
C LEU D 54 25.58 -31.07 4.84
N GLN D 55 25.05 -32.29 4.72
CA GLN D 55 24.38 -32.75 3.52
C GLN D 55 23.43 -31.67 3.03
N LEU D 56 22.54 -31.27 3.93
CA LEU D 56 21.38 -30.43 3.63
C LEU D 56 21.70 -29.00 3.16
N THR D 57 22.75 -28.40 3.70
CA THR D 57 23.09 -27.02 3.33
C THR D 57 24.28 -26.92 2.41
N ALA D 58 24.79 -28.06 1.95
CA ALA D 58 25.84 -28.07 0.93
C ALA D 58 25.53 -27.10 -0.23
N PRO D 59 24.29 -27.09 -0.75
CA PRO D 59 23.93 -26.16 -1.83
C PRO D 59 24.27 -24.68 -1.57
N TYR D 60 24.30 -24.26 -0.32
CA TYR D 60 24.49 -22.83 0.02
C TYR D 60 25.91 -22.36 -0.17
N GLY D 61 26.82 -23.30 -0.37
CA GLY D 61 28.22 -22.98 -0.55
C GLY D 61 28.73 -22.06 0.54
N TRP D 62 28.83 -22.60 1.75
CA TRP D 62 29.58 -21.92 2.80
C TRP D 62 30.84 -22.70 3.12
N THR D 63 31.90 -22.00 3.49
CA THR D 63 33.06 -22.63 4.07
C THR D 63 32.83 -22.68 5.57
N LEU D 64 33.01 -23.87 6.18
CA LEU D 64 32.75 -24.04 7.62
C LEU D 64 33.93 -24.68 8.34
N THR D 65 34.59 -23.89 9.18
CA THR D 65 35.70 -24.36 9.97
C THR D 65 35.18 -25.00 11.26
N PRO D 66 35.56 -26.24 11.56
CA PRO D 66 35.04 -26.96 12.74
C PRO D 66 35.54 -26.31 14.04
N ILE D 67 34.68 -26.16 15.04
CA ILE D 67 35.15 -25.63 16.34
C ILE D 67 35.67 -26.78 17.24
N PRO D 68 36.90 -26.67 17.77
CA PRO D 68 37.54 -27.79 18.39
C PRO D 68 36.86 -28.32 19.64
N TRP D 69 36.11 -27.47 20.35
CA TRP D 69 35.46 -27.89 21.60
C TRP D 69 33.97 -28.15 21.44
N CYS D 70 33.52 -28.25 20.20
CA CYS D 70 32.14 -28.55 19.94
C CYS D 70 31.97 -29.10 18.53
N GLU D 71 31.73 -30.40 18.49
CA GLU D 71 31.51 -31.12 17.27
C GLU D 71 30.32 -30.59 16.52
N GLU D 72 29.43 -29.91 17.23
CA GLU D 72 28.24 -29.40 16.57
C GLU D 72 28.35 -27.92 16.20
N GLY D 73 29.57 -27.40 16.22
CA GLY D 73 29.78 -25.98 16.01
C GLY D 73 30.71 -25.72 14.86
N PHE D 74 30.41 -24.65 14.14
CA PHE D 74 31.15 -24.29 12.93
C PHE D 74 31.24 -22.76 12.77
N TRP D 75 32.26 -22.30 12.02
CA TRP D 75 32.55 -20.87 11.85
C TRP D 75 31.99 -20.22 10.56
N PRO D 85 22.09 -13.50 4.77
CA PRO D 85 21.26 -13.05 5.91
C PRO D 85 20.89 -14.22 6.83
N LEU D 86 21.78 -14.56 7.75
CA LEU D 86 21.71 -15.80 8.54
C LEU D 86 20.36 -16.18 9.13
N GLY D 87 19.73 -15.23 9.81
CA GLY D 87 18.49 -15.53 10.52
C GLY D 87 17.30 -15.77 9.60
N SER D 88 17.37 -15.28 8.36
CA SER D 88 16.25 -15.41 7.42
C SER D 88 16.45 -16.57 6.44
N THR D 89 17.09 -17.62 6.93
CA THR D 89 17.35 -18.83 6.19
C THR D 89 16.41 -19.92 6.70
N ALA D 90 15.74 -20.64 5.79
CA ALA D 90 14.80 -21.72 6.15
C ALA D 90 15.22 -22.56 7.36
N GLU D 91 16.49 -22.98 7.36
CA GLU D 91 17.02 -23.83 8.39
C GLU D 91 16.98 -23.14 9.72
N HIS D 92 17.18 -21.82 9.71
CA HIS D 92 17.16 -21.08 10.95
C HIS D 92 15.76 -21.02 11.49
N LEU D 93 14.81 -20.86 10.60
CA LEU D 93 13.41 -20.73 10.97
C LEU D 93 12.78 -22.02 11.47
N SER D 94 13.24 -23.17 11.00
CA SER D 94 12.75 -24.44 11.55
C SER D 94 13.57 -24.93 12.75
N GLY D 95 14.52 -24.10 13.21
CA GLY D 95 15.27 -24.37 14.43
C GLY D 95 16.33 -25.45 14.31
N LEU D 96 16.98 -25.50 13.13
CA LEU D 96 18.02 -26.52 12.86
C LEU D 96 19.41 -26.07 13.28
N PHE D 97 19.57 -24.77 13.49
CA PHE D 97 20.82 -24.22 14.01
C PHE D 97 20.66 -22.93 14.81
N TYR D 98 21.62 -22.68 15.67
CA TYR D 98 21.68 -21.47 16.49
C TYR D 98 22.81 -20.55 16.04
N ILE D 99 22.50 -19.27 15.87
CA ILE D 99 23.55 -18.30 15.65
C ILE D 99 24.18 -18.02 17.00
N GLN D 100 25.30 -18.65 17.29
CA GLN D 100 26.02 -18.29 18.52
C GLN D 100 27.51 -18.39 18.38
N GLU D 101 28.16 -17.57 19.17
CA GLU D 101 29.57 -17.38 19.11
C GLU D 101 30.24 -18.59 19.73
N ALA D 102 31.44 -18.91 19.23
CA ALA D 102 32.24 -20.07 19.68
C ALA D 102 32.49 -20.05 21.19
N SER D 103 33.02 -18.92 21.64
CA SER D 103 32.92 -18.41 22.99
C SER D 103 31.89 -19.10 23.93
N SER D 104 30.62 -18.87 23.63
CA SER D 104 29.58 -19.33 24.51
C SER D 104 29.38 -20.84 24.51
N MSE D 105 30.00 -21.50 23.52
CA MSE D 105 29.86 -22.96 23.41
C MSE D 105 30.70 -23.65 24.46
O MSE D 105 30.32 -24.68 25.01
CB MSE D 105 30.19 -23.47 22.02
CG MSE D 105 29.20 -23.03 20.95
SE MSE D 105 29.60 -23.75 19.14
CE MSE D 105 29.26 -22.11 18.12
N LEU D 106 31.85 -23.04 24.74
CA LEU D 106 32.84 -23.56 25.65
C LEU D 106 32.29 -23.94 27.02
N PRO D 107 31.72 -22.97 27.77
CA PRO D 107 31.09 -23.28 29.07
C PRO D 107 30.19 -24.52 29.06
N VAL D 108 29.30 -24.62 28.09
CA VAL D 108 28.41 -25.76 27.96
C VAL D 108 29.19 -27.03 27.71
N ALA D 109 30.26 -26.95 26.94
CA ALA D 109 31.01 -28.16 26.63
C ALA D 109 31.64 -28.70 27.90
N ALA D 110 32.19 -27.80 28.72
CA ALA D 110 32.82 -28.13 29.99
C ALA D 110 31.81 -28.81 30.90
N LEU D 111 30.60 -28.27 30.89
CA LEU D 111 29.55 -28.72 31.78
C LEU D 111 29.24 -30.17 31.57
N PHE D 112 29.39 -30.64 30.34
CA PHE D 112 29.20 -32.09 30.08
C PHE D 112 30.48 -32.88 29.77
N ALA D 113 31.61 -32.24 29.91
CA ALA D 113 32.87 -32.92 29.69
C ALA D 113 32.96 -34.21 30.50
N ASP D 114 33.74 -35.16 29.99
CA ASP D 114 34.01 -36.42 30.67
C ASP D 114 32.76 -37.22 31.00
N GLY D 115 31.88 -37.35 30.01
CA GLY D 115 30.57 -37.99 30.18
C GLY D 115 29.80 -37.53 31.40
N ASN D 116 29.97 -36.27 31.81
CA ASN D 116 29.11 -35.75 32.83
C ASN D 116 27.68 -35.65 32.26
N ALA D 117 26.72 -36.33 32.88
CA ALA D 117 25.36 -36.35 32.35
C ALA D 117 24.35 -35.92 33.42
N PRO D 118 24.34 -34.61 33.76
CA PRO D 118 23.42 -34.08 34.78
C PRO D 118 21.96 -34.14 34.34
N GLN D 119 21.07 -34.36 35.29
CA GLN D 119 19.61 -34.47 35.03
C GLN D 119 18.84 -33.20 35.31
N ARG D 120 19.39 -32.34 36.18
CA ARG D 120 18.70 -31.16 36.70
C ARG D 120 19.68 -30.02 36.73
N VAL D 121 19.51 -29.06 35.83
CA VAL D 121 20.55 -28.07 35.53
C VAL D 121 20.01 -26.66 35.62
N MSE D 122 20.77 -25.74 36.19
CA MSE D 122 20.34 -24.36 36.14
C MSE D 122 21.23 -23.51 35.26
O MSE D 122 22.45 -23.67 35.30
CB MSE D 122 20.25 -23.76 37.51
CG MSE D 122 20.25 -22.28 37.52
SE MSE D 122 19.72 -21.59 39.30
CE MSE D 122 17.92 -21.33 38.74
N ASP D 123 20.63 -22.63 34.47
CA ASP D 123 21.41 -21.61 33.77
C ASP D 123 21.07 -20.24 34.35
N VAL D 124 22.04 -19.58 34.99
CA VAL D 124 21.74 -18.45 35.86
C VAL D 124 21.44 -17.17 35.07
N ALA D 125 22.22 -16.94 34.02
CA ALA D 125 21.97 -15.84 33.10
C ALA D 125 21.80 -16.47 31.73
N ALA D 126 20.54 -16.81 31.44
CA ALA D 126 20.17 -17.62 30.31
C ALA D 126 19.90 -16.88 28.99
N ALA D 127 19.44 -15.64 29.05
CA ALA D 127 19.21 -14.88 27.83
C ALA D 127 20.51 -14.75 27.06
N PRO D 128 20.46 -14.76 25.73
CA PRO D 128 19.24 -14.83 24.97
C PRO D 128 18.81 -16.26 24.62
N GLY D 129 19.47 -17.24 25.23
CA GLY D 129 19.10 -18.62 25.01
C GLY D 129 20.17 -19.46 24.37
N SER D 130 21.21 -18.82 23.84
CA SER D 130 22.39 -19.50 23.27
C SER D 130 22.78 -20.77 24.02
N LYS D 131 23.04 -20.63 25.30
CA LYS D 131 23.56 -21.76 26.07
C LYS D 131 22.49 -22.77 26.49
N THR D 132 21.36 -22.23 26.94
CA THR D 132 20.24 -23.05 27.40
C THR D 132 19.75 -24.01 26.33
N THR D 133 19.63 -23.53 25.10
CA THR D 133 19.30 -24.40 23.98
C THR D 133 20.35 -25.47 23.78
N GLN D 134 21.62 -25.10 23.93
CA GLN D 134 22.65 -26.09 23.73
C GLN D 134 22.65 -27.16 24.81
N ILE D 135 22.50 -26.75 26.06
CA ILE D 135 22.39 -27.69 27.17
C ILE D 135 21.26 -28.64 26.85
N SER D 136 20.08 -28.09 26.52
CA SER D 136 18.96 -28.99 26.29
C SER D 136 19.34 -30.06 25.26
N ALA D 137 19.72 -29.63 24.05
CA ALA D 137 20.20 -30.53 23.05
C ALA D 137 21.13 -31.61 23.64
N ARG D 138 22.12 -31.21 24.43
CA ARG D 138 23.03 -32.22 24.94
C ARG D 138 22.44 -33.13 26.01
N MSE D 139 21.31 -32.77 26.60
CA MSE D 139 20.67 -33.66 27.55
C MSE D 139 19.63 -34.47 26.83
O MSE D 139 18.82 -35.14 27.45
CB MSE D 139 20.01 -32.88 28.67
CG MSE D 139 20.89 -31.82 29.26
SE MSE D 139 19.92 -30.85 30.62
CE MSE D 139 19.22 -32.47 31.76
N ASN D 140 19.66 -34.40 25.50
CA ASN D 140 18.65 -35.02 24.65
C ASN D 140 17.23 -34.71 25.05
N ASN D 141 16.99 -33.48 25.50
CA ASN D 141 15.66 -33.02 25.87
C ASN D 141 15.08 -33.77 27.05
N GLU D 142 15.90 -34.59 27.71
CA GLU D 142 15.47 -35.27 28.92
C GLU D 142 15.81 -34.42 30.15
N GLY D 143 15.36 -34.89 31.32
CA GLY D 143 15.60 -34.22 32.60
C GLY D 143 14.90 -32.89 32.60
N ALA D 144 15.49 -31.87 33.25
CA ALA D 144 14.93 -30.51 33.32
C ALA D 144 15.96 -29.38 33.56
N ILE D 145 15.66 -28.16 33.09
CA ILE D 145 16.56 -27.00 33.19
C ILE D 145 15.84 -25.83 33.81
N LEU D 146 16.54 -25.12 34.70
CA LEU D 146 15.96 -23.87 35.11
C LEU D 146 16.75 -22.75 34.46
N ALA D 147 16.12 -22.01 33.54
CA ALA D 147 16.79 -20.89 32.87
C ALA D 147 16.31 -19.61 33.53
N ASN D 148 17.20 -19.00 34.31
CA ASN D 148 16.88 -17.77 34.96
C ASN D 148 17.39 -16.64 34.12
N GLU D 149 16.64 -15.55 34.12
CA GLU D 149 17.07 -14.33 33.43
C GLU D 149 16.65 -13.12 34.27
N PHE D 150 17.61 -12.28 34.64
CA PHE D 150 17.26 -11.10 35.41
C PHE D 150 16.41 -10.04 34.69
N SER D 151 16.76 -9.67 33.45
CA SER D 151 15.96 -8.66 32.71
C SER D 151 14.67 -9.22 32.10
N ALA D 152 13.54 -8.61 32.43
CA ALA D 152 12.22 -9.06 31.95
C ALA D 152 12.13 -9.10 30.43
N SER D 153 12.62 -8.04 29.78
CA SER D 153 12.52 -7.92 28.33
C SER D 153 13.27 -9.05 27.64
N ARG D 154 14.39 -9.50 28.22
CA ARG D 154 15.17 -10.52 27.53
C ARG D 154 14.65 -11.94 27.81
N VAL D 155 13.72 -12.06 28.75
CA VAL D 155 13.01 -13.33 29.02
C VAL D 155 12.19 -13.77 27.79
N LYS D 156 11.53 -12.79 27.18
CA LYS D 156 10.66 -13.03 26.06
C LYS D 156 11.48 -13.43 24.86
N VAL D 157 12.72 -12.93 24.78
CA VAL D 157 13.62 -13.34 23.71
C VAL D 157 14.04 -14.78 23.96
N LEU D 158 14.23 -15.12 25.22
CA LEU D 158 14.70 -16.45 25.62
C LEU D 158 13.68 -17.49 25.24
N HIS D 159 12.43 -17.14 25.49
CA HIS D 159 11.33 -18.03 25.28
C HIS D 159 11.12 -18.26 23.80
N ALA D 160 11.27 -17.19 23.01
CA ALA D 160 11.09 -17.31 21.58
C ALA D 160 12.11 -18.31 21.07
N ASN D 161 13.35 -18.16 21.54
CA ASN D 161 14.44 -18.94 21.04
C ASN D 161 14.34 -20.40 21.48
N ILE D 162 13.77 -20.65 22.64
CA ILE D 162 13.53 -22.00 23.09
C ILE D 162 12.47 -22.64 22.21
N SER D 163 11.39 -21.91 22.02
CA SER D 163 10.24 -22.41 21.31
C SER D 163 10.65 -22.76 19.89
N ARG D 164 11.66 -22.05 19.37
CA ARG D 164 12.11 -22.23 17.98
C ARG D 164 12.88 -23.52 17.84
N CYS D 165 13.56 -23.92 18.89
CA CYS D 165 14.30 -25.17 18.78
C CYS D 165 13.52 -26.35 19.32
N GLY D 166 12.31 -26.11 19.79
CA GLY D 166 11.45 -27.21 20.17
C GLY D 166 12.03 -27.88 21.41
N ILE D 167 12.53 -27.05 22.33
CA ILE D 167 12.93 -27.52 23.66
C ILE D 167 11.73 -27.58 24.59
N SER D 168 11.59 -28.70 25.29
CA SER D 168 10.47 -28.92 26.18
C SER D 168 10.88 -29.06 27.61
N ASN D 169 12.18 -29.14 27.89
CA ASN D 169 12.64 -29.43 29.28
C ASN D 169 13.07 -28.21 30.04
N VAL D 170 12.55 -27.05 29.68
CA VAL D 170 13.02 -25.84 30.31
C VAL D 170 11.92 -25.15 31.10
N ALA D 171 12.27 -24.64 32.28
CA ALA D 171 11.38 -23.76 32.97
C ALA D 171 12.08 -22.42 33.05
N LEU D 172 11.30 -21.35 33.20
CA LEU D 172 11.83 -20.00 33.21
C LEU D 172 11.57 -19.27 34.52
N THR D 173 12.60 -18.69 35.13
CA THR D 173 12.34 -17.78 36.23
C THR D 173 12.91 -16.42 35.96
N HIS D 174 12.51 -15.47 36.79
CA HIS D 174 12.92 -14.08 36.67
C HIS D 174 13.40 -13.66 38.03
N PHE D 175 14.65 -13.97 38.35
CA PHE D 175 15.20 -13.63 39.65
C PHE D 175 16.64 -13.09 39.62
N ASP D 176 17.03 -12.45 40.72
CA ASP D 176 18.37 -11.87 40.84
C ASP D 176 19.44 -12.85 41.21
N GLY D 177 19.39 -14.06 40.63
CA GLY D 177 20.55 -14.96 40.65
C GLY D 177 21.08 -15.26 42.03
N ARG D 178 21.30 -14.22 42.83
CA ARG D 178 21.82 -14.31 44.20
C ARG D 178 20.84 -15.03 45.13
N VAL D 179 19.57 -15.02 44.76
CA VAL D 179 18.53 -15.68 45.53
C VAL D 179 18.71 -17.20 45.63
N PHE D 180 19.14 -17.83 44.54
CA PHE D 180 19.07 -19.29 44.42
C PHE D 180 19.63 -20.12 45.57
N GLY D 181 20.83 -19.77 46.00
CA GLY D 181 21.51 -20.49 47.05
C GLY D 181 20.73 -20.73 48.31
N ALA D 182 19.90 -19.77 48.70
CA ALA D 182 19.11 -19.88 49.93
C ALA D 182 17.73 -20.44 49.64
N ALA D 183 17.23 -20.13 48.45
CA ALA D 183 15.88 -20.49 48.06
C ALA D 183 15.75 -21.97 47.74
N VAL D 184 16.83 -22.57 47.25
CA VAL D 184 16.74 -23.85 46.60
C VAL D 184 18.02 -24.70 46.83
N PRO D 185 18.46 -24.83 48.08
CA PRO D 185 19.66 -25.53 48.48
C PRO D 185 20.27 -26.51 47.53
N GLU D 186 20.32 -27.78 47.85
CA GLU D 186 21.18 -28.61 47.06
C GLU D 186 20.42 -29.22 45.92
N MSE D 187 19.80 -28.35 45.13
CA MSE D 187 18.88 -28.73 44.07
C MSE D 187 19.43 -29.27 42.76
O MSE D 187 18.85 -30.15 42.16
CB MSE D 187 18.06 -27.54 43.68
CG MSE D 187 16.74 -27.92 43.03
SE MSE D 187 15.53 -28.77 44.36
CE MSE D 187 16.32 -28.12 46.30
N PHE D 188 20.50 -28.69 42.27
CA PHE D 188 20.91 -28.98 40.92
C PHE D 188 22.11 -29.84 40.88
N ASP D 189 22.13 -30.75 39.91
CA ASP D 189 23.31 -31.55 39.79
C ASP D 189 24.33 -30.95 38.85
N ALA D 190 23.96 -29.87 38.14
CA ALA D 190 24.95 -28.96 37.51
C ALA D 190 24.44 -27.53 37.33
N ILE D 191 25.30 -26.55 37.42
CA ILE D 191 24.88 -25.18 37.17
C ILE D 191 25.88 -24.51 36.25
N LEU D 192 25.39 -23.62 35.39
CA LEU D 192 26.25 -22.79 34.56
C LEU D 192 26.12 -21.33 34.91
N LEU D 193 27.12 -20.81 35.57
CA LEU D 193 27.10 -19.42 35.96
C LEU D 193 27.98 -18.70 34.99
N ASP D 194 27.36 -18.10 33.98
CA ASP D 194 28.06 -17.22 33.05
C ASP D 194 27.82 -15.79 33.53
N ALA D 195 28.81 -15.27 34.27
CA ALA D 195 28.60 -14.09 35.11
C ALA D 195 28.73 -12.78 34.34
N PRO D 196 27.80 -11.88 34.62
CA PRO D 196 27.91 -10.51 34.13
C PRO D 196 29.25 -10.01 34.59
N CYS D 197 30.01 -9.50 33.64
CA CYS D 197 31.40 -9.14 33.86
C CYS D 197 31.69 -7.79 33.17
N SER D 198 32.97 -7.49 32.96
CA SER D 198 33.41 -6.22 32.35
C SER D 198 33.51 -6.29 30.83
N GLY D 199 33.22 -7.47 30.28
CA GLY D 199 33.07 -7.67 28.84
C GLY D 199 34.22 -7.26 27.97
N GLU D 200 35.44 -7.44 28.48
CA GLU D 200 36.64 -7.09 27.73
C GLU D 200 36.98 -8.09 26.62
N GLY D 201 36.37 -9.26 26.67
CA GLY D 201 36.52 -10.25 25.62
C GLY D 201 35.61 -9.91 24.48
N VAL D 202 34.67 -9.01 24.72
CA VAL D 202 33.63 -8.74 23.75
C VAL D 202 33.89 -7.52 22.84
N VAL D 203 35.12 -6.99 22.86
CA VAL D 203 35.46 -5.83 21.99
C VAL D 203 35.45 -6.16 20.51
N ARG D 204 35.59 -7.44 20.16
CA ARG D 204 35.43 -7.88 18.77
C ARG D 204 34.01 -7.66 18.21
N LYS D 205 32.99 -7.96 19.01
CA LYS D 205 31.61 -7.76 18.59
C LYS D 205 31.23 -6.28 18.65
N ASP D 206 31.78 -5.58 19.64
CA ASP D 206 31.40 -4.21 19.98
C ASP D 206 32.68 -3.34 20.14
N PRO D 207 33.05 -2.54 19.14
CA PRO D 207 34.31 -1.77 19.20
C PRO D 207 34.37 -0.71 20.33
N ASP D 208 33.21 -0.53 21.00
CA ASP D 208 32.98 0.41 22.11
C ASP D 208 32.73 -0.29 23.45
N ALA D 209 32.66 -1.61 23.42
CA ALA D 209 32.15 -2.40 24.53
C ALA D 209 32.46 -1.85 25.92
N LEU D 210 33.73 -1.80 26.28
CA LEU D 210 34.11 -1.50 27.65
C LEU D 210 34.03 -0.02 28.07
N LYS D 211 34.38 0.89 27.16
CA LYS D 211 34.16 2.34 27.34
C LYS D 211 34.12 2.87 28.78
N ASN D 212 33.11 2.45 29.54
CA ASN D 212 33.08 2.77 30.97
C ASN D 212 33.70 1.71 31.88
N TRP D 213 34.85 1.22 31.43
CA TRP D 213 35.69 0.29 32.18
C TRP D 213 36.59 1.03 33.21
N SER D 214 36.66 0.47 34.42
CA SER D 214 37.35 1.09 35.54
C SER D 214 37.70 0.02 36.60
N PRO D 215 38.96 -0.07 37.05
CA PRO D 215 39.38 -1.01 38.11
C PRO D 215 38.47 -1.04 39.37
N GLU D 216 37.89 0.12 39.69
CA GLU D 216 36.95 0.30 40.80
C GLU D 216 35.60 -0.29 40.40
N SER D 217 35.09 0.16 39.26
CA SER D 217 33.92 -0.45 38.62
C SER D 217 34.07 -1.99 38.49
N ASN D 218 35.31 -2.48 38.50
CA ASN D 218 35.58 -3.87 38.38
C ASN D 218 35.56 -4.55 39.71
N GLN D 219 36.09 -3.87 40.73
CA GLN D 219 36.08 -4.45 42.06
C GLN D 219 34.65 -4.73 42.54
N GLU D 220 33.74 -3.84 42.14
CA GLU D 220 32.29 -3.98 42.38
C GLU D 220 31.67 -5.12 41.61
N ILE D 221 31.97 -5.20 40.31
CA ILE D 221 31.54 -6.31 39.46
C ILE D 221 31.97 -7.66 40.05
N ALA D 222 33.22 -7.72 40.53
CA ALA D 222 33.78 -8.91 41.11
C ALA D 222 33.06 -9.25 42.41
N ALA D 223 32.64 -8.22 43.17
CA ALA D 223 31.89 -8.41 44.41
C ALA D 223 30.55 -9.13 44.14
N THR D 224 29.84 -8.63 43.13
CA THR D 224 28.70 -9.23 42.47
C THR D 224 28.95 -10.70 42.09
N GLN D 225 30.08 -10.92 41.42
CA GLN D 225 30.49 -12.24 40.97
C GLN D 225 30.72 -13.22 42.10
N ARG D 226 31.20 -12.75 43.25
CA ARG D 226 31.33 -13.61 44.44
C ARG D 226 29.95 -14.10 44.89
N GLU D 227 29.08 -13.13 45.17
CA GLU D 227 27.77 -13.46 45.68
C GLU D 227 27.02 -14.39 44.75
N LEU D 228 27.20 -14.17 43.44
CA LEU D 228 26.57 -15.04 42.45
C LEU D 228 27.07 -16.45 42.58
N ILE D 229 28.39 -16.61 42.68
CA ILE D 229 29.04 -17.91 42.62
C ILE D 229 28.71 -18.70 43.89
N ASP D 230 28.62 -17.95 44.98
CA ASP D 230 28.31 -18.42 46.31
C ASP D 230 26.90 -18.98 46.29
N SER D 231 25.94 -18.16 45.83
CA SER D 231 24.55 -18.57 45.58
C SER D 231 24.51 -19.85 44.75
N ALA D 232 25.16 -19.85 43.59
CA ALA D 232 25.17 -21.02 42.72
C ALA D 232 25.72 -22.28 43.43
N PHE D 233 26.84 -22.13 44.12
CA PHE D 233 27.44 -23.24 44.78
C PHE D 233 26.53 -23.78 45.85
N HIS D 234 25.73 -22.91 46.45
CA HIS D 234 24.81 -23.28 47.50
C HIS D 234 23.65 -24.06 46.94
N ALA D 235 23.31 -23.75 45.71
CA ALA D 235 22.20 -24.39 45.10
C ALA D 235 22.64 -25.64 44.37
N LEU D 236 23.92 -25.98 44.49
CA LEU D 236 24.51 -27.11 43.80
C LEU D 236 24.59 -28.34 44.74
N ARG D 237 23.89 -29.41 44.37
CA ARG D 237 23.93 -30.67 45.06
C ARG D 237 25.39 -31.12 45.25
N PRO D 238 25.72 -31.72 46.40
CA PRO D 238 27.01 -32.36 46.58
C PRO D 238 27.20 -33.37 45.47
N GLY D 239 28.40 -33.44 44.92
CA GLY D 239 28.68 -34.30 43.76
C GLY D 239 28.64 -33.58 42.43
N GLY D 240 27.91 -32.46 42.38
CA GLY D 240 27.64 -31.76 41.14
C GLY D 240 28.79 -30.92 40.64
N THR D 241 28.69 -30.53 39.38
CA THR D 241 29.65 -29.70 38.68
C THR D 241 29.10 -28.28 38.60
N LEU D 242 29.96 -27.31 38.64
CA LEU D 242 29.52 -25.94 38.44
C LEU D 242 30.50 -25.28 37.47
N VAL D 243 29.98 -24.68 36.42
CA VAL D 243 30.86 -24.11 35.45
C VAL D 243 30.73 -22.60 35.60
N TYR D 244 31.86 -21.95 35.86
CA TYR D 244 31.89 -20.49 35.98
C TYR D 244 32.61 -19.92 34.80
N SER D 245 31.98 -18.96 34.13
CA SER D 245 32.56 -18.36 32.94
C SER D 245 32.27 -16.86 32.87
N THR D 246 33.22 -16.10 32.30
CA THR D 246 33.00 -14.71 31.93
C THR D 246 33.53 -14.38 30.53
N CYS D 247 33.12 -13.24 29.99
CA CYS D 247 33.72 -12.75 28.76
C CYS D 247 34.73 -11.69 29.06
N THR D 248 35.34 -11.77 30.23
CA THR D 248 36.32 -10.77 30.62
C THR D 248 37.68 -11.49 30.66
N LEU D 249 38.78 -10.76 30.72
CA LEU D 249 40.07 -11.42 30.64
C LEU D 249 41.00 -11.20 31.84
N ASN D 250 40.69 -10.25 32.71
CA ASN D 250 41.49 -10.04 33.90
C ASN D 250 41.33 -11.15 34.96
N GLN D 251 42.15 -11.08 36.00
CA GLN D 251 42.09 -12.13 37.02
C GLN D 251 41.10 -11.84 38.16
N GLU D 252 40.87 -10.55 38.50
CA GLU D 252 39.96 -10.18 39.60
C GLU D 252 38.59 -10.81 39.38
N GLU D 253 38.15 -10.90 38.14
CA GLU D 253 36.80 -11.39 37.82
C GLU D 253 36.73 -12.86 37.51
N ASN D 254 37.89 -13.49 37.32
CA ASN D 254 37.94 -14.87 36.90
C ASN D 254 38.58 -15.77 37.93
N GLU D 255 39.91 -15.81 37.86
CA GLU D 255 40.72 -16.60 38.76
C GLU D 255 40.46 -16.22 40.21
N ALA D 256 40.42 -14.92 40.47
CA ALA D 256 40.24 -14.40 41.82
C ALA D 256 38.93 -14.80 42.40
N VAL D 257 37.95 -15.04 41.54
CA VAL D 257 36.59 -15.33 41.96
C VAL D 257 36.49 -16.81 42.34
N CYS D 258 37.03 -17.65 41.45
CA CYS D 258 37.15 -19.06 41.71
C CYS D 258 38.06 -19.33 42.91
N LEU D 259 39.23 -18.72 42.95
CA LEU D 259 40.13 -18.92 44.11
C LEU D 259 39.40 -18.59 45.43
N TRP D 260 38.63 -17.50 45.42
CA TRP D 260 37.85 -17.06 46.57
C TRP D 260 36.93 -18.16 47.06
N LEU D 261 36.13 -18.70 46.14
CA LEU D 261 35.17 -19.75 46.48
C LEU D 261 35.86 -20.89 47.23
N LYS D 262 36.98 -21.39 46.71
CA LYS D 262 37.76 -22.41 47.41
C LYS D 262 38.25 -21.90 48.78
N GLU D 263 38.58 -20.62 48.88
CA GLU D 263 38.95 -20.03 50.18
C GLU D 263 37.84 -20.18 51.19
N THR D 264 36.61 -20.02 50.73
CA THR D 264 35.48 -19.98 51.69
C THR D 264 34.91 -21.39 52.03
N TYR D 265 35.26 -22.36 51.21
CA TYR D 265 34.78 -23.70 51.35
C TYR D 265 35.90 -24.65 50.99
N PRO D 266 37.00 -24.58 51.72
CA PRO D 266 38.23 -25.24 51.30
C PRO D 266 38.06 -26.74 51.07
N ASP D 267 37.31 -27.40 51.95
CA ASP D 267 37.14 -28.86 51.90
C ASP D 267 35.98 -29.31 51.01
N ALA D 268 35.33 -28.35 50.38
CA ALA D 268 34.14 -28.55 49.59
C ALA D 268 34.33 -28.39 48.08
N VAL D 269 35.41 -27.76 47.68
CA VAL D 269 35.52 -27.27 46.31
C VAL D 269 36.69 -27.92 45.61
N GLU D 270 36.44 -28.60 44.50
CA GLU D 270 37.52 -29.19 43.73
C GLU D 270 37.56 -28.62 42.30
N PHE D 271 38.66 -28.02 41.90
CA PHE D 271 38.75 -27.61 40.50
C PHE D 271 39.03 -28.82 39.65
N LEU D 272 38.37 -28.91 38.52
CA LEU D 272 38.46 -30.09 37.66
C LEU D 272 39.10 -29.70 36.32
N PRO D 273 40.42 -29.77 36.24
CA PRO D 273 41.17 -29.41 35.05
C PRO D 273 40.52 -29.60 33.69
N LEU D 274 40.65 -28.58 32.85
CA LEU D 274 39.98 -28.54 31.58
C LEU D 274 40.86 -28.91 30.38
N GLY D 275 42.12 -29.22 30.65
CA GLY D 275 43.13 -29.44 29.63
C GLY D 275 42.96 -30.54 28.58
N ASP D 276 42.12 -31.55 28.83
CA ASP D 276 41.78 -32.55 27.79
C ASP D 276 40.49 -32.24 27.13
N LEU D 277 39.89 -31.12 27.46
CA LEU D 277 38.54 -30.88 26.99
C LEU D 277 38.47 -31.01 25.47
N PHE D 278 39.52 -30.58 24.79
CA PHE D 278 39.61 -30.73 23.34
C PHE D 278 41.08 -30.69 22.95
N PRO D 279 41.42 -31.12 21.73
CA PRO D 279 42.82 -30.97 21.25
C PRO D 279 43.20 -29.50 21.03
N GLY D 280 44.20 -29.03 21.78
CA GLY D 280 44.61 -27.65 21.72
C GLY D 280 44.29 -26.93 23.00
N ALA D 281 43.40 -27.53 23.78
CA ALA D 281 42.98 -27.00 25.08
C ALA D 281 44.17 -26.54 25.90
N ASN D 282 45.25 -27.32 25.87
CA ASN D 282 46.49 -26.95 26.54
C ASN D 282 46.83 -25.46 26.42
N LYS D 283 46.71 -24.94 25.20
CA LYS D 283 47.16 -23.59 24.88
C LYS D 283 46.62 -22.53 25.85
N ALA D 284 45.42 -22.79 26.38
CA ALA D 284 44.74 -21.84 27.28
C ALA D 284 44.65 -22.30 28.73
N LEU D 285 45.30 -23.42 29.02
CA LEU D 285 45.27 -24.04 30.34
C LEU D 285 45.93 -23.18 31.42
N THR D 286 45.23 -22.95 32.53
CA THR D 286 45.85 -22.29 33.67
C THR D 286 46.24 -23.36 34.67
N GLU D 287 47.15 -23.01 35.57
CA GLU D 287 47.67 -24.01 36.48
C GLU D 287 46.64 -24.50 37.48
N GLU D 288 45.45 -23.94 37.44
CA GLU D 288 44.35 -24.44 38.25
C GLU D 288 43.53 -25.45 37.48
N GLY D 289 43.56 -25.39 36.15
CA GLY D 289 42.72 -26.24 35.29
C GLY D 289 41.60 -25.45 34.60
N PHE D 290 41.71 -24.14 34.75
CA PHE D 290 40.85 -23.17 34.14
C PHE D 290 41.32 -23.00 32.73
N LEU D 291 40.40 -22.60 31.85
CA LEU D 291 40.78 -22.20 30.52
C LEU D 291 40.64 -20.68 30.41
N HIS D 292 41.74 -19.97 30.20
CA HIS D 292 41.71 -18.53 30.11
C HIS D 292 41.92 -18.17 28.67
N VAL D 293 40.83 -18.14 27.93
CA VAL D 293 40.96 -18.02 26.49
C VAL D 293 41.12 -16.58 26.02
N PHE D 294 42.36 -16.26 25.63
CA PHE D 294 42.65 -15.01 24.96
C PHE D 294 42.19 -15.11 23.51
N PRO D 295 41.69 -13.98 22.97
CA PRO D 295 41.00 -13.93 21.68
C PRO D 295 41.78 -14.56 20.53
N GLN D 296 43.08 -14.30 20.51
CA GLN D 296 43.90 -14.76 19.40
C GLN D 296 44.37 -16.17 19.52
N ILE D 297 44.11 -16.82 20.66
CA ILE D 297 44.51 -18.21 20.80
C ILE D 297 43.85 -19.05 19.71
N TYR D 298 42.53 -19.04 19.67
CA TYR D 298 41.82 -19.88 18.72
C TYR D 298 41.07 -19.06 17.69
N ASP D 299 41.44 -17.77 17.60
CA ASP D 299 40.79 -16.79 16.71
C ASP D 299 39.30 -16.64 17.04
N CYS D 300 39.01 -15.93 18.13
CA CYS D 300 37.62 -15.65 18.56
C CYS D 300 37.51 -14.66 19.75
N GLU D 301 36.45 -14.82 20.55
CA GLU D 301 36.13 -13.89 21.62
C GLU D 301 37.15 -14.07 22.78
N GLY D 302 37.12 -13.15 23.76
CA GLY D 302 37.90 -13.31 24.99
C GLY D 302 37.00 -13.91 26.06
N PHE D 303 37.50 -14.92 26.75
CA PHE D 303 36.61 -15.79 27.52
C PHE D 303 37.35 -16.52 28.62
N PHE D 304 36.67 -16.76 29.73
CA PHE D 304 37.20 -17.61 30.81
C PHE D 304 36.24 -18.72 31.18
N VAL D 305 36.74 -19.94 31.34
CA VAL D 305 35.89 -21.02 31.87
C VAL D 305 36.54 -21.81 33.01
N ALA D 306 35.81 -21.97 34.10
CA ALA D 306 36.25 -22.79 35.24
C ALA D 306 35.19 -23.84 35.61
N ARG D 307 35.65 -25.07 35.85
CA ARG D 307 34.76 -26.16 36.27
C ARG D 307 35.16 -26.63 37.66
N LEU D 308 34.20 -26.66 38.58
CA LEU D 308 34.43 -27.09 39.94
C LEU D 308 33.48 -28.20 40.26
N ARG D 309 33.84 -29.03 41.24
CA ARG D 309 32.91 -29.98 41.82
C ARG D 309 32.71 -29.68 43.28
N LYS D 310 31.46 -29.69 43.72
CA LYS D 310 31.22 -29.68 45.15
C LYS D 310 31.39 -31.10 45.75
N THR D 311 32.34 -31.26 46.66
CA THR D 311 32.72 -32.59 47.17
C THR D 311 32.04 -33.00 48.44
N GLN D 312 31.43 -32.03 49.11
CA GLN D 312 30.69 -32.28 50.36
C GLN D 312 29.62 -31.24 50.60
N ALA D 313 28.70 -31.58 51.50
CA ALA D 313 27.68 -30.66 51.92
C ALA D 313 28.33 -29.51 52.69
N ILE D 314 27.81 -28.32 52.51
CA ILE D 314 28.31 -27.14 53.21
C ILE D 314 27.21 -26.58 54.11
N PRO D 315 27.52 -25.73 55.11
CA PRO D 315 26.50 -25.35 56.09
C PRO D 315 25.36 -24.64 55.45
N ALA D 316 24.24 -24.60 56.17
CA ALA D 316 22.99 -24.12 55.61
C ALA D 316 22.88 -22.60 55.76
N LEU D 317 22.07 -21.97 54.92
CA LEU D 317 21.75 -20.57 55.14
C LEU D 317 20.39 -20.61 55.80
N PRO D 318 19.92 -19.49 56.33
CA PRO D 318 18.61 -19.50 56.93
C PRO D 318 17.52 -19.47 55.84
N ALA D 319 17.83 -18.75 54.76
CA ALA D 319 16.94 -17.70 54.20
C ALA D 319 15.75 -18.06 53.29
N PRO D 320 14.75 -18.75 53.86
CA PRO D 320 13.52 -19.07 53.12
C PRO D 320 12.48 -18.02 53.51
N LYS D 321 12.65 -16.80 52.98
CA LYS D 321 11.90 -15.61 53.39
C LYS D 321 10.60 -15.42 52.58
N TYR D 322 10.67 -15.78 51.29
CA TYR D 322 9.74 -15.33 50.26
C TYR D 322 8.52 -16.23 49.99
N LYS D 323 8.03 -16.94 51.02
CA LYS D 323 6.86 -17.85 50.90
C LYS D 323 6.03 -17.70 49.60
N VAL D 324 6.17 -18.67 48.70
CA VAL D 324 5.82 -18.44 47.29
C VAL D 324 4.39 -18.78 46.85
N GLY D 325 3.50 -18.99 47.83
CA GLY D 325 2.05 -19.06 47.57
C GLY D 325 1.59 -20.04 46.50
N ASN D 326 0.30 -20.05 46.24
CA ASN D 326 -0.29 -21.00 45.31
C ASN D 326 0.31 -21.12 43.91
N PHE D 327 0.56 -22.38 43.54
CA PHE D 327 0.94 -22.79 42.22
C PHE D 327 -0.35 -22.92 41.35
N PRO D 328 -0.43 -22.19 40.23
CA PRO D 328 -1.68 -22.08 39.48
C PRO D 328 -2.00 -23.27 38.58
N PHE D 329 -1.27 -24.35 38.66
CA PHE D 329 -1.59 -25.52 37.85
C PHE D 329 -1.79 -26.72 38.69
N SER D 330 -2.61 -27.63 38.16
CA SER D 330 -2.87 -28.95 38.74
C SER D 330 -2.53 -30.04 37.74
N PRO D 331 -2.07 -31.20 38.21
CA PRO D 331 -1.70 -32.27 37.31
C PRO D 331 -2.99 -32.87 36.76
N VAL D 332 -3.01 -33.21 35.47
CA VAL D 332 -4.20 -33.75 34.85
C VAL D 332 -4.43 -35.16 35.33
N LYS D 333 -5.67 -35.47 35.72
CA LYS D 333 -5.97 -36.82 36.19
C LYS D 333 -5.89 -37.85 35.04
N ASP D 334 -5.76 -39.13 35.39
CA ASP D 334 -5.48 -40.14 34.38
C ASP D 334 -6.56 -40.42 33.32
N ARG D 335 -7.85 -40.54 33.68
CA ARG D 335 -8.89 -40.64 32.62
C ARG D 335 -8.55 -39.62 31.52
N GLU D 336 -8.58 -38.34 31.89
CA GLU D 336 -8.40 -37.24 30.96
C GLU D 336 -7.04 -37.30 30.24
N ALA D 337 -5.96 -37.37 31.01
CA ALA D 337 -4.58 -37.49 30.48
C ALA D 337 -4.50 -38.45 29.30
N GLY D 338 -5.10 -39.62 29.45
CA GLY D 338 -5.08 -40.63 28.40
C GLY D 338 -5.73 -40.13 27.14
N GLN D 339 -6.96 -39.66 27.30
CA GLN D 339 -7.70 -39.05 26.21
C GLN D 339 -6.98 -37.91 25.45
N ILE D 340 -6.12 -37.17 26.14
CA ILE D 340 -5.39 -36.10 25.46
C ILE D 340 -4.23 -36.69 24.68
N ARG D 341 -3.50 -37.59 25.34
CA ARG D 341 -2.41 -38.40 24.76
C ARG D 341 -2.82 -38.87 23.37
N GLN D 342 -3.94 -39.60 23.34
CA GLN D 342 -4.45 -40.17 22.10
C GLN D 342 -4.99 -39.11 21.13
N ALA D 343 -5.61 -38.05 21.65
CA ALA D 343 -6.07 -36.96 20.80
C ALA D 343 -4.92 -36.23 20.10
N ALA D 344 -3.79 -36.11 20.81
CA ALA D 344 -2.61 -35.47 20.28
C ALA D 344 -1.91 -36.37 19.27
N THR D 345 -1.83 -37.66 19.60
CA THR D 345 -1.10 -38.58 18.78
C THR D 345 -1.76 -38.53 17.47
N GLY D 346 -3.10 -38.51 17.53
CA GLY D 346 -3.95 -38.45 16.34
C GLY D 346 -3.67 -37.26 15.43
N VAL D 347 -2.89 -36.31 15.90
CA VAL D 347 -2.58 -35.13 15.11
C VAL D 347 -1.09 -35.02 14.78
N GLY D 348 -0.27 -35.96 15.27
CA GLY D 348 1.16 -35.98 14.97
C GLY D 348 2.05 -35.59 16.14
N LEU D 349 1.43 -35.28 17.28
CA LEU D 349 2.14 -34.81 18.48
C LEU D 349 2.33 -35.91 19.53
N ASN D 350 3.54 -35.97 20.06
CA ASN D 350 3.97 -37.08 20.90
C ASN D 350 4.95 -36.62 21.97
N TRP D 351 4.81 -37.18 23.17
CA TRP D 351 5.72 -36.88 24.26
C TRP D 351 6.37 -38.15 24.80
N ASP D 352 7.54 -37.92 25.41
CA ASP D 352 8.36 -38.85 26.17
C ASP D 352 7.67 -39.19 27.47
N GLU D 353 8.28 -40.12 28.20
CA GLU D 353 7.98 -40.34 29.62
C GLU D 353 8.56 -39.19 30.48
N ASN D 354 9.34 -38.30 29.88
CA ASN D 354 9.93 -37.18 30.59
C ASN D 354 8.94 -36.08 30.92
N LEU D 355 7.79 -36.08 30.24
CA LEU D 355 6.79 -35.03 30.38
C LEU D 355 5.47 -35.56 30.92
N ARG D 356 4.81 -34.70 31.68
CA ARG D 356 3.53 -35.03 32.27
C ARG D 356 2.60 -33.80 32.12
N LEU D 357 1.31 -34.04 31.90
CA LEU D 357 0.38 -32.99 31.59
C LEU D 357 -0.21 -32.35 32.83
N TRP D 358 -0.14 -31.02 32.86
CA TRP D 358 -0.83 -30.26 33.89
C TRP D 358 -1.82 -29.34 33.19
N GLN D 359 -2.67 -28.66 33.97
CA GLN D 359 -3.69 -27.76 33.41
C GLN D 359 -3.86 -26.53 34.27
N ARG D 360 -4.30 -25.42 33.67
CA ARG D 360 -4.79 -24.28 34.46
C ARG D 360 -6.21 -23.85 34.08
N ASP D 361 -6.42 -23.33 32.87
CA ASP D 361 -7.81 -22.97 32.58
C ASP D 361 -8.35 -23.85 31.49
N LYS D 362 -8.58 -23.28 30.30
CA LYS D 362 -8.82 -24.12 29.16
C LYS D 362 -7.47 -24.65 28.70
N GLU D 363 -6.42 -24.13 29.35
CA GLU D 363 -5.03 -24.38 29.00
C GLU D 363 -4.57 -25.76 29.33
N LEU D 364 -3.70 -26.29 28.49
CA LEU D 364 -3.08 -27.60 28.67
C LEU D 364 -1.56 -27.59 28.48
N TRP D 365 -0.83 -27.88 29.55
CA TRP D 365 0.62 -27.74 29.60
C TRP D 365 1.29 -29.08 29.80
N LEU D 366 2.52 -29.19 29.30
CA LEU D 366 3.41 -30.29 29.65
C LEU D 366 4.59 -29.76 30.44
N PHE D 367 4.80 -30.33 31.62
CA PHE D 367 5.99 -30.02 32.41
C PHE D 367 6.94 -31.23 32.48
N PRO D 368 8.26 -30.97 32.52
CA PRO D 368 9.24 -32.04 32.73
C PRO D 368 9.25 -32.48 34.18
N VAL D 369 9.20 -33.78 34.42
CA VAL D 369 9.19 -34.33 35.77
C VAL D 369 10.38 -33.76 36.57
N GLY D 370 11.55 -33.72 35.93
CA GLY D 370 12.70 -33.04 36.47
C GLY D 370 12.41 -31.76 37.26
N ILE D 371 11.42 -30.98 36.87
CA ILE D 371 11.22 -29.67 37.48
C ILE D 371 10.31 -29.76 38.70
N GLU D 372 9.59 -30.87 38.83
CA GLU D 372 8.52 -30.98 39.83
C GLU D 372 9.04 -30.59 41.22
N ALA D 373 10.27 -30.98 41.52
CA ALA D 373 10.82 -30.73 42.83
C ALA D 373 10.96 -29.26 43.21
N LEU D 374 10.82 -28.35 42.25
CA LEU D 374 11.06 -26.93 42.49
C LEU D 374 9.78 -26.17 42.75
N ILE D 375 8.68 -26.67 42.19
CA ILE D 375 7.33 -26.16 42.47
C ILE D 375 7.15 -25.81 43.93
N GLY D 376 6.94 -24.54 44.23
CA GLY D 376 6.74 -24.15 45.60
C GLY D 376 7.99 -23.60 46.26
N LYS D 377 9.15 -23.77 45.62
CA LYS D 377 10.39 -23.22 46.16
C LYS D 377 10.74 -21.94 45.41
N VAL D 378 10.19 -21.79 44.20
CA VAL D 378 10.36 -20.57 43.43
C VAL D 378 9.14 -20.29 42.58
N ARG D 379 8.85 -19.00 42.38
CA ARG D 379 7.78 -18.63 41.47
C ARG D 379 8.34 -18.72 40.06
N PHE D 380 7.66 -19.50 39.24
CA PHE D 380 8.10 -19.70 37.88
C PHE D 380 7.45 -18.72 36.93
N SER D 381 8.24 -18.24 35.97
CA SER D 381 7.74 -17.36 34.93
C SER D 381 7.00 -18.16 33.82
N ARG D 382 7.37 -19.43 33.57
CA ARG D 382 6.79 -20.31 32.54
C ARG D 382 7.38 -21.65 32.81
N LEU D 383 6.73 -22.73 32.38
CA LEU D 383 7.28 -24.07 32.58
C LEU D 383 6.90 -24.98 31.43
N GLY D 384 7.85 -25.73 30.89
CA GLY D 384 7.58 -26.72 29.84
C GLY D 384 6.98 -26.08 28.61
N ILE D 385 5.96 -26.71 28.04
CA ILE D 385 5.29 -26.15 26.86
C ILE D 385 3.79 -26.11 27.02
N LYS D 386 3.17 -25.12 26.38
CA LYS D 386 1.74 -25.13 26.26
C LYS D 386 1.41 -26.08 25.11
N LEU D 387 0.74 -27.17 25.44
CA LEU D 387 0.29 -28.10 24.42
C LEU D 387 -0.94 -27.58 23.66
N ALA D 388 -1.99 -27.19 24.39
CA ALA D 388 -3.24 -26.76 23.77
C ALA D 388 -4.12 -25.93 24.70
N GLU D 389 -5.14 -25.32 24.11
CA GLU D 389 -6.23 -24.73 24.86
C GLU D 389 -7.43 -25.53 24.48
N THR D 390 -8.23 -25.94 25.46
CA THR D 390 -9.49 -26.57 25.11
C THR D 390 -10.48 -25.53 24.58
N HIS D 391 -11.28 -25.93 23.59
CA HIS D 391 -12.35 -25.11 23.01
C HIS D 391 -13.43 -26.08 22.58
N ASN D 392 -14.63 -25.97 23.17
CA ASN D 392 -15.69 -27.01 23.05
C ASN D 392 -15.12 -28.38 23.38
N LYS D 393 -15.62 -29.41 22.69
CA LYS D 393 -15.03 -30.74 22.73
C LYS D 393 -13.55 -30.77 22.28
N GLY D 394 -13.12 -29.72 21.58
CA GLY D 394 -11.82 -29.70 20.89
C GLY D 394 -10.57 -29.17 21.59
N TYR D 395 -9.53 -28.89 20.79
CA TYR D 395 -8.24 -28.37 21.26
C TYR D 395 -7.61 -27.49 20.18
N ARG D 396 -7.09 -26.32 20.53
CA ARG D 396 -6.25 -25.62 19.55
C ARG D 396 -4.78 -25.76 19.94
N TRP D 397 -4.15 -26.68 19.24
CA TRP D 397 -2.77 -27.06 19.51
C TRP D 397 -1.93 -25.84 19.29
N GLN D 398 -0.94 -25.68 20.13
CA GLN D 398 -0.17 -24.48 20.12
C GLN D 398 1.03 -24.70 19.23
N HIS D 399 1.45 -23.62 18.57
CA HIS D 399 2.53 -23.70 17.60
C HIS D 399 3.76 -24.28 18.27
N GLU D 400 4.05 -23.75 19.44
CA GLU D 400 5.16 -24.15 20.28
C GLU D 400 5.27 -25.67 20.41
N ALA D 401 4.13 -26.32 20.57
CA ALA D 401 4.09 -27.76 20.77
C ALA D 401 4.31 -28.51 19.47
N VAL D 402 3.87 -27.90 18.36
CA VAL D 402 4.03 -28.54 17.08
C VAL D 402 5.50 -28.57 16.70
N ILE D 403 6.21 -27.49 17.01
CA ILE D 403 7.65 -27.46 16.75
C ILE D 403 8.40 -28.51 17.58
N ALA D 404 7.96 -28.73 18.81
CA ALA D 404 8.65 -29.68 19.69
C ALA D 404 8.24 -31.15 19.56
N LEU D 405 6.95 -31.43 19.38
CA LEU D 405 6.41 -32.80 19.55
C LEU D 405 6.05 -33.51 18.27
N ALA D 406 6.03 -32.76 17.19
CA ALA D 406 5.64 -33.28 15.88
C ALA D 406 6.71 -34.18 15.30
N SER D 407 6.31 -35.42 15.00
CA SER D 407 7.16 -36.32 14.25
C SER D 407 6.84 -36.20 12.76
N PRO D 408 7.87 -35.86 11.97
CA PRO D 408 7.69 -35.59 10.53
C PRO D 408 7.54 -36.87 9.72
N ASP D 409 8.47 -37.80 9.93
CA ASP D 409 8.41 -39.15 9.40
C ASP D 409 7.09 -39.77 9.85
N ASN D 410 6.11 -39.60 8.98
CA ASN D 410 4.72 -39.79 9.32
C ASN D 410 4.01 -40.25 8.03
N MSE D 411 2.75 -40.65 8.15
CA MSE D 411 1.94 -41.03 6.97
C MSE D 411 0.81 -39.99 6.78
O MSE D 411 -0.19 -40.25 6.10
CB MSE D 411 1.40 -42.47 7.12
CG MSE D 411 1.78 -43.44 5.96
SE MSE D 411 0.28 -43.88 4.74
CE MSE D 411 1.22 -44.71 3.14
N ASN D 412 0.97 -38.83 7.40
CA ASN D 412 0.08 -37.67 7.20
C ASN D 412 0.78 -36.31 7.38
N ALA D 413 2.11 -36.37 7.39
CA ALA D 413 2.98 -35.22 7.14
C ALA D 413 2.68 -34.71 5.73
N PHE D 414 3.05 -33.47 5.44
CA PHE D 414 3.02 -32.96 4.05
C PHE D 414 4.14 -31.97 3.77
N GLU D 415 5.03 -32.35 2.86
CA GLU D 415 6.18 -31.52 2.54
C GLU D 415 5.84 -30.43 1.54
N LEU D 416 6.20 -29.21 1.92
CA LEU D 416 6.04 -28.04 1.05
C LEU D 416 7.16 -27.96 0.05
N THR D 417 6.89 -27.28 -1.07
CA THR D 417 7.94 -26.82 -1.94
C THR D 417 8.57 -25.61 -1.27
N PRO D 418 9.78 -25.28 -1.68
CA PRO D 418 10.43 -24.04 -1.25
C PRO D 418 9.55 -22.83 -1.46
N GLN D 419 8.91 -22.77 -2.62
CA GLN D 419 8.03 -21.68 -2.92
C GLN D 419 6.92 -21.65 -1.86
N GLU D 420 6.28 -22.79 -1.61
CA GLU D 420 5.17 -22.77 -0.68
C GLU D 420 5.60 -22.59 0.78
N ALA D 421 6.81 -23.02 1.09
CA ALA D 421 7.41 -22.74 2.38
C ALA D 421 7.56 -21.24 2.68
N GLU D 422 8.05 -20.49 1.68
CA GLU D 422 8.24 -19.05 1.81
C GLU D 422 6.91 -18.37 2.09
N GLU D 423 5.87 -18.85 1.42
CA GLU D 423 4.52 -18.38 1.69
C GLU D 423 4.15 -18.57 3.17
N TRP D 424 4.33 -19.78 3.69
CA TRP D 424 4.03 -20.00 5.11
C TRP D 424 4.68 -18.96 6.01
N TYR D 425 5.98 -18.71 5.82
CA TYR D 425 6.72 -17.81 6.69
C TYR D 425 6.33 -16.35 6.54
N ARG D 426 5.84 -16.03 5.35
CA ARG D 426 5.27 -14.74 5.10
C ARG D 426 3.89 -14.68 5.77
N GLY D 427 3.44 -15.80 6.34
CA GLY D 427 2.13 -15.86 6.98
C GLY D 427 0.92 -15.83 6.01
N ARG D 428 1.02 -16.57 4.91
CA ARG D 428 -0.04 -16.61 3.90
C ARG D 428 -0.44 -18.07 3.68
N ASP D 429 -1.70 -18.29 3.27
CA ASP D 429 -2.20 -19.65 3.12
C ASP D 429 -1.61 -20.33 1.87
N VAL D 430 -1.60 -21.67 1.86
CA VAL D 430 -0.91 -22.42 0.81
C VAL D 430 -1.81 -23.39 0.00
N TYR D 431 -1.60 -23.41 -1.32
CA TYR D 431 -2.46 -24.18 -2.21
C TYR D 431 -1.66 -25.29 -2.88
N PRO D 432 -1.79 -26.51 -2.37
CA PRO D 432 -1.04 -27.65 -2.89
C PRO D 432 -1.68 -28.27 -4.14
N GLN D 433 -0.85 -28.77 -5.06
CA GLN D 433 -1.35 -29.55 -6.19
C GLN D 433 -1.74 -30.95 -5.71
N ALA D 434 -0.88 -31.55 -4.87
CA ALA D 434 -1.22 -32.79 -4.16
C ALA D 434 -2.59 -32.60 -3.48
N ALA D 435 -2.61 -31.84 -2.37
CA ALA D 435 -3.84 -31.51 -1.61
C ALA D 435 -4.32 -32.67 -0.71
N PRO D 436 -3.64 -32.88 0.42
CA PRO D 436 -3.84 -34.07 1.27
C PRO D 436 -5.28 -34.31 1.75
N VAL D 437 -5.49 -35.45 2.43
CA VAL D 437 -6.81 -35.92 2.84
C VAL D 437 -7.16 -35.44 4.27
N ALA D 438 -6.14 -35.34 5.11
CA ALA D 438 -6.30 -34.86 6.49
C ALA D 438 -7.04 -33.54 6.54
N ASP D 439 -7.86 -33.35 7.58
CA ASP D 439 -8.52 -32.05 7.79
C ASP D 439 -7.57 -31.22 8.64
N ASP D 440 -6.75 -31.91 9.41
CA ASP D 440 -5.61 -31.28 10.06
C ASP D 440 -4.30 -31.88 9.58
N VAL D 441 -3.45 -31.02 9.01
CA VAL D 441 -2.29 -31.48 8.25
C VAL D 441 -0.96 -30.93 8.78
N LEU D 442 -0.09 -31.87 9.13
CA LEU D 442 1.20 -31.55 9.68
C LEU D 442 2.13 -31.14 8.55
N VAL D 443 2.57 -29.89 8.61
CA VAL D 443 3.26 -29.24 7.52
C VAL D 443 4.75 -29.19 7.73
N THR D 444 5.51 -29.97 6.94
CA THR D 444 6.98 -30.03 7.04
C THR D 444 7.70 -29.35 5.88
N PHE D 445 8.89 -28.82 6.18
CA PHE D 445 9.81 -28.34 5.16
C PHE D 445 11.21 -28.90 5.43
N GLN D 446 11.82 -29.47 4.40
CA GLN D 446 12.99 -30.33 4.59
C GLN D 446 12.73 -31.40 5.64
N HIS D 447 11.50 -31.89 5.69
CA HIS D 447 11.07 -32.94 6.64
C HIS D 447 11.14 -32.48 8.10
N GLN D 448 10.83 -31.21 8.33
CA GLN D 448 10.83 -30.65 9.68
C GLN D 448 9.45 -30.07 9.98
N PRO D 449 8.86 -30.42 11.12
CA PRO D 449 7.61 -29.81 11.55
C PRO D 449 7.68 -28.29 11.45
N ILE D 450 6.80 -27.67 10.67
CA ILE D 450 6.81 -26.20 10.46
C ILE D 450 5.58 -25.48 11.02
N GLY D 451 4.51 -26.20 11.29
CA GLY D 451 3.29 -25.60 11.80
C GLY D 451 2.14 -26.55 11.54
N LEU D 452 0.98 -26.25 12.13
CA LEU D 452 -0.13 -27.17 12.05
C LEU D 452 -1.28 -26.46 11.39
N ALA D 453 -1.75 -26.97 10.25
CA ALA D 453 -2.74 -26.23 9.48
C ALA D 453 -4.07 -26.93 9.31
N LYS D 454 -5.13 -26.14 9.24
CA LYS D 454 -6.45 -26.68 8.94
C LYS D 454 -6.66 -26.74 7.42
N ARG D 455 -7.36 -27.76 6.93
CA ARG D 455 -7.43 -28.00 5.49
C ARG D 455 -8.24 -26.97 4.67
N ILE D 456 -9.43 -26.59 5.17
CA ILE D 456 -10.45 -25.76 4.44
C ILE D 456 -10.52 -26.01 2.94
N GLY D 457 -11.18 -27.10 2.55
CA GLY D 457 -11.35 -27.45 1.15
C GLY D 457 -10.01 -27.73 0.48
N SER D 458 -9.42 -26.70 -0.12
CA SER D 458 -8.20 -26.86 -0.91
C SER D 458 -7.04 -25.97 -0.46
N ARG D 459 -7.12 -25.41 0.75
CA ARG D 459 -6.30 -24.24 1.02
C ARG D 459 -5.23 -24.28 2.11
N LEU D 460 -5.33 -25.07 3.16
CA LEU D 460 -4.23 -25.05 4.17
C LEU D 460 -4.09 -23.67 4.82
N LYS D 461 -4.85 -23.42 5.87
CA LYS D 461 -4.84 -22.12 6.53
C LYS D 461 -3.55 -21.89 7.36
N ASN D 462 -2.99 -20.69 7.23
CA ASN D 462 -1.77 -20.27 7.91
C ASN D 462 -1.99 -20.11 9.40
N SER D 463 -1.14 -20.75 10.21
CA SER D 463 -1.29 -20.75 11.66
C SER D 463 0.02 -20.43 12.34
N TYR D 464 0.93 -19.84 11.57
CA TYR D 464 2.23 -19.41 12.07
C TYR D 464 2.01 -18.13 12.89
N PRO D 465 2.41 -18.13 14.17
CA PRO D 465 2.15 -17.00 15.08
C PRO D 465 2.61 -15.69 14.49
N ARG D 466 1.73 -14.69 14.55
CA ARG D 466 1.96 -13.43 13.84
C ARG D 466 3.19 -12.70 14.33
N GLU D 467 3.41 -12.71 15.65
CA GLU D 467 4.63 -12.14 16.23
C GLU D 467 5.89 -12.63 15.53
N LEU D 468 5.76 -13.59 14.62
CA LEU D 468 6.92 -14.13 13.92
C LEU D 468 6.86 -14.07 12.39
N VAL D 469 5.75 -13.65 11.81
CA VAL D 469 5.64 -13.69 10.35
C VAL D 469 6.71 -12.84 9.70
N ARG D 470 7.64 -13.51 9.03
CA ARG D 470 8.77 -12.82 8.42
C ARG D 470 8.37 -11.75 7.42
N ASP D 471 9.07 -10.62 7.54
CA ASP D 471 8.75 -9.39 6.82
C ASP D 471 9.41 -9.29 5.46
N GLY D 472 10.60 -9.88 5.29
CA GLY D 472 11.46 -9.57 4.13
C GLY D 472 11.70 -10.60 3.03
N LYS D 473 12.94 -11.08 2.95
CA LYS D 473 13.39 -11.97 1.87
C LYS D 473 13.90 -13.29 2.47
N LEU D 474 13.91 -14.36 1.68
CA LEU D 474 14.15 -15.71 2.23
C LEU D 474 14.86 -16.68 1.26
#